data_4N2O
#
_entry.id   4N2O
#
_cell.length_a   116.240
_cell.length_b   67.726
_cell.length_c   258.907
_cell.angle_alpha   90.00
_cell.angle_beta   93.08
_cell.angle_gamma   90.00
#
_symmetry.space_group_name_H-M   'C 1 2 1'
#
loop_
_entity.id
_entity.type
_entity.pdbx_description
1 polymer 'Autonomous cohesin'
2 non-polymer 'CHLORIDE ION'
3 water water
#
_entity_poly.entity_id   1
_entity_poly.type   'polypeptide(L)'
_entity_poly.pdbx_seq_one_letter_code
;(MSE)GSSSVTADLNNAVINVDE(MSE)NEAFKDVPDLEGEGAHITLSNTTAKPGE(MSE)AEVT(MSE)SVSNAD
(MSE)QWN(MSE)CGIHIIYPDILKPE(MSE)KDPEERTVAFQKGDALEAATGIVC(MSE)EWQEGLPPVLTENKKGCLF
LTA(MSE)FSGNQGGEGD(MSE)ATFRFKVPDNAEPGAVYNLGYYY(MSE)NTDLFINEQNIPTYQKYAFTH(MSE)EGG
TITVELEHHHHHH
;
_entity_poly.pdbx_strand_id   A,B,C,D,E,F,G,H
#
# COMPACT_ATOMS: atom_id res chain seq x y z
N GLY A 2 -16.93 26.57 58.16
CA GLY A 2 -15.52 26.18 57.84
C GLY A 2 -14.51 27.23 58.26
N SER A 3 -13.24 26.81 58.36
CA SER A 3 -12.16 27.69 58.82
C SER A 3 -12.11 29.02 58.07
N SER A 4 -11.89 28.98 56.76
CA SER A 4 -11.50 30.20 56.04
C SER A 4 -12.65 31.23 55.88
N SER A 5 -13.89 30.77 55.71
CA SER A 5 -15.04 31.71 55.72
C SER A 5 -15.40 32.26 57.14
N VAL A 6 -15.12 31.50 58.23
CA VAL A 6 -15.19 32.05 59.61
C VAL A 6 -14.00 32.96 59.87
N THR A 7 -12.88 32.71 59.19
CA THR A 7 -11.69 33.58 59.24
C THR A 7 -12.08 34.97 58.71
N ALA A 8 -12.81 34.96 57.60
CA ALA A 8 -13.27 36.24 56.98
C ALA A 8 -14.32 36.97 57.82
N ASP A 9 -15.07 36.24 58.63
CA ASP A 9 -16.11 36.90 59.44
C ASP A 9 -15.41 37.64 60.62
N LEU A 10 -14.32 37.05 61.13
CA LEU A 10 -13.60 37.59 62.29
C LEU A 10 -12.66 38.74 61.94
N ASN A 11 -12.35 38.87 60.65
CA ASN A 11 -11.53 39.99 60.17
C ASN A 11 -12.37 41.20 59.77
N ASN A 12 -13.64 40.97 59.45
CA ASN A 12 -14.64 42.03 59.31
C ASN A 12 -14.18 43.19 58.41
N ALA A 13 -13.27 42.75 57.59
CA ALA A 13 -12.50 43.56 56.66
C ALA A 13 -13.23 43.83 55.34
N VAL A 14 -14.00 42.85 54.88
CA VAL A 14 -14.79 42.95 53.66
C VAL A 14 -16.22 43.29 54.04
N ILE A 15 -16.70 44.43 53.55
CA ILE A 15 -18.01 44.91 53.95
C ILE A 15 -19.11 43.97 53.51
N ASN A 16 -18.94 43.39 52.32
CA ASN A 16 -19.95 42.47 51.78
C ASN A 16 -19.45 41.03 51.88
N VAL A 17 -18.90 40.70 53.05
CA VAL A 17 -18.31 39.41 53.30
C VAL A 17 -19.23 38.21 53.00
N ASP A 18 -20.52 38.35 53.27
CA ASP A 18 -21.48 37.26 53.05
C ASP A 18 -21.59 36.96 51.55
N GLU A 19 -21.70 38.01 50.77
CA GLU A 19 -21.72 37.93 49.31
C GLU A 19 -20.45 37.22 48.82
N ASN A 21 -18.38 35.21 50.57
CA ASN A 21 -18.40 33.80 51.00
C ASN A 21 -19.32 32.96 50.14
N GLU A 22 -20.42 33.56 49.73
CA GLU A 22 -21.33 32.94 48.79
C GLU A 22 -20.58 32.62 47.46
N ALA A 23 -19.91 33.62 46.95
CA ALA A 23 -19.19 33.49 45.69
C ALA A 23 -18.18 32.36 45.73
N PHE A 24 -17.57 32.17 46.89
CA PHE A 24 -16.50 31.16 47.06
C PHE A 24 -17.00 29.82 47.62
N LYS A 25 -18.31 29.66 47.73
CA LYS A 25 -18.87 28.52 48.48
C LYS A 25 -18.49 27.15 47.91
N ASP A 26 -18.26 27.10 46.60
CA ASP A 26 -17.92 25.83 45.91
C ASP A 26 -16.43 25.62 45.70
N VAL A 27 -15.63 26.49 46.29
CA VAL A 27 -14.18 26.38 46.20
C VAL A 27 -13.67 25.91 47.55
N PRO A 28 -12.94 24.80 47.56
CA PRO A 28 -12.44 24.33 48.83
C PRO A 28 -11.33 25.24 49.32
N ASP A 29 -10.96 25.07 50.58
CA ASP A 29 -9.92 25.88 51.19
C ASP A 29 -8.62 25.39 50.64
N LEU A 30 -7.70 26.34 50.43
CA LEU A 30 -6.32 26.02 50.13
C LEU A 30 -5.78 25.24 51.33
N GLU A 31 -4.79 24.42 51.07
CA GLU A 31 -4.18 23.62 52.14
C GLU A 31 -2.66 23.71 51.99
N GLY A 32 -2.02 24.69 52.63
CA GLY A 32 -2.64 25.57 53.60
C GLY A 32 -2.62 27.07 53.40
N GLU A 33 -1.43 27.64 53.23
CA GLU A 33 -1.21 29.11 53.27
C GLU A 33 -0.36 29.50 52.10
N GLY A 34 -0.61 30.55 51.34
CA GLY A 34 -1.63 31.58 51.54
C GLY A 34 -0.99 32.97 51.59
N ALA A 35 -1.44 33.88 50.74
CA ALA A 35 -1.00 35.29 50.83
C ALA A 35 -1.78 36.08 51.90
N HIS A 36 -1.10 36.96 52.61
CA HIS A 36 -1.72 37.78 53.65
C HIS A 36 -1.72 39.24 53.25
N ILE A 37 -2.86 39.70 52.79
CA ILE A 37 -3.05 41.11 52.45
C ILE A 37 -3.55 41.92 53.64
N THR A 38 -2.95 43.07 53.85
CA THR A 38 -3.30 43.90 54.99
C THR A 38 -3.21 45.38 54.68
N LEU A 39 -4.05 46.15 55.37
CA LEU A 39 -3.92 47.61 55.40
C LEU A 39 -3.29 48.01 56.74
N SER A 40 -2.81 49.24 56.81
CA SER A 40 -2.07 49.74 57.97
C SER A 40 -2.98 50.31 59.07
N ASN A 41 -2.42 50.39 60.26
CA ASN A 41 -3.11 50.93 61.45
C ASN A 41 -2.27 52.03 61.99
N THR A 42 -2.70 53.26 61.74
CA THR A 42 -1.91 54.43 62.05
C THR A 42 -2.71 55.44 62.84
N THR A 43 -1.99 56.42 63.34
CA THR A 43 -2.53 57.52 64.12
C THR A 43 -2.29 58.80 63.37
N ALA A 44 -3.23 59.73 63.47
CA ALA A 44 -3.11 61.00 62.75
C ALA A 44 -3.74 62.15 63.54
N LYS A 45 -3.32 63.35 63.21
CA LYS A 45 -3.92 64.57 63.76
C LYS A 45 -5.13 64.99 62.95
N PRO A 46 -6.08 65.69 63.57
CA PRO A 46 -7.17 66.31 62.81
C PRO A 46 -6.59 67.20 61.73
N GLY A 47 -7.13 67.10 60.53
CA GLY A 47 -6.63 67.88 59.39
C GLY A 47 -5.43 67.31 58.65
N GLU A 48 -4.86 66.22 59.13
CA GLU A 48 -3.65 65.69 58.56
C GLU A 48 -3.90 64.86 57.28
N ALA A 50 -3.08 61.84 56.06
CA ALA A 50 -2.64 60.60 56.69
C ALA A 50 -2.25 59.52 55.68
N GLU A 51 -1.09 58.95 55.88
CA GLU A 51 -0.61 57.88 55.01
C GLU A 51 -1.22 56.54 55.37
N VAL A 52 -1.71 55.85 54.34
CA VAL A 52 -2.25 54.51 54.46
C VAL A 52 -1.53 53.58 53.49
N THR A 53 -1.17 52.42 53.99
CA THR A 53 -0.38 51.48 53.22
C THR A 53 -1.06 50.11 53.16
N SER A 55 -0.26 46.31 52.13
CA SER A 55 0.90 45.44 51.96
C SER A 55 0.46 44.00 51.89
N VAL A 56 1.40 43.13 51.52
CA VAL A 56 1.14 41.70 51.48
C VAL A 56 2.34 40.94 51.98
N SER A 57 2.09 39.89 52.73
CA SER A 57 3.18 39.02 53.17
C SER A 57 2.94 37.60 52.70
N ASN A 58 4.00 36.82 52.72
CA ASN A 58 3.98 35.43 52.27
C ASN A 58 3.48 35.28 50.82
N ALA A 59 4.05 36.07 49.94
CA ALA A 59 3.62 36.12 48.55
C ALA A 59 4.74 36.26 47.51
N ASP A 60 5.97 36.37 47.95
CA ASP A 60 7.05 36.70 47.04
C ASP A 60 7.13 35.66 45.94
N GLN A 62 4.87 34.55 44.13
CA GLN A 62 3.73 33.61 44.15
C GLN A 62 2.51 34.08 43.35
N TRP A 63 2.53 35.31 42.88
CA TRP A 63 1.37 35.91 42.27
C TRP A 63 1.74 36.75 41.06
N ASN A 64 0.69 37.04 40.29
CA ASN A 64 0.81 37.54 38.93
C ASN A 64 0.05 38.86 38.70
N CYS A 66 -3.29 41.62 40.56
CA CYS A 66 -4.37 41.90 41.48
C CYS A 66 -5.25 42.98 40.94
N GLY A 67 -6.49 42.97 41.44
CA GLY A 67 -7.47 44.01 41.20
C GLY A 67 -8.26 44.06 42.48
N ILE A 68 -8.04 45.10 43.28
CA ILE A 68 -8.61 45.16 44.63
C ILE A 68 -9.31 46.47 44.89
N HIS A 69 -10.48 46.38 45.52
CA HIS A 69 -11.24 47.55 45.92
C HIS A 69 -11.02 47.86 47.43
N ILE A 70 -10.39 48.99 47.69
CA ILE A 70 -10.20 49.51 49.06
C ILE A 70 -11.30 50.51 49.40
N ILE A 71 -11.87 50.35 50.58
CA ILE A 71 -12.93 51.24 51.04
C ILE A 71 -12.63 51.88 52.38
N TYR A 72 -13.32 52.98 52.62
CA TYR A 72 -13.03 53.88 53.71
C TYR A 72 -14.22 54.82 53.85
N PRO A 73 -14.37 55.46 55.03
CA PRO A 73 -15.47 56.41 55.18
C PRO A 73 -15.31 57.54 54.17
N ASP A 74 -16.41 57.93 53.53
CA ASP A 74 -16.32 58.89 52.44
C ASP A 74 -15.96 60.31 52.91
N ILE A 75 -15.99 60.55 54.21
CA ILE A 75 -15.54 61.86 54.73
C ILE A 75 -14.05 62.00 54.56
N LEU A 76 -13.36 60.88 54.42
CA LEU A 76 -11.95 60.91 54.07
C LEU A 76 -11.82 61.07 52.57
N LYS A 77 -10.90 61.94 52.16
CA LYS A 77 -10.71 62.25 50.73
C LYS A 77 -9.31 61.90 50.28
N PRO A 78 -9.18 60.95 49.35
CA PRO A 78 -7.83 60.55 48.96
C PRO A 78 -7.11 61.58 48.14
N GLU A 79 -5.81 61.66 48.35
CA GLU A 79 -4.99 62.54 47.56
C GLU A 79 -4.99 62.09 46.09
N LYS A 81 -4.02 62.42 41.84
CA LYS A 81 -3.01 62.71 40.87
C LYS A 81 -3.62 63.58 39.78
N ASP A 82 -4.55 63.02 39.02
CA ASP A 82 -5.34 63.79 38.02
C ASP A 82 -6.83 63.62 38.33
N PRO A 83 -7.42 64.59 39.02
CA PRO A 83 -8.83 64.52 39.40
C PRO A 83 -9.71 64.25 38.20
N GLU A 84 -9.37 64.83 37.08
CA GLU A 84 -10.16 64.68 35.88
C GLU A 84 -10.20 63.22 35.43
N GLU A 85 -9.11 62.51 35.62
CA GLU A 85 -9.04 61.10 35.28
C GLU A 85 -9.34 60.20 36.45
N ARG A 86 -9.61 60.79 37.61
CA ARG A 86 -9.85 60.04 38.81
C ARG A 86 -8.67 59.14 39.18
N THR A 87 -7.45 59.53 38.79
CA THR A 87 -6.28 58.80 39.25
C THR A 87 -5.89 59.27 40.67
N VAL A 88 -5.62 58.27 41.50
CA VAL A 88 -5.27 58.44 42.90
C VAL A 88 -3.77 58.41 43.07
N ALA A 89 -3.22 59.40 43.75
CA ALA A 89 -1.78 59.46 43.98
C ALA A 89 -1.35 58.34 44.92
N PHE A 90 -0.24 57.71 44.62
CA PHE A 90 0.26 56.62 45.43
C PHE A 90 1.74 56.44 45.26
N GLN A 91 2.35 55.87 46.27
CA GLN A 91 3.75 55.54 46.23
C GLN A 91 3.83 54.02 46.17
N LYS A 92 4.48 53.53 45.14
CA LYS A 92 4.56 52.09 44.97
C LYS A 92 5.63 51.52 45.89
N GLY A 93 5.31 50.40 46.53
CA GLY A 93 6.25 49.71 47.41
C GLY A 93 7.00 48.58 46.73
N ASP A 94 7.87 47.93 47.49
CA ASP A 94 8.72 46.85 46.97
C ASP A 94 7.92 45.70 46.40
N ALA A 95 6.74 45.45 46.94
CA ALA A 95 5.88 44.34 46.48
C ALA A 95 5.49 44.52 45.03
N LEU A 96 5.45 45.76 44.56
CA LEU A 96 5.07 46.08 43.18
C LEU A 96 6.27 46.52 42.33
N GLU A 97 7.46 46.33 42.85
CA GLU A 97 8.67 46.77 42.16
C GLU A 97 8.71 46.30 40.70
N ALA A 98 8.37 45.03 40.49
CA ALA A 98 8.51 44.39 39.19
C ALA A 98 7.28 44.51 38.30
N ALA A 99 6.26 45.23 38.75
CA ALA A 99 5.00 45.30 37.99
C ALA A 99 5.21 45.90 36.60
N THR A 100 4.61 45.28 35.61
CA THR A 100 4.63 45.81 34.23
C THR A 100 3.65 46.99 34.09
N GLY A 101 2.59 46.98 34.90
CA GLY A 101 1.70 48.10 34.95
C GLY A 101 0.95 48.15 36.26
N ILE A 102 0.63 49.36 36.71
CA ILE A 102 -0.15 49.59 37.87
C ILE A 102 -1.11 50.75 37.59
N VAL A 103 -2.35 50.58 37.99
CA VAL A 103 -3.26 51.71 37.91
C VAL A 103 -4.10 51.74 39.18
N CYS A 104 -4.47 52.95 39.57
CA CYS A 104 -5.20 53.20 40.79
C CYS A 104 -6.18 54.34 40.62
N GLU A 106 -10.16 56.18 41.68
CA GLU A 106 -11.22 56.42 42.62
C GLU A 106 -12.54 56.11 41.94
N TRP A 107 -13.34 55.28 42.56
CA TRP A 107 -14.69 54.97 42.08
C TRP A 107 -15.63 56.07 42.58
N GLN A 108 -16.10 56.90 41.67
CA GLN A 108 -16.87 58.10 42.03
C GLN A 108 -18.36 57.97 41.78
N GLU A 109 -18.69 57.34 40.68
CA GLU A 109 -20.02 57.32 40.16
C GLU A 109 -20.49 55.88 40.01
N GLY A 110 -21.76 55.64 40.28
CA GLY A 110 -22.35 54.31 40.14
C GLY A 110 -21.83 53.31 41.17
N LEU A 111 -21.58 53.81 42.36
CA LEU A 111 -21.23 52.92 43.48
C LEU A 111 -22.42 52.07 43.89
N PRO A 112 -22.17 50.86 44.36
CA PRO A 112 -23.24 49.99 44.78
C PRO A 112 -23.85 50.39 46.13
N PRO A 113 -25.11 50.01 46.36
CA PRO A 113 -25.84 50.46 47.54
C PRO A 113 -25.12 50.19 48.85
N VAL A 114 -24.51 49.02 48.96
CA VAL A 114 -23.84 48.67 50.20
C VAL A 114 -22.78 49.72 50.56
N LEU A 115 -22.19 50.35 49.56
CA LEU A 115 -21.21 51.40 49.83
C LEU A 115 -21.86 52.76 50.02
N THR A 116 -22.76 53.13 49.12
CA THR A 116 -23.42 54.44 49.22
C THR A 116 -24.18 54.58 50.53
N GLU A 117 -24.90 53.53 50.87
CA GLU A 117 -25.77 53.54 52.04
C GLU A 117 -24.99 53.55 53.34
N ASN A 118 -23.78 53.00 53.31
CA ASN A 118 -22.88 53.06 54.46
C ASN A 118 -21.84 54.17 54.37
N LYS A 119 -22.04 55.10 53.43
CA LYS A 119 -21.19 56.30 53.26
C LYS A 119 -19.72 55.95 53.13
N LYS A 120 -19.45 55.02 52.24
CA LYS A 120 -18.09 54.56 51.99
C LYS A 120 -17.62 55.09 50.69
N GLY A 121 -16.35 55.47 50.66
CA GLY A 121 -15.68 55.80 49.44
C GLY A 121 -14.87 54.58 49.02
N CYS A 122 -14.37 54.61 47.78
CA CYS A 122 -13.70 53.43 47.22
C CYS A 122 -12.66 53.79 46.18
N LEU A 123 -11.54 53.11 46.27
CA LEU A 123 -10.59 53.14 45.18
C LEU A 123 -10.20 51.71 44.78
N PHE A 124 -9.73 51.61 43.54
CA PHE A 124 -9.46 50.32 42.88
C PHE A 124 -8.01 50.29 42.42
N LEU A 125 -7.29 49.30 42.90
CA LEU A 125 -5.86 49.16 42.60
C LEU A 125 -5.69 47.88 41.78
N THR A 126 -5.10 48.02 40.62
CA THR A 126 -4.81 46.90 39.79
C THR A 126 -3.35 46.92 39.45
N ALA A 127 -2.72 45.77 39.52
CA ALA A 127 -1.33 45.65 39.13
C ALA A 127 -1.09 44.35 38.37
N PHE A 129 1.92 41.73 36.50
CA PHE A 129 3.33 41.32 36.42
C PHE A 129 3.51 40.34 35.27
N SER A 130 4.74 40.14 34.88
CA SER A 130 5.04 39.14 33.87
C SER A 130 5.31 37.81 34.58
N GLY A 131 4.37 36.88 34.45
CA GLY A 131 4.44 35.63 35.20
C GLY A 131 4.27 35.90 36.68
N ASN A 132 4.80 35.01 37.51
CA ASN A 132 4.62 35.11 38.94
C ASN A 132 5.71 35.93 39.63
N GLN A 133 5.82 37.18 39.25
CA GLN A 133 6.87 38.07 39.78
C GLN A 133 6.34 39.07 40.78
N GLY A 134 5.09 38.89 41.18
CA GLY A 134 4.56 39.62 42.29
C GLY A 134 5.50 39.51 43.48
N GLY A 135 5.71 40.62 44.17
CA GLY A 135 6.59 40.66 45.34
C GLY A 135 5.83 40.64 46.67
N GLU A 136 6.53 40.99 47.73
CA GLU A 136 5.93 41.10 49.03
C GLU A 136 6.45 42.31 49.78
N GLY A 137 5.74 42.63 50.86
CA GLY A 137 5.93 43.90 51.56
C GLY A 137 4.89 44.92 51.19
N ASP A 138 5.27 46.20 51.25
CA ASP A 138 4.37 47.26 50.87
C ASP A 138 4.04 47.21 49.37
N ALA A 140 1.34 49.57 48.08
CA ALA A 140 1.06 50.96 47.74
C ALA A 140 0.70 51.78 48.97
N THR A 141 1.15 53.03 48.96
CA THR A 141 0.88 53.97 50.04
C THR A 141 0.12 55.16 49.49
N PHE A 142 -0.99 55.46 50.14
CA PHE A 142 -1.88 56.55 49.75
C PHE A 142 -1.90 57.58 50.86
N ARG A 143 -2.61 58.67 50.62
CA ARG A 143 -2.87 59.68 51.63
C ARG A 143 -4.30 60.10 51.61
N PHE A 144 -4.86 60.26 52.81
CA PHE A 144 -6.24 60.72 52.98
C PHE A 144 -6.31 61.95 53.88
N LYS A 145 -7.12 62.90 53.49
CA LYS A 145 -7.38 64.07 54.30
C LYS A 145 -8.24 63.65 55.46
N VAL A 146 -7.66 63.74 56.66
CA VAL A 146 -8.42 63.63 57.88
C VAL A 146 -9.13 64.97 58.12
N PRO A 147 -10.45 64.96 58.32
CA PRO A 147 -11.13 66.24 58.45
C PRO A 147 -10.56 67.10 59.56
N ASP A 148 -10.53 68.40 59.30
CA ASP A 148 -9.98 69.38 60.24
C ASP A 148 -10.62 69.26 61.61
N ASN A 149 -11.93 69.03 61.62
CA ASN A 149 -12.70 68.97 62.87
C ASN A 149 -12.79 67.57 63.50
N ALA A 150 -11.96 66.62 63.05
CA ALA A 150 -12.06 65.24 63.54
C ALA A 150 -11.88 65.18 65.04
N GLU A 151 -12.71 64.37 65.68
CA GLU A 151 -12.71 64.26 67.13
C GLU A 151 -11.60 63.33 67.58
N PRO A 152 -10.89 63.69 68.65
CA PRO A 152 -9.83 62.83 69.19
C PRO A 152 -10.35 61.46 69.55
N GLY A 153 -9.53 60.46 69.31
CA GLY A 153 -9.96 59.07 69.48
C GLY A 153 -10.73 58.44 68.31
N ALA A 154 -11.24 59.25 67.39
CA ALA A 154 -12.05 58.73 66.29
C ALA A 154 -11.27 57.70 65.50
N VAL A 155 -11.97 56.62 65.15
CA VAL A 155 -11.40 55.54 64.41
C VAL A 155 -12.04 55.47 63.02
N TYR A 156 -11.23 55.57 61.99
CA TYR A 156 -11.69 55.39 60.60
C TYR A 156 -11.29 54.01 60.12
N ASN A 157 -12.26 53.14 59.89
CA ASN A 157 -11.97 51.79 59.43
C ASN A 157 -11.70 51.76 57.96
N LEU A 158 -10.69 50.98 57.63
CA LEU A 158 -10.30 50.78 56.25
C LEU A 158 -10.47 49.32 55.94
N GLY A 159 -11.12 49.06 54.82
CA GLY A 159 -11.38 47.68 54.41
C GLY A 159 -11.47 47.50 52.90
N TYR A 160 -12.21 46.47 52.54
CA TYR A 160 -12.36 46.10 51.14
C TYR A 160 -13.82 45.88 50.77
N TYR A 161 -14.06 46.02 49.48
CA TYR A 161 -15.31 45.63 48.85
C TYR A 161 -15.01 44.53 47.83
N TYR A 162 -15.80 43.47 47.89
CA TYR A 162 -15.60 42.32 47.01
C TYR A 162 -16.49 42.38 45.78
N ASN A 164 -17.10 40.33 42.12
CA ASN A 164 -16.88 39.03 41.48
C ASN A 164 -15.61 38.93 40.62
N THR A 165 -15.30 40.00 39.92
CA THR A 165 -14.15 40.06 39.02
C THR A 165 -12.81 40.52 39.64
N ASP A 166 -12.81 40.83 40.94
CA ASP A 166 -11.57 41.23 41.60
C ASP A 166 -10.62 40.08 41.70
N LEU A 167 -9.35 40.40 41.83
CA LEU A 167 -8.29 39.41 41.69
C LEU A 167 -7.19 39.58 42.68
N PHE A 168 -6.73 38.45 43.15
CA PHE A 168 -5.37 38.29 43.64
C PHE A 168 -4.92 36.89 43.30
N ILE A 169 -4.17 36.77 42.23
CA ILE A 169 -3.93 35.47 41.61
C ILE A 169 -2.56 35.26 41.05
N ASN A 170 -2.24 33.98 40.95
CA ASN A 170 -1.09 33.53 40.21
C ASN A 170 -1.43 33.36 38.71
N GLU A 171 -0.38 33.18 37.92
CA GLU A 171 -0.48 33.11 36.49
C GLU A 171 -1.39 31.97 36.07
N GLN A 172 -1.33 30.89 36.83
CA GLN A 172 -2.12 29.69 36.57
C GLN A 172 -3.57 29.80 37.00
N ASN A 173 -3.94 30.93 37.59
CA ASN A 173 -5.34 31.20 38.02
C ASN A 173 -5.95 30.12 38.92
N ILE A 174 -5.20 29.74 39.95
CA ILE A 174 -5.63 28.67 40.87
C ILE A 174 -6.71 29.21 41.79
N PRO A 175 -7.92 28.61 41.76
CA PRO A 175 -9.02 29.19 42.55
C PRO A 175 -8.82 29.19 44.06
N THR A 176 -8.19 28.16 44.59
CA THR A 176 -7.92 28.12 46.04
C THR A 176 -6.95 29.24 46.51
N TYR A 177 -6.05 29.64 45.61
CA TYR A 177 -5.09 30.69 45.91
C TYR A 177 -5.79 32.03 46.09
N GLN A 178 -6.67 32.32 45.14
CA GLN A 178 -7.51 33.52 45.19
C GLN A 178 -8.40 33.52 46.44
N LYS A 179 -9.02 32.38 46.72
CA LYS A 179 -9.88 32.27 47.90
C LYS A 179 -9.11 32.58 49.18
N TYR A 180 -7.93 32.01 49.32
CA TYR A 180 -7.15 32.23 50.53
C TYR A 180 -6.90 33.73 50.74
N ALA A 181 -6.42 34.36 49.69
CA ALA A 181 -6.03 35.77 49.74
C ALA A 181 -7.19 36.65 50.17
N PHE A 182 -8.33 36.45 49.54
CA PHE A 182 -9.49 37.27 49.81
C PHE A 182 -10.15 36.96 51.15
N THR A 183 -10.10 35.71 51.58
CA THR A 183 -10.74 35.35 52.84
C THR A 183 -9.87 35.62 54.06
N HIS A 184 -8.59 35.92 53.83
CA HIS A 184 -7.67 36.20 54.94
C HIS A 184 -7.19 37.65 54.98
N GLU A 186 -6.85 41.51 55.76
CA GLU A 186 -7.08 42.30 56.97
C GLU A 186 -7.28 43.75 56.61
N GLY A 187 -8.18 44.37 57.33
CA GLY A 187 -8.42 45.79 57.17
C GLY A 187 -7.38 46.60 57.92
N GLY A 188 -7.67 47.87 58.05
CA GLY A 188 -6.80 48.76 58.76
C GLY A 188 -7.58 49.85 59.43
N THR A 189 -6.86 50.83 59.95
CA THR A 189 -7.47 51.95 60.62
C THR A 189 -6.62 53.16 60.55
N ILE A 190 -7.30 54.29 60.61
CA ILE A 190 -6.67 55.55 61.00
C ILE A 190 -7.35 55.99 62.27
N THR A 191 -6.55 56.19 63.33
CA THR A 191 -7.08 56.63 64.60
C THR A 191 -6.63 58.06 64.86
N VAL A 192 -7.57 58.91 65.23
CA VAL A 192 -7.24 60.32 65.49
C VAL A 192 -6.63 60.45 66.88
N GLU A 193 -5.49 61.12 66.97
CA GLU A 193 -4.77 61.17 68.24
C GLU A 193 -5.60 61.87 69.32
N LEU A 194 -5.28 61.57 70.57
CA LEU A 194 -5.97 62.19 71.70
C LEU A 194 -5.40 63.57 72.00
N GLU A 195 -6.17 64.39 72.72
CA GLU A 195 -5.71 65.77 73.06
C GLU A 195 -4.51 65.74 74.03
N HIS A 196 -3.69 66.77 73.91
CA HIS A 196 -2.45 66.93 74.71
C HIS A 196 -2.73 67.86 75.86
N SER B 4 -38.08 47.77 35.67
CA SER B 4 -37.12 48.44 34.78
C SER B 4 -37.02 49.91 35.19
N SER B 5 -36.90 50.12 36.49
CA SER B 5 -36.72 51.43 37.11
C SER B 5 -35.41 52.10 36.70
N VAL B 6 -34.41 51.29 36.42
CA VAL B 6 -33.10 51.75 35.98
C VAL B 6 -33.18 52.23 34.56
N THR B 7 -32.26 53.10 34.14
CA THR B 7 -32.28 53.59 32.78
C THR B 7 -31.45 52.71 31.86
N ALA B 8 -32.09 52.19 30.83
CA ALA B 8 -31.43 51.34 29.87
C ALA B 8 -31.67 51.82 28.45
N ASP B 9 -30.61 51.87 27.66
CA ASP B 9 -30.70 52.04 26.21
C ASP B 9 -30.34 50.68 25.61
N LEU B 10 -31.39 49.99 25.19
CA LEU B 10 -31.28 48.65 24.61
C LEU B 10 -30.85 48.70 23.14
N ASN B 11 -30.90 49.89 22.55
CA ASN B 11 -30.40 50.09 21.18
C ASN B 11 -28.95 50.59 21.10
N ASN B 12 -28.47 51.24 22.16
CA ASN B 12 -27.12 51.82 22.16
C ASN B 12 -26.09 50.74 22.45
N ALA B 13 -24.84 50.89 22.02
CA ALA B 13 -23.86 49.86 22.29
C ALA B 13 -23.64 49.65 23.81
N VAL B 14 -23.69 50.76 24.54
CA VAL B 14 -23.52 50.77 25.98
C VAL B 14 -24.88 50.88 26.61
N ILE B 15 -25.26 49.89 27.38
CA ILE B 15 -26.62 49.84 27.94
C ILE B 15 -26.89 51.00 28.90
N ASN B 16 -25.87 51.40 29.66
CA ASN B 16 -26.01 52.50 30.61
C ASN B 16 -25.30 53.75 30.09
N VAL B 17 -25.55 54.03 28.83
CA VAL B 17 -24.88 55.13 28.11
C VAL B 17 -25.03 56.50 28.82
N ASP B 18 -26.20 56.75 29.40
CA ASP B 18 -26.44 58.03 30.09
C ASP B 18 -25.50 58.19 31.27
N GLU B 19 -25.37 57.12 32.03
CA GLU B 19 -24.48 57.05 33.19
C GLU B 19 -23.05 57.32 32.73
N ASN B 21 -22.06 58.81 29.87
CA ASN B 21 -21.94 60.22 29.43
C ASN B 21 -21.83 61.20 30.63
N GLU B 22 -22.54 60.88 31.69
CA GLU B 22 -22.47 61.65 32.93
C GLU B 22 -21.05 61.60 33.49
N ALA B 23 -20.51 60.41 33.55
CA ALA B 23 -19.14 60.21 34.04
C ALA B 23 -18.12 61.01 33.26
N PHE B 24 -18.34 61.17 31.96
CA PHE B 24 -17.39 61.85 31.06
C PHE B 24 -17.71 63.30 30.83
N LYS B 25 -18.68 63.84 31.55
CA LYS B 25 -19.24 65.16 31.22
C LYS B 25 -18.21 66.29 31.29
N ASP B 26 -17.21 66.15 32.14
CA ASP B 26 -16.18 67.20 32.35
C ASP B 26 -14.92 66.98 31.53
N VAL B 27 -14.96 65.99 30.64
CA VAL B 27 -13.84 65.67 29.77
C VAL B 27 -14.18 66.12 28.36
N PRO B 28 -13.37 67.00 27.77
CA PRO B 28 -13.66 67.41 26.42
C PRO B 28 -13.40 66.29 25.45
N ASP B 29 -13.87 66.46 24.23
CA ASP B 29 -13.70 65.46 23.19
C ASP B 29 -12.25 65.51 22.76
N LEU B 30 -11.71 64.35 22.44
CA LEU B 30 -10.41 64.24 21.78
C LEU B 30 -10.53 64.93 20.46
N GLU B 31 -9.39 65.29 19.92
CA GLU B 31 -9.32 65.78 18.58
C GLU B 31 -7.98 65.41 17.96
N GLY B 32 -7.94 64.33 17.19
CA GLY B 32 -9.12 63.77 16.57
C GLY B 32 -9.61 62.42 16.98
N GLU B 33 -8.96 61.36 16.52
CA GLU B 33 -9.42 59.98 16.78
C GLU B 33 -8.21 59.21 17.23
N GLY B 34 -8.33 58.26 18.12
CA GLY B 34 -9.55 57.66 18.57
C GLY B 34 -9.37 56.20 18.20
N ALA B 35 -9.48 55.32 19.17
CA ALA B 35 -9.54 53.91 18.89
C ALA B 35 -10.96 53.48 18.65
N HIS B 36 -11.14 52.54 17.75
CA HIS B 36 -12.49 52.03 17.36
C HIS B 36 -12.69 50.59 17.78
N ILE B 37 -13.38 50.41 18.89
CA ILE B 37 -13.65 49.11 19.45
C ILE B 37 -14.98 48.61 18.91
N THR B 38 -15.00 47.35 18.49
CA THR B 38 -16.20 46.74 17.93
C THR B 38 -16.35 45.26 18.27
N LEU B 39 -17.60 44.83 18.33
CA LEU B 39 -17.94 43.42 18.40
C LEU B 39 -18.40 42.96 17.01
N SER B 40 -18.44 41.66 16.81
CA SER B 40 -18.77 41.06 15.51
C SER B 40 -20.29 40.90 15.27
N ASN B 41 -20.64 40.76 14.01
CA ASN B 41 -22.03 40.51 13.59
C ASN B 41 -22.06 39.24 12.77
N THR B 42 -22.55 38.17 13.39
CA THR B 42 -22.47 36.85 12.79
C THR B 42 -23.82 36.16 12.82
N THR B 43 -23.87 35.05 12.08
CA THR B 43 -25.05 34.21 11.95
C THR B 43 -24.75 32.88 12.56
N ALA B 44 -25.74 32.24 13.16
CA ALA B 44 -25.55 30.94 13.78
C ALA B 44 -26.80 30.08 13.71
N LYS B 45 -26.58 28.77 13.84
CA LYS B 45 -27.69 27.80 13.92
C LYS B 45 -28.18 27.69 15.35
N PRO B 46 -29.46 27.34 15.54
CA PRO B 46 -29.93 26.96 16.88
C PRO B 46 -29.06 25.87 17.45
N GLY B 47 -28.67 26.01 18.71
CA GLY B 47 -27.81 25.03 19.37
C GLY B 47 -26.33 25.17 19.09
N GLU B 48 -25.93 26.10 18.23
CA GLU B 48 -24.53 26.26 17.86
C GLU B 48 -23.71 27.01 18.91
N ALA B 50 -21.56 29.60 19.00
CA ALA B 50 -21.33 30.74 18.11
C ALA B 50 -20.12 31.59 18.51
N GLU B 51 -19.23 31.83 17.57
CA GLU B 51 -18.05 32.63 17.81
C GLU B 51 -18.37 34.12 17.78
N VAL B 52 -17.90 34.82 18.79
CA VAL B 52 -18.01 36.26 18.89
C VAL B 52 -16.62 36.86 19.08
N THR B 53 -16.35 37.91 18.33
CA THR B 53 -15.04 38.53 18.36
C THR B 53 -15.12 40.01 18.65
N SER B 55 -12.85 43.34 18.52
CA SER B 55 -11.65 43.82 17.86
C SER B 55 -11.54 45.32 18.02
N VAL B 56 -10.37 45.85 17.67
CA VAL B 56 -10.13 47.28 17.70
C VAL B 56 -9.36 47.70 16.44
N SER B 57 -9.73 48.83 15.89
CA SER B 57 -8.93 49.44 14.81
C SER B 57 -8.44 50.83 15.19
N ASN B 58 -7.43 51.28 14.45
CA ASN B 58 -6.76 52.58 14.67
C ASN B 58 -6.22 52.72 16.12
N ALA B 59 -5.47 51.72 16.55
CA ALA B 59 -4.96 51.65 17.90
C ALA B 59 -3.54 51.11 18.04
N ASP B 60 -2.93 50.70 16.94
CA ASP B 60 -1.66 50.01 17.01
C ASP B 60 -0.63 50.89 17.73
N GLN B 62 -0.85 52.40 20.41
CA GLN B 62 -1.44 53.63 21.00
C GLN B 62 -1.99 53.45 22.41
N TRP B 63 -2.04 52.23 22.88
CA TRP B 63 -2.66 51.92 24.16
C TRP B 63 -1.86 50.93 24.98
N ASN B 64 -2.23 50.87 26.26
CA ASN B 64 -1.43 50.22 27.30
C ASN B 64 -2.21 49.16 28.09
N CYS B 66 -6.58 47.60 28.98
CA CYS B 66 -8.03 47.72 28.94
C CYS B 66 -8.66 46.85 30.00
N GLY B 67 -9.86 47.23 30.37
CA GLY B 67 -10.71 46.50 31.27
C GLY B 67 -12.12 46.80 30.76
N ILE B 68 -12.73 45.83 30.08
CA ILE B 68 -13.99 46.06 29.40
C ILE B 68 -15.05 45.03 29.76
N HIS B 69 -16.27 45.50 29.99
CA HIS B 69 -17.41 44.64 30.33
C HIS B 69 -18.28 44.41 29.07
N ILE B 70 -18.29 43.17 28.61
CA ILE B 70 -19.13 42.78 27.49
C ILE B 70 -20.43 42.19 28.01
N ILE B 71 -21.54 42.62 27.41
CA ILE B 71 -22.86 42.10 27.79
C ILE B 71 -23.65 41.51 26.60
N TYR B 72 -24.60 40.67 26.97
CA TYR B 72 -25.32 39.85 26.03
C TYR B 72 -26.55 39.31 26.77
N PRO B 73 -27.59 38.85 26.03
CA PRO B 73 -28.71 38.21 26.69
C PRO B 73 -28.27 36.99 27.51
N ASP B 74 -28.81 36.87 28.72
CA ASP B 74 -28.31 35.84 29.65
C ASP B 74 -28.74 34.43 29.25
N ILE B 75 -29.64 34.30 28.30
CA ILE B 75 -29.94 32.97 27.74
C ILE B 75 -28.77 32.41 26.92
N LEU B 76 -27.86 33.28 26.48
CA LEU B 76 -26.60 32.84 25.92
C LEU B 76 -25.61 32.51 27.03
N LYS B 77 -24.91 31.39 26.88
CA LYS B 77 -23.97 30.90 27.89
C LYS B 77 -22.56 30.78 27.32
N PRO B 78 -21.63 31.57 27.83
CA PRO B 78 -20.31 31.56 27.25
C PRO B 78 -19.56 30.25 27.55
N GLU B 79 -18.73 29.84 26.60
CA GLU B 79 -17.86 28.70 26.80
C GLU B 79 -16.83 29.00 27.91
N LYS B 81 -13.58 28.07 30.64
CA LYS B 81 -12.29 27.44 30.82
C LYS B 81 -12.29 26.67 32.14
N ASP B 82 -12.36 27.39 33.25
CA ASP B 82 -12.55 26.78 34.57
C ASP B 82 -13.80 27.38 35.23
N PRO B 83 -14.93 26.67 35.14
CA PRO B 83 -16.18 27.16 35.73
C PRO B 83 -16.01 27.56 37.19
N GLU B 84 -15.22 26.78 37.91
CA GLU B 84 -15.02 27.02 39.33
C GLU B 84 -14.39 28.37 39.56
N GLU B 85 -13.53 28.79 38.64
CA GLU B 85 -12.87 30.10 38.73
C GLU B 85 -13.60 31.17 37.91
N ARG B 86 -14.66 30.77 37.23
CA ARG B 86 -15.38 31.66 36.33
C ARG B 86 -14.53 32.22 35.20
N THR B 87 -13.49 31.48 34.82
CA THR B 87 -12.69 31.90 33.68
C THR B 87 -13.40 31.49 32.38
N VAL B 88 -13.45 32.45 31.48
CA VAL B 88 -14.11 32.31 30.20
C VAL B 88 -13.08 31.92 29.15
N ALA B 89 -13.37 30.88 28.38
CA ALA B 89 -12.46 30.48 27.30
C ALA B 89 -12.43 31.54 26.20
N PHE B 90 -11.25 31.82 25.68
CA PHE B 90 -11.12 32.76 24.59
C PHE B 90 -9.89 32.48 23.76
N GLN B 91 -9.94 32.93 22.52
CA GLN B 91 -8.77 32.86 21.64
C GLN B 91 -8.25 34.27 21.45
N LYS B 92 -6.99 34.48 21.79
CA LYS B 92 -6.45 35.82 21.74
C LYS B 92 -6.07 36.15 20.29
N GLY B 93 -6.39 37.36 19.87
CA GLY B 93 -6.04 37.84 18.56
C GLY B 93 -4.75 38.63 18.53
N ASP B 94 -4.42 39.11 17.35
CA ASP B 94 -3.17 39.86 17.12
C ASP B 94 -3.10 41.12 17.93
N ALA B 95 -4.24 41.74 18.19
CA ALA B 95 -4.27 42.99 18.96
C ALA B 95 -3.71 42.81 20.37
N LEU B 96 -3.78 41.58 20.87
CA LEU B 96 -3.28 41.25 22.22
C LEU B 96 -2.00 40.44 22.20
N GLU B 97 -1.40 40.33 21.03
CA GLU B 97 -0.22 39.51 20.87
C GLU B 97 0.83 39.81 21.93
N ALA B 98 1.07 41.08 22.16
CA ALA B 98 2.15 41.54 23.03
C ALA B 98 1.78 41.68 24.51
N ALA B 99 0.56 41.32 24.88
CA ALA B 99 0.08 41.52 26.24
C ALA B 99 0.93 40.75 27.23
N THR B 100 1.28 41.42 28.33
CA THR B 100 2.02 40.76 29.42
C THR B 100 1.05 39.83 30.18
N GLY B 101 -0.22 40.20 30.21
CA GLY B 101 -1.24 39.39 30.87
C GLY B 101 -2.62 39.70 30.33
N ILE B 102 -3.45 38.69 30.32
CA ILE B 102 -4.83 38.80 29.90
C ILE B 102 -5.69 37.93 30.78
N VAL B 103 -6.80 38.48 31.23
CA VAL B 103 -7.72 37.67 32.02
C VAL B 103 -9.12 37.99 31.56
N CYS B 104 -9.95 36.97 31.59
CA CYS B 104 -11.33 37.07 31.15
C CYS B 104 -12.25 36.27 32.05
N GLU B 106 -16.32 35.72 33.94
CA GLU B 106 -17.77 35.88 33.87
C GLU B 106 -18.25 36.47 35.19
N TRP B 107 -18.99 37.55 35.09
CA TRP B 107 -19.61 38.16 36.25
C TRP B 107 -20.93 37.42 36.54
N GLN B 108 -20.94 36.69 37.66
CA GLN B 108 -22.05 35.77 37.98
C GLN B 108 -22.97 36.27 39.07
N GLU B 109 -22.38 36.85 40.10
CA GLU B 109 -23.12 37.26 41.28
C GLU B 109 -22.96 38.74 41.53
N GLY B 110 -23.99 39.35 42.08
CA GLY B 110 -23.98 40.77 42.41
C GLY B 110 -23.98 41.67 41.19
N LEU B 111 -24.66 41.24 40.16
CA LEU B 111 -24.84 42.07 38.95
C LEU B 111 -25.75 43.24 39.25
N PRO B 112 -25.52 44.37 38.57
CA PRO B 112 -26.31 45.57 38.83
C PRO B 112 -27.69 45.48 38.20
N PRO B 113 -28.65 46.23 38.75
CA PRO B 113 -30.05 46.12 38.34
C PRO B 113 -30.25 46.32 36.86
N VAL B 114 -29.54 47.28 36.29
CA VAL B 114 -29.69 47.53 34.86
C VAL B 114 -29.43 46.27 34.04
N LEU B 115 -28.56 45.40 34.52
CA LEU B 115 -28.29 44.14 33.81
C LEU B 115 -29.28 43.06 34.19
N THR B 116 -29.52 42.87 35.49
CA THR B 116 -30.41 41.78 35.93
C THR B 116 -31.79 42.00 35.38
N GLU B 117 -32.25 43.24 35.45
CA GLU B 117 -33.61 43.58 35.07
C GLU B 117 -33.83 43.48 33.58
N ASN B 118 -32.76 43.64 32.83
CA ASN B 118 -32.83 43.44 31.37
C ASN B 118 -32.35 42.06 30.90
N LYS B 119 -32.19 41.15 31.86
CA LYS B 119 -31.75 39.78 31.60
C LYS B 119 -30.47 39.70 30.77
N LYS B 120 -29.47 40.44 31.22
CA LYS B 120 -28.17 40.48 30.55
C LYS B 120 -27.14 39.73 31.34
N GLY B 121 -26.28 39.00 30.62
CA GLY B 121 -25.12 38.38 31.21
C GLY B 121 -23.93 39.27 30.90
N CYS B 122 -22.82 38.99 31.57
CA CYS B 122 -21.66 39.86 31.45
C CYS B 122 -20.34 39.14 31.68
N LEU B 123 -19.38 39.47 30.84
CA LEU B 123 -18.01 39.07 31.08
C LEU B 123 -17.07 40.28 30.99
N PHE B 124 -15.93 40.13 31.65
CA PHE B 124 -14.99 41.22 31.86
C PHE B 124 -13.64 40.80 31.29
N LEU B 125 -13.12 41.58 30.36
CA LEU B 125 -11.84 41.29 29.72
C LEU B 125 -10.86 42.37 30.11
N THR B 126 -9.75 41.96 30.69
CA THR B 126 -8.69 42.88 31.05
C THR B 126 -7.42 42.42 30.42
N ALA B 127 -6.66 43.36 29.90
CA ALA B 127 -5.36 43.05 29.32
C ALA B 127 -4.38 44.13 29.62
N PHE B 129 -0.27 45.65 28.98
CA PHE B 129 0.93 45.65 28.13
C PHE B 129 2.03 46.43 28.82
N SER B 130 3.24 46.25 28.32
CA SER B 130 4.37 47.00 28.80
C SER B 130 4.50 48.26 27.96
N GLY B 131 4.15 49.41 28.53
CA GLY B 131 4.08 50.65 27.76
C GLY B 131 2.96 50.58 26.73
N ASN B 132 3.08 51.37 25.67
CA ASN B 132 2.03 51.45 24.66
C ASN B 132 2.20 50.44 23.54
N GLN B 133 2.16 49.17 23.91
CA GLN B 133 2.33 48.07 22.94
C GLN B 133 1.05 47.37 22.60
N GLY B 134 -0.06 47.94 23.05
CA GLY B 134 -1.36 47.48 22.57
C GLY B 134 -1.38 47.45 21.05
N GLY B 135 -1.97 46.39 20.51
CA GLY B 135 -2.04 46.23 19.06
C GLY B 135 -3.39 46.58 18.47
N GLU B 136 -3.62 46.16 17.24
CA GLU B 136 -4.93 46.33 16.61
C GLU B 136 -5.34 45.08 15.82
N GLY B 137 -6.61 45.06 15.46
CA GLY B 137 -7.27 43.88 14.92
C GLY B 137 -8.09 43.16 15.97
N ASP B 138 -8.19 41.86 15.82
CA ASP B 138 -8.91 41.04 16.78
C ASP B 138 -8.22 41.04 18.14
N ALA B 140 -10.06 39.40 21.06
CA ALA B 140 -10.41 38.12 21.64
C ALA B 140 -11.65 37.56 20.98
N THR B 141 -11.65 36.24 20.84
CA THR B 141 -12.78 35.52 20.31
C THR B 141 -13.33 34.58 21.36
N PHE B 142 -14.64 34.66 21.58
CA PHE B 142 -15.35 33.83 22.54
C PHE B 142 -16.31 32.92 21.80
N ARG B 143 -16.96 32.07 22.56
CA ARG B 143 -18.04 31.26 22.04
C ARG B 143 -19.21 31.25 23.01
N PHE B 144 -20.41 31.37 22.45
CA PHE B 144 -21.65 31.32 23.23
C PHE B 144 -22.55 30.19 22.72
N LYS B 145 -23.13 29.45 23.66
CA LYS B 145 -24.18 28.49 23.33
C LYS B 145 -25.45 29.21 22.91
N VAL B 146 -25.78 29.06 21.64
CA VAL B 146 -27.09 29.50 21.16
C VAL B 146 -28.06 28.41 21.62
N PRO B 147 -29.13 28.80 22.31
CA PRO B 147 -30.08 27.79 22.73
C PRO B 147 -30.58 26.88 21.61
N ASP B 148 -30.74 25.60 21.94
CA ASP B 148 -31.19 24.59 20.99
C ASP B 148 -32.50 24.98 20.31
N ASN B 149 -33.39 25.56 21.11
CA ASN B 149 -34.71 25.94 20.62
C ASN B 149 -34.82 27.36 20.03
N ALA B 150 -33.69 28.00 19.77
CA ALA B 150 -33.72 29.37 19.26
C ALA B 150 -34.52 29.47 17.96
N GLU B 151 -35.34 30.50 17.86
CA GLU B 151 -36.20 30.72 16.70
C GLU B 151 -35.41 31.34 15.56
N PRO B 152 -35.63 30.85 14.34
CA PRO B 152 -34.98 31.45 13.19
C PRO B 152 -35.23 32.95 13.12
N GLY B 153 -34.21 33.68 12.67
CA GLY B 153 -34.31 35.15 12.58
C GLY B 153 -34.03 35.90 13.88
N ALA B 154 -34.05 35.19 15.00
CA ALA B 154 -33.78 35.84 16.30
C ALA B 154 -32.43 36.56 16.27
N VAL B 155 -32.44 37.76 16.82
CA VAL B 155 -31.24 38.59 16.92
C VAL B 155 -30.83 38.76 18.38
N TYR B 156 -29.60 38.35 18.69
CA TYR B 156 -29.04 38.57 20.03
C TYR B 156 -28.09 39.75 19.97
N ASN B 157 -28.44 40.83 20.65
CA ASN B 157 -27.56 42.00 20.69
C ASN B 157 -26.42 41.83 21.67
N LEU B 158 -25.25 42.26 21.22
CA LEU B 158 -24.04 42.24 22.03
C LEU B 158 -23.59 43.67 22.24
N GLY B 159 -23.28 44.00 23.48
CA GLY B 159 -22.82 45.34 23.81
C GLY B 159 -21.91 45.40 25.00
N TYR B 160 -21.92 46.56 25.64
CA TYR B 160 -21.07 46.82 26.77
C TYR B 160 -21.84 47.39 27.93
N TYR B 161 -21.27 47.21 29.12
CA TYR B 161 -21.69 47.88 30.33
C TYR B 161 -20.52 48.74 30.84
N TYR B 162 -20.83 49.99 31.14
CA TYR B 162 -19.80 50.93 31.60
C TYR B 162 -19.71 50.99 33.12
N ASN B 164 -17.32 52.77 36.22
CA ASN B 164 -16.42 53.89 36.45
C ASN B 164 -14.94 53.54 36.33
N THR B 165 -14.58 52.34 36.77
CA THR B 165 -13.19 51.89 36.75
C THR B 165 -12.72 51.16 35.47
N ASP B 166 -13.60 51.00 34.50
CA ASP B 166 -13.21 50.33 33.25
C ASP B 166 -12.23 51.18 32.47
N LEU B 167 -11.43 50.53 31.67
CA LEU B 167 -10.30 51.18 31.02
C LEU B 167 -10.17 50.81 29.55
N PHE B 168 -9.85 51.81 28.75
CA PHE B 168 -9.12 51.63 27.52
C PHE B 168 -8.20 52.83 27.40
N ILE B 169 -6.94 52.63 27.78
CA ILE B 169 -6.01 53.75 27.96
C ILE B 169 -4.60 53.52 27.51
N ASN B 170 -3.94 54.64 27.26
CA ASN B 170 -2.51 54.68 27.04
C ASN B 170 -1.78 54.81 28.37
N GLU B 171 -0.47 54.61 28.31
CA GLU B 171 0.40 54.60 29.48
C GLU B 171 0.31 55.90 30.25
N GLN B 172 0.17 56.98 29.48
CA GLN B 172 0.11 58.33 30.03
C GLN B 172 -1.26 58.68 30.61
N ASN B 173 -2.19 57.75 30.54
CA ASN B 173 -3.54 57.91 31.13
C ASN B 173 -4.24 59.22 30.68
N ILE B 174 -4.24 59.46 29.38
CA ILE B 174 -4.87 60.67 28.82
C ILE B 174 -6.39 60.53 28.83
N PRO B 175 -7.10 61.42 29.55
CA PRO B 175 -8.55 61.22 29.71
C PRO B 175 -9.36 61.29 28.40
N THR B 176 -8.97 62.17 27.48
CA THR B 176 -9.64 62.26 26.18
C THR B 176 -9.52 61.00 25.36
N TYR B 177 -8.41 60.30 25.53
CA TYR B 177 -8.18 59.04 24.80
C TYR B 177 -9.18 57.96 25.23
N GLN B 178 -9.33 57.84 26.54
CA GLN B 178 -10.29 56.92 27.15
C GLN B 178 -11.72 57.29 26.72
N LYS B 179 -12.03 58.57 26.77
CA LYS B 179 -13.36 59.03 26.38
C LYS B 179 -13.69 58.64 24.92
N TYR B 180 -12.75 58.87 24.03
CA TYR B 180 -12.99 58.55 22.62
C TYR B 180 -13.36 57.08 22.46
N ALA B 181 -12.53 56.23 23.07
CA ALA B 181 -12.66 54.77 22.91
C ALA B 181 -14.03 54.29 23.38
N PHE B 182 -14.41 54.74 24.56
CA PHE B 182 -15.65 54.31 25.17
C PHE B 182 -16.86 54.92 24.50
N THR B 183 -16.73 56.13 23.99
CA THR B 183 -17.89 56.79 23.37
C THR B 183 -18.08 56.40 21.93
N HIS B 184 -17.09 55.76 21.33
CA HIS B 184 -17.18 55.35 19.92
C HIS B 184 -17.26 53.82 19.73
N GLU B 186 -18.61 50.11 19.28
CA GLU B 186 -19.76 49.53 18.57
C GLU B 186 -20.08 48.16 19.13
N GLY B 187 -21.38 47.90 19.19
CA GLY B 187 -21.85 46.58 19.61
C GLY B 187 -21.78 45.57 18.48
N GLY B 188 -22.44 44.44 18.69
CA GLY B 188 -22.48 43.39 17.70
C GLY B 188 -23.79 42.62 17.77
N THR B 189 -23.84 41.53 17.03
CA THR B 189 -25.01 40.68 17.03
C THR B 189 -24.67 39.26 16.69
N ILE B 190 -25.51 38.38 17.20
CA ILE B 190 -25.63 37.02 16.68
C ILE B 190 -27.04 36.90 16.15
N THR B 191 -27.16 36.56 14.87
CA THR B 191 -28.47 36.34 14.26
C THR B 191 -28.65 34.86 13.97
N VAL B 192 -29.80 34.32 14.38
CA VAL B 192 -30.09 32.91 14.13
C VAL B 192 -30.55 32.72 12.70
N GLU B 193 -29.95 31.78 12.00
CA GLU B 193 -30.22 31.63 10.57
C GLU B 193 -31.69 31.25 10.33
N LEU B 194 -32.16 31.56 9.13
CA LEU B 194 -33.54 31.23 8.74
C LEU B 194 -33.67 29.78 8.31
N GLU B 195 -34.90 29.28 8.24
CA GLU B 195 -35.15 27.97 7.60
C GLU B 195 -34.45 27.87 6.22
N HIS B 196 -33.54 26.89 6.06
CA HIS B 196 -32.75 26.71 4.81
C HIS B 196 -32.94 25.33 4.22
N ALA C 8 7.77 -3.97 22.00
CA ALA C 8 8.33 -4.08 23.35
C ALA C 8 8.59 -5.52 23.83
N ASP C 9 7.60 -6.41 23.78
CA ASP C 9 6.37 -6.21 23.00
C ASP C 9 5.18 -5.61 23.77
N LEU C 10 5.40 -5.13 24.99
CA LEU C 10 4.31 -4.49 25.77
C LEU C 10 4.52 -2.98 26.01
N ASN C 11 4.83 -2.61 27.25
CA ASN C 11 5.21 -1.25 27.64
C ASN C 11 4.17 -0.14 27.74
N ASN C 12 2.89 -0.52 27.81
CA ASN C 12 1.88 0.05 28.71
C ASN C 12 1.68 1.58 28.75
N ALA C 13 1.85 2.20 27.60
CA ALA C 13 1.08 3.36 27.21
C ALA C 13 -0.37 2.95 26.97
N VAL C 14 -0.56 1.75 26.47
CA VAL C 14 -1.87 1.23 26.09
C VAL C 14 -2.34 0.32 27.19
N ILE C 15 -3.46 0.64 27.77
CA ILE C 15 -3.93 -0.09 28.94
C ILE C 15 -4.28 -1.53 28.60
N ASN C 16 -4.85 -1.73 27.43
CA ASN C 16 -5.23 -3.06 26.98
C ASN C 16 -4.26 -3.59 25.92
N VAL C 17 -2.99 -3.40 26.21
CA VAL C 17 -1.89 -3.73 25.27
C VAL C 17 -1.92 -5.19 24.78
N ASP C 18 -2.32 -6.11 25.64
CA ASP C 18 -2.38 -7.52 25.25
C ASP C 18 -3.41 -7.74 24.16
N GLU C 19 -4.58 -7.14 24.36
CA GLU C 19 -5.67 -7.17 23.38
C GLU C 19 -5.17 -6.61 22.05
N ASN C 21 -1.99 -6.27 20.98
CA ASN C 21 -0.99 -7.18 20.39
C ASN C 21 -1.64 -8.39 19.73
N GLU C 22 -2.71 -8.86 20.36
CA GLU C 22 -3.50 -9.96 19.80
C GLU C 22 -4.07 -9.54 18.44
N ALA C 23 -4.66 -8.36 18.40
CA ALA C 23 -5.24 -7.82 17.15
C ALA C 23 -4.23 -7.71 16.03
N PHE C 24 -2.98 -7.41 16.37
CA PHE C 24 -1.91 -7.22 15.38
C PHE C 24 -1.05 -8.46 15.15
N LYS C 25 -1.44 -9.60 15.71
CA LYS C 25 -0.56 -10.78 15.75
C LYS C 25 -0.17 -11.30 14.35
N ASP C 26 -1.05 -11.10 13.38
CA ASP C 26 -0.82 -11.61 12.01
C ASP C 26 -0.23 -10.58 11.07
N VAL C 27 0.15 -9.45 11.61
CA VAL C 27 0.75 -8.38 10.83
C VAL C 27 2.23 -8.33 11.17
N PRO C 28 3.08 -8.45 10.16
CA PRO C 28 4.50 -8.39 10.47
C PRO C 28 4.93 -6.99 10.83
N ASP C 29 6.12 -6.87 11.39
CA ASP C 29 6.64 -5.57 11.78
C ASP C 29 7.02 -4.82 10.53
N LEU C 30 6.79 -3.50 10.55
CA LEU C 30 7.30 -2.59 9.54
C LEU C 30 8.82 -2.71 9.58
N GLU C 31 9.46 -2.45 8.45
CA GLU C 31 10.90 -2.38 8.37
C GLU C 31 11.32 -1.11 7.66
N GLY C 32 11.65 -0.03 8.39
CA GLY C 32 11.74 -0.04 9.86
C GLY C 32 10.90 0.93 10.66
N GLU C 33 11.01 2.24 10.38
CA GLU C 33 10.32 3.33 11.13
C GLU C 33 9.55 4.20 10.16
N GLY C 34 8.33 4.66 10.41
CA GLY C 34 7.56 4.51 11.63
C GLY C 34 7.17 5.87 12.19
N ALA C 35 5.88 6.11 12.40
CA ALA C 35 5.42 7.33 13.11
C ALA C 35 5.55 7.19 14.64
N HIS C 36 5.93 8.27 15.30
CA HIS C 36 6.09 8.27 16.78
C HIS C 36 5.10 9.18 17.45
N ILE C 37 4.04 8.58 17.95
CA ILE C 37 2.99 9.31 18.67
C ILE C 37 3.35 9.41 20.15
N THR C 38 3.19 10.58 20.71
CA THR C 38 3.48 10.80 22.13
C THR C 38 2.55 11.80 22.80
N LEU C 39 2.36 11.59 24.10
CA LEU C 39 1.71 12.58 24.96
C LEU C 39 2.79 13.29 25.75
N SER C 40 2.44 14.43 26.31
CA SER C 40 3.39 15.28 27.00
C SER C 40 3.62 14.88 28.47
N ASN C 41 4.73 15.33 29.01
CA ASN C 41 5.07 15.13 30.43
C ASN C 41 5.29 16.47 31.06
N THR C 42 4.30 16.89 31.84
CA THR C 42 4.30 18.25 32.39
C THR C 42 4.09 18.25 33.87
N THR C 43 4.33 19.43 34.45
CA THR C 43 4.16 19.70 35.87
C THR C 43 3.05 20.72 36.04
N ALA C 44 2.24 20.57 37.09
CA ALA C 44 1.12 21.46 37.32
C ALA C 44 0.90 21.70 38.80
N LYS C 45 0.22 22.80 39.09
CA LYS C 45 -0.21 23.13 40.45
C LYS C 45 -1.53 22.49 40.76
N PRO C 46 -1.79 22.17 42.05
CA PRO C 46 -3.13 21.77 42.45
C PRO C 46 -4.13 22.78 41.98
N GLY C 47 -5.24 22.31 41.43
CA GLY C 47 -6.30 23.20 40.94
C GLY C 47 -6.10 23.77 39.53
N GLU C 48 -4.95 23.50 38.92
CA GLU C 48 -4.60 24.10 37.63
C GLU C 48 -5.31 23.42 36.48
N ALA C 50 -4.45 22.14 33.50
CA ALA C 50 -3.16 21.66 33.00
C ALA C 50 -3.22 21.28 31.51
N GLU C 51 -2.29 21.84 30.74
CA GLU C 51 -2.25 21.59 29.30
C GLU C 51 -1.57 20.26 29.00
N VAL C 52 -2.24 19.49 28.16
CA VAL C 52 -1.73 18.20 27.71
C VAL C 52 -1.73 18.20 26.20
N THR C 53 -0.62 17.76 25.64
CA THR C 53 -0.43 17.80 24.22
C THR C 53 -0.08 16.44 23.67
N SER C 55 1.33 14.74 20.32
CA SER C 55 2.10 15.12 19.17
C SER C 55 2.63 13.89 18.47
N VAL C 56 3.12 14.09 17.25
CA VAL C 56 3.64 12.99 16.43
C VAL C 56 4.89 13.47 15.73
N SER C 57 5.91 12.62 15.70
CA SER C 57 7.10 12.92 14.93
C SER C 57 7.33 11.84 13.87
N ASN C 58 8.15 12.20 12.90
CA ASN C 58 8.50 11.32 11.76
C ASN C 58 7.27 10.84 10.96
N ALA C 59 6.43 11.80 10.60
CA ALA C 59 5.13 11.50 9.98
C ALA C 59 4.71 12.49 8.91
N ASP C 60 5.48 13.54 8.70
CA ASP C 60 5.05 14.60 7.81
C ASP C 60 4.75 14.02 6.42
N GLN C 62 2.98 11.60 5.64
CA GLN C 62 3.01 10.11 5.60
C GLN C 62 1.69 9.45 5.97
N TRP C 63 0.72 10.25 6.41
CA TRP C 63 -0.53 9.71 6.92
C TRP C 63 -1.75 10.51 6.50
N ASN C 64 -2.89 9.87 6.65
CA ASN C 64 -4.14 10.29 6.01
C ASN C 64 -5.29 10.51 7.00
N CYS C 66 -6.57 9.60 11.46
CA CYS C 66 -6.42 8.93 12.73
C CYS C 66 -7.73 8.92 13.48
N GLY C 67 -7.83 7.98 14.39
CA GLY C 67 -8.92 7.90 15.35
C GLY C 67 -8.29 7.29 16.59
N ILE C 68 -8.08 8.09 17.62
CA ILE C 68 -7.31 7.65 18.80
C ILE C 68 -8.04 7.93 20.12
N HIS C 69 -7.98 6.95 21.02
CA HIS C 69 -8.60 7.06 22.35
C HIS C 69 -7.55 7.36 23.40
N ILE C 70 -7.65 8.57 23.97
CA ILE C 70 -6.75 9.02 25.04
C ILE C 70 -7.41 8.78 26.39
N ILE C 71 -6.65 8.20 27.32
CA ILE C 71 -7.14 7.91 28.65
C ILE C 71 -6.31 8.51 29.73
N TYR C 72 -6.96 8.67 30.88
CA TYR C 72 -6.42 9.43 31.99
C TYR C 72 -7.26 9.09 33.22
N PRO C 73 -6.73 9.31 34.42
CA PRO C 73 -7.54 9.09 35.61
C PRO C 73 -8.82 9.94 35.57
N ASP C 74 -9.94 9.34 35.94
CA ASP C 74 -11.22 10.04 35.81
C ASP C 74 -11.43 11.18 36.81
N ILE C 75 -10.57 11.29 37.81
CA ILE C 75 -10.59 12.47 38.69
C ILE C 75 -10.17 13.74 37.93
N LEU C 76 -9.44 13.58 36.83
CA LEU C 76 -9.15 14.70 35.94
C LEU C 76 -10.32 14.94 35.01
N LYS C 77 -10.69 16.20 34.85
CA LYS C 77 -11.85 16.58 34.04
C LYS C 77 -11.43 17.45 32.89
N PRO C 78 -11.60 16.97 31.66
CA PRO C 78 -11.18 17.80 30.51
C PRO C 78 -12.03 19.02 30.26
N GLU C 79 -11.37 20.07 29.80
CA GLU C 79 -12.07 21.31 29.44
C GLU C 79 -13.00 21.06 28.24
N LYS C 81 -16.01 22.09 25.32
CA LYS C 81 -16.49 23.08 24.36
C LYS C 81 -18.01 23.19 24.49
N ASP C 82 -18.71 22.13 24.11
CA ASP C 82 -20.16 22.03 24.34
C ASP C 82 -20.45 20.76 25.15
N PRO C 83 -20.65 20.91 26.47
CA PRO C 83 -20.91 19.76 27.34
C PRO C 83 -22.08 18.92 26.81
N GLU C 84 -23.09 19.59 26.29
CA GLU C 84 -24.28 18.92 25.84
C GLU C 84 -23.94 17.98 24.68
N GLU C 85 -22.98 18.37 23.85
CA GLU C 85 -22.54 17.53 22.75
C GLU C 85 -21.33 16.69 23.11
N ARG C 86 -20.85 16.81 24.35
CA ARG C 86 -19.62 16.13 24.76
C ARG C 86 -18.40 16.46 23.90
N THR C 87 -18.38 17.65 23.31
CA THR C 87 -17.21 18.09 22.58
C THR C 87 -16.17 18.65 23.56
N VAL C 88 -14.95 18.20 23.35
CA VAL C 88 -13.83 18.56 24.17
C VAL C 88 -13.09 19.72 23.54
N ALA C 89 -12.80 20.75 24.32
CA ALA C 89 -12.03 21.88 23.81
C ALA C 89 -10.60 21.49 23.54
N PHE C 90 -10.07 21.97 22.43
CA PHE C 90 -8.70 21.65 22.06
C PHE C 90 -8.11 22.72 21.15
N GLN C 91 -6.80 22.82 21.16
CA GLN C 91 -6.08 23.70 20.29
C GLN C 91 -5.42 22.81 19.28
N LYS C 92 -5.74 23.01 18.02
CA LYS C 92 -5.15 22.18 16.98
C LYS C 92 -3.74 22.67 16.70
N GLY C 93 -2.84 21.72 16.59
CA GLY C 93 -1.44 22.00 16.28
C GLY C 93 -1.14 21.89 14.80
N ASP C 94 0.12 22.15 14.47
CA ASP C 94 0.59 22.16 13.08
C ASP C 94 0.39 20.83 12.41
N ALA C 95 0.47 19.74 13.18
CA ALA C 95 0.33 18.40 12.62
C ALA C 95 -1.04 18.18 11.99
N LEU C 96 -2.03 18.94 12.45
CA LEU C 96 -3.39 18.86 11.92
C LEU C 96 -3.76 20.07 11.09
N GLU C 97 -2.80 20.91 10.76
CA GLU C 97 -3.11 22.16 10.03
C GLU C 97 -3.98 21.89 8.81
N ALA C 98 -3.65 20.82 8.09
CA ALA C 98 -4.29 20.54 6.79
C ALA C 98 -5.53 19.64 6.86
N ALA C 99 -5.95 19.29 8.06
CA ALA C 99 -7.08 18.37 8.20
C ALA C 99 -8.36 18.92 7.58
N THR C 100 -9.07 18.08 6.84
CA THR C 100 -10.37 18.45 6.26
C THR C 100 -11.44 18.42 7.35
N GLY C 101 -11.24 17.58 8.35
CA GLY C 101 -12.13 17.56 9.50
C GLY C 101 -11.47 16.98 10.73
N ILE C 102 -11.86 17.50 11.89
CA ILE C 102 -11.35 17.03 13.18
C ILE C 102 -12.50 17.01 14.16
N VAL C 103 -12.61 15.95 14.93
CA VAL C 103 -13.58 15.94 16.01
C VAL C 103 -12.94 15.32 17.22
N CYS C 104 -13.36 15.82 18.38
CA CYS C 104 -12.84 15.38 19.66
C CYS C 104 -13.94 15.34 20.69
N GLU C 106 -15.65 13.40 24.40
CA GLU C 106 -15.48 12.70 25.64
C GLU C 106 -16.41 11.51 25.67
N TRP C 107 -15.84 10.36 25.96
CA TRP C 107 -16.61 9.13 26.10
C TRP C 107 -17.12 9.09 27.54
N GLN C 108 -18.43 9.27 27.71
CA GLN C 108 -19.05 9.41 29.04
C GLN C 108 -19.79 8.19 29.53
N GLU C 109 -20.50 7.55 28.62
CA GLU C 109 -21.36 6.43 28.98
C GLU C 109 -20.98 5.18 28.19
N GLY C 110 -21.20 4.04 28.82
CA GLY C 110 -20.95 2.75 28.18
C GLY C 110 -19.48 2.49 27.97
N LEU C 111 -18.67 2.95 28.92
CA LEU C 111 -17.24 2.68 28.88
C LEU C 111 -16.99 1.21 29.17
N PRO C 112 -15.93 0.64 28.59
CA PRO C 112 -15.63 -0.77 28.82
C PRO C 112 -15.05 -1.00 30.22
N PRO C 113 -15.21 -2.23 30.74
CA PRO C 113 -14.80 -2.55 32.09
C PRO C 113 -13.37 -2.21 32.40
N VAL C 114 -12.47 -2.46 31.47
CA VAL C 114 -11.06 -2.17 31.71
C VAL C 114 -10.85 -0.71 32.08
N LEU C 115 -11.68 0.17 31.55
CA LEU C 115 -11.58 1.59 31.88
C LEU C 115 -12.36 1.96 33.15
N THR C 116 -13.60 1.50 33.24
CA THR C 116 -14.43 1.79 34.40
C THR C 116 -13.84 1.27 35.70
N GLU C 117 -13.36 0.04 35.64
CA GLU C 117 -12.83 -0.63 36.80
C GLU C 117 -11.51 -0.03 37.25
N ASN C 118 -10.77 0.56 36.32
CA ASN C 118 -9.53 1.26 36.66
C ASN C 118 -9.69 2.76 36.82
N LYS C 119 -10.94 3.21 36.88
CA LYS C 119 -11.28 4.63 37.08
C LYS C 119 -10.62 5.56 36.07
N LYS C 120 -10.75 5.19 34.80
CA LYS C 120 -10.16 5.95 33.73
C LYS C 120 -11.22 6.70 33.01
N GLY C 121 -10.91 7.92 32.64
CA GLY C 121 -11.75 8.66 31.69
C GLY C 121 -11.15 8.49 30.30
N CYS C 122 -11.90 8.94 29.30
CA CYS C 122 -11.48 8.77 27.93
C CYS C 122 -12.02 9.82 27.01
N LEU C 123 -11.16 10.28 26.13
CA LEU C 123 -11.61 11.07 24.98
C LEU C 123 -11.08 10.50 23.68
N PHE C 124 -11.80 10.82 22.60
CA PHE C 124 -11.56 10.23 21.28
C PHE C 124 -11.28 11.36 20.32
N LEU C 125 -10.13 11.29 19.65
CA LEU C 125 -9.74 12.27 18.67
C LEU C 125 -9.67 11.63 17.30
N THR C 126 -10.45 12.16 16.37
CA THR C 126 -10.36 11.65 15.00
C THR C 126 -10.13 12.83 14.05
N ALA C 127 -9.24 12.62 13.10
CA ALA C 127 -8.91 13.66 12.12
C ALA C 127 -8.75 13.04 10.74
N PHE C 129 -7.69 13.77 6.51
CA PHE C 129 -6.99 14.61 5.54
C PHE C 129 -7.31 14.15 4.13
N SER C 130 -7.00 15.00 3.17
CA SER C 130 -7.17 14.66 1.76
C SER C 130 -5.87 14.08 1.23
N GLY C 131 -5.84 12.78 0.99
CA GLY C 131 -4.58 12.07 0.73
C GLY C 131 -3.65 12.08 1.95
N ASN C 132 -2.35 11.92 1.71
CA ASN C 132 -1.37 11.82 2.79
C ASN C 132 -0.81 13.19 3.20
N GLN C 133 -1.71 14.05 3.63
CA GLN C 133 -1.35 15.42 4.02
C GLN C 133 -1.30 15.58 5.54
N GLY C 134 -1.37 14.46 6.26
CA GLY C 134 -1.08 14.48 7.70
C GLY C 134 0.27 15.12 7.96
N GLY C 135 0.34 15.96 8.99
CA GLY C 135 1.56 16.66 9.33
C GLY C 135 2.31 16.05 10.49
N GLU C 136 3.25 16.81 11.02
CA GLU C 136 3.95 16.40 12.23
C GLU C 136 4.10 17.54 13.22
N GLY C 137 4.50 17.18 14.43
CA GLY C 137 4.53 18.11 15.56
C GLY C 137 3.28 17.93 16.40
N ASP C 138 2.85 19.01 17.00
CA ASP C 138 1.68 18.97 17.88
C ASP C 138 0.42 18.69 17.06
N ALA C 140 -2.79 18.06 18.97
CA ALA C 140 -3.84 18.71 19.72
C ALA C 140 -3.45 18.90 21.17
N THR C 141 -3.87 20.03 21.70
CA THR C 141 -3.59 20.38 23.08
C THR C 141 -4.91 20.51 23.79
N PHE C 142 -5.02 19.81 24.90
CA PHE C 142 -6.20 19.82 25.75
C PHE C 142 -5.85 20.45 27.08
N ARG C 143 -6.87 20.59 27.92
CA ARG C 143 -6.66 21.03 29.30
C ARG C 143 -7.49 20.19 30.25
N PHE C 144 -6.87 19.80 31.36
CA PHE C 144 -7.54 19.03 32.40
C PHE C 144 -7.51 19.76 33.74
N LYS C 145 -8.63 19.75 34.45
CA LYS C 145 -8.69 20.26 35.79
C LYS C 145 -7.94 19.31 36.71
N VAL C 146 -6.83 19.79 37.22
CA VAL C 146 -6.14 19.11 38.32
C VAL C 146 -6.91 19.43 39.62
N PRO C 147 -7.29 18.43 40.39
CA PRO C 147 -8.11 18.72 41.57
C PRO C 147 -7.44 19.72 42.47
N ASP C 148 -8.26 20.58 43.05
CA ASP C 148 -7.79 21.62 43.98
C ASP C 148 -6.98 21.06 45.14
N ASN C 149 -7.40 19.92 45.65
CA ASN C 149 -6.71 19.26 46.77
C ASN C 149 -5.57 18.27 46.39
N ALA C 150 -5.12 18.29 45.14
CA ALA C 150 -4.12 17.34 44.70
C ALA C 150 -2.83 17.42 45.54
N GLU C 151 -2.29 16.27 45.89
CA GLU C 151 -1.12 16.19 46.74
C GLU C 151 0.13 16.43 45.93
N PRO C 152 1.07 17.21 46.47
CA PRO C 152 2.33 17.41 45.79
C PRO C 152 3.02 16.10 45.44
N GLY C 153 3.65 16.07 44.26
CA GLY C 153 4.31 14.87 43.79
C GLY C 153 3.41 13.87 43.08
N ALA C 154 2.10 14.01 43.23
CA ALA C 154 1.16 13.10 42.56
C ALA C 154 1.39 13.05 41.04
N VAL C 155 1.37 11.85 40.51
CA VAL C 155 1.57 11.61 39.10
C VAL C 155 0.28 11.07 38.49
N TYR C 156 -0.23 11.79 37.49
CA TYR C 156 -1.36 11.32 36.70
C TYR C 156 -0.87 10.77 35.36
N ASN C 157 -1.03 9.47 35.16
CA ASN C 157 -0.59 8.84 33.92
C ASN C 157 -1.58 9.07 32.81
N LEU C 158 -1.05 9.36 31.64
CA LEU C 158 -1.83 9.57 30.46
C LEU C 158 -1.45 8.51 29.46
N GLY C 159 -2.44 7.87 28.88
CA GLY C 159 -2.19 6.83 27.88
C GLY C 159 -3.27 6.67 26.85
N TYR C 160 -3.38 5.46 26.34
CA TYR C 160 -4.33 5.15 25.30
C TYR C 160 -5.15 3.90 25.63
N TYR C 161 -6.31 3.84 25.03
CA TYR C 161 -7.11 2.63 24.96
C TYR C 161 -7.25 2.20 23.48
N TYR C 162 -7.00 0.93 23.22
CA TYR C 162 -7.05 0.41 21.85
C TYR C 162 -8.38 -0.21 21.53
N ASN C 164 -10.52 -1.89 18.23
CA ASN C 164 -10.36 -2.56 16.93
C ASN C 164 -10.42 -1.61 15.72
N THR C 165 -11.31 -0.64 15.81
CA THR C 165 -11.54 0.33 14.73
C THR C 165 -10.70 1.61 14.78
N ASP C 166 -9.84 1.75 15.78
CA ASP C 166 -8.99 2.93 15.85
C ASP C 166 -7.97 2.96 14.73
N LEU C 167 -7.53 4.16 14.37
CA LEU C 167 -6.70 4.35 13.20
C LEU C 167 -5.55 5.30 13.43
N PHE C 168 -4.43 4.93 12.84
CA PHE C 168 -3.41 5.88 12.41
C PHE C 168 -2.82 5.33 11.12
N ILE C 169 -3.30 5.85 10.00
CA ILE C 169 -3.07 5.20 8.69
C ILE C 169 -2.82 6.16 7.54
N ASN C 170 -2.09 5.66 6.55
CA ASN C 170 -1.91 6.32 5.25
C ASN C 170 -3.05 5.98 4.31
N GLU C 171 -3.12 6.71 3.22
CA GLU C 171 -4.22 6.61 2.25
C GLU C 171 -4.30 5.21 1.65
N GLN C 172 -3.14 4.61 1.47
CA GLN C 172 -3.01 3.26 0.92
C GLN C 172 -3.33 2.18 1.93
N ASN C 173 -3.63 2.54 3.16
CA ASN C 173 -4.07 1.58 4.15
C ASN C 173 -3.09 0.42 4.34
N ILE C 174 -1.82 0.76 4.49
CA ILE C 174 -0.78 -0.24 4.74
C ILE C 174 -0.83 -0.73 6.21
N PRO C 175 -1.06 -2.04 6.42
CA PRO C 175 -1.22 -2.54 7.80
C PRO C 175 0.01 -2.40 8.69
N THR C 176 1.19 -2.58 8.12
CA THR C 176 2.44 -2.42 8.92
C THR C 176 2.64 -0.99 9.43
N TYR C 177 2.16 -0.02 8.67
CA TYR C 177 2.25 1.38 9.07
C TYR C 177 1.43 1.68 10.34
N GLN C 178 0.20 1.18 10.33
CA GLN C 178 -0.70 1.28 11.47
C GLN C 178 -0.11 0.57 12.68
N LYS C 179 0.41 -0.62 12.45
CA LYS C 179 0.99 -1.41 13.55
C LYS C 179 2.13 -0.64 14.22
N TYR C 180 3.02 -0.07 13.42
CA TYR C 180 4.16 0.62 13.97
C TYR C 180 3.70 1.74 14.89
N ALA C 181 2.77 2.53 14.38
CA ALA C 181 2.29 3.73 15.09
C ALA C 181 1.71 3.35 16.45
N PHE C 182 0.83 2.36 16.44
CA PHE C 182 0.15 1.96 17.66
C PHE C 182 1.05 1.22 18.62
N THR C 183 2.02 0.48 18.12
CA THR C 183 2.89 -0.29 19.00
C THR C 183 4.05 0.54 19.54
N HIS C 184 4.28 1.71 18.96
CA HIS C 184 5.38 2.59 19.42
C HIS C 184 4.89 3.87 20.08
N GLU C 186 3.78 6.51 22.83
CA GLU C 186 4.22 6.79 24.19
C GLU C 186 3.13 7.55 24.93
N GLY C 187 2.98 7.19 26.20
CA GLY C 187 2.08 7.89 27.08
C GLY C 187 2.67 9.19 27.57
N GLY C 188 2.02 9.75 28.57
CA GLY C 188 2.50 10.99 29.18
C GLY C 188 2.13 11.05 30.65
N THR C 189 2.35 12.22 31.22
CA THR C 189 2.09 12.42 32.60
C THR C 189 1.79 13.85 32.88
N ILE C 190 1.01 14.03 33.92
CA ILE C 190 0.96 15.29 34.63
C ILE C 190 1.45 15.01 36.05
N THR C 191 2.48 15.74 36.47
CA THR C 191 3.02 15.61 37.83
C THR C 191 2.71 16.88 38.64
N VAL C 192 2.18 16.70 39.84
CA VAL C 192 1.82 17.84 40.65
C VAL C 192 3.06 18.37 41.32
N GLU C 193 3.28 19.66 41.23
CA GLU C 193 4.54 20.24 41.75
C GLU C 193 4.68 20.04 43.24
N LEU C 194 5.92 20.07 43.70
CA LEU C 194 6.22 19.90 45.11
C LEU C 194 6.05 21.23 45.88
N GLU C 195 5.95 21.13 47.21
CA GLU C 195 5.87 22.31 48.11
C GLU C 195 7.07 23.22 47.97
N HIS C 196 6.85 24.53 48.10
CA HIS C 196 7.91 25.54 48.03
C HIS C 196 8.83 25.56 49.26
N HIS C 197 8.28 25.83 50.43
CA HIS C 197 9.09 25.83 51.67
C HIS C 197 8.22 25.47 52.90
N SER D 4 -23.45 -7.82 35.21
CA SER D 4 -24.44 -7.66 34.09
C SER D 4 -25.35 -6.42 34.25
N SER D 5 -24.99 -5.37 33.52
CA SER D 5 -25.87 -4.24 33.25
C SER D 5 -26.57 -4.53 31.91
N VAL D 6 -26.72 -5.83 31.63
CA VAL D 6 -27.15 -6.32 30.31
C VAL D 6 -28.65 -6.25 30.10
N THR D 7 -29.01 -5.64 28.98
CA THR D 7 -30.37 -5.20 28.66
C THR D 7 -30.42 -5.00 27.17
N ALA D 8 -31.44 -5.58 26.53
CA ALA D 8 -31.52 -5.64 25.09
C ALA D 8 -32.96 -5.45 24.66
N ASP D 9 -33.17 -4.63 23.63
CA ASP D 9 -34.43 -4.58 22.88
C ASP D 9 -34.16 -5.18 21.50
N LEU D 10 -34.59 -6.42 21.34
CA LEU D 10 -34.38 -7.17 20.10
C LEU D 10 -35.35 -6.75 19.02
N ASN D 11 -36.41 -6.04 19.41
CA ASN D 11 -37.39 -5.51 18.45
C ASN D 11 -37.10 -4.09 17.99
N ASN D 12 -36.37 -3.33 18.80
CA ASN D 12 -36.06 -1.92 18.47
C ASN D 12 -34.91 -1.85 17.48
N ALA D 13 -34.78 -0.78 16.68
CA ALA D 13 -33.69 -0.74 15.68
C ALA D 13 -32.33 -0.71 16.36
N VAL D 14 -32.28 -0.05 17.50
CA VAL D 14 -31.08 0.05 18.33
C VAL D 14 -31.21 -0.95 19.47
N ILE D 15 -30.30 -1.88 19.53
CA ILE D 15 -30.38 -2.94 20.53
C ILE D 15 -30.26 -2.41 21.96
N ASN D 16 -29.43 -1.39 22.15
CA ASN D 16 -29.23 -0.81 23.47
C ASN D 16 -29.92 0.54 23.57
N VAL D 17 -31.15 0.55 23.08
CA VAL D 17 -31.95 1.79 22.98
C VAL D 17 -32.10 2.55 24.32
N ASP D 18 -32.21 1.82 25.42
CA ASP D 18 -32.36 2.46 26.73
C ASP D 18 -31.11 3.25 27.09
N GLU D 19 -29.96 2.62 26.86
CA GLU D 19 -28.66 3.25 27.07
C GLU D 19 -28.58 4.53 26.23
N ASN D 21 -31.09 6.31 24.90
CA ASN D 21 -32.03 7.33 25.41
C ASN D 21 -31.50 8.02 26.66
N GLU D 22 -30.81 7.24 27.49
CA GLU D 22 -30.15 7.79 28.69
C GLU D 22 -29.10 8.83 28.29
N ALA D 23 -28.28 8.46 27.32
CA ALA D 23 -27.23 9.35 26.80
C ALA D 23 -27.78 10.68 26.26
N PHE D 24 -28.96 10.63 25.67
CA PHE D 24 -29.60 11.82 25.09
C PHE D 24 -30.60 12.52 26.01
N LYS D 25 -30.65 12.11 27.27
CA LYS D 25 -31.75 12.56 28.17
C LYS D 25 -31.79 14.08 28.41
N ASP D 26 -30.64 14.73 28.33
CA ASP D 26 -30.53 16.18 28.55
C ASP D 26 -30.56 17.02 27.28
N VAL D 27 -30.83 16.37 26.16
CA VAL D 27 -30.94 17.06 24.87
C VAL D 27 -32.41 17.10 24.48
N PRO D 28 -32.95 18.31 24.25
CA PRO D 28 -34.34 18.36 23.83
C PRO D 28 -34.53 17.83 22.42
N ASP D 29 -35.77 17.60 22.04
CA ASP D 29 -36.09 17.09 20.70
C ASP D 29 -35.89 18.21 19.72
N LEU D 30 -35.38 17.88 18.55
CA LEU D 30 -35.33 18.79 17.42
C LEU D 30 -36.77 19.16 17.13
N GLU D 31 -36.97 20.32 16.53
CA GLU D 31 -38.30 20.76 16.14
C GLU D 31 -38.22 21.33 14.71
N GLY D 32 -38.47 20.50 13.68
CA GLY D 32 -38.98 19.12 13.83
C GLY D 32 -38.21 17.95 13.24
N GLU D 33 -37.96 17.98 11.92
CA GLU D 33 -37.33 16.85 11.18
C GLU D 33 -36.14 17.41 10.38
N GLY D 34 -34.97 16.77 10.31
CA GLY D 34 -34.63 15.45 10.81
C GLY D 34 -34.14 14.52 9.69
N ALA D 35 -32.96 13.94 9.83
CA ALA D 35 -32.47 12.91 8.89
C ALA D 35 -33.07 11.53 9.21
N HIS D 36 -33.38 10.77 8.15
CA HIS D 36 -33.99 9.43 8.29
C HIS D 36 -33.06 8.36 7.77
N ILE D 37 -32.38 7.72 8.70
CA ILE D 37 -31.48 6.63 8.39
C ILE D 37 -32.22 5.30 8.38
N THR D 38 -31.97 4.49 7.37
CA THR D 38 -32.62 3.19 7.27
C THR D 38 -31.72 2.12 6.66
N LEU D 39 -31.99 0.87 7.05
CA LEU D 39 -31.41 -0.30 6.40
C LEU D 39 -32.48 -0.92 5.51
N SER D 40 -32.05 -1.80 4.61
CA SER D 40 -32.92 -2.41 3.62
C SER D 40 -33.64 -3.66 4.11
N ASN D 41 -34.72 -4.00 3.42
CA ASN D 41 -35.49 -5.21 3.69
C ASN D 41 -35.55 -6.02 2.42
N THR D 42 -34.77 -7.09 2.40
CA THR D 42 -34.59 -7.88 1.18
C THR D 42 -34.81 -9.37 1.43
N THR D 43 -34.92 -10.09 0.31
CA THR D 43 -35.09 -11.55 0.31
C THR D 43 -33.86 -12.18 -0.29
N ALA D 44 -33.51 -13.36 0.20
CA ALA D 44 -32.35 -14.08 -0.30
C ALA D 44 -32.52 -15.59 -0.27
N LYS D 45 -31.74 -16.29 -1.10
CA LYS D 45 -31.66 -17.75 -1.09
C LYS D 45 -30.67 -18.24 -0.05
N PRO D 46 -30.87 -19.46 0.49
CA PRO D 46 -29.86 -20.08 1.34
C PRO D 46 -28.55 -20.11 0.59
N GLY D 47 -27.47 -19.74 1.27
CA GLY D 47 -26.14 -19.73 0.66
C GLY D 47 -25.81 -18.51 -0.19
N GLU D 48 -26.76 -17.60 -0.33
CA GLU D 48 -26.55 -16.40 -1.15
C GLU D 48 -25.74 -15.30 -0.44
N ALA D 50 -25.99 -11.97 0.15
CA ALA D 50 -27.13 -11.06 0.17
C ALA D 50 -26.73 -9.61 0.34
N GLU D 51 -27.24 -8.75 -0.54
CA GLU D 51 -26.92 -7.32 -0.48
C GLU D 51 -27.76 -6.60 0.57
N VAL D 52 -27.08 -5.82 1.38
CA VAL D 52 -27.72 -4.96 2.39
C VAL D 52 -27.27 -3.52 2.22
N THR D 53 -28.25 -2.62 2.24
CA THR D 53 -28.00 -1.22 1.97
C THR D 53 -28.49 -0.33 3.09
N SER D 55 -29.18 3.54 3.90
CA SER D 55 -29.44 4.78 3.18
C SER D 55 -29.98 5.84 4.13
N VAL D 56 -30.03 7.07 3.64
CA VAL D 56 -30.56 8.18 4.42
C VAL D 56 -31.38 9.07 3.54
N SER D 57 -32.50 9.54 4.07
CA SER D 57 -33.31 10.52 3.35
C SER D 57 -33.45 11.80 4.18
N ASN D 58 -33.85 12.86 3.50
CA ASN D 58 -34.02 14.19 4.09
C ASN D 58 -32.74 14.70 4.78
N ALA D 59 -31.64 14.62 4.05
CA ALA D 59 -30.33 14.95 4.59
C ALA D 59 -29.39 15.67 3.63
N ASP D 60 -29.81 15.89 2.40
CA ASP D 60 -28.90 16.38 1.39
C ASP D 60 -28.33 17.72 1.84
N GLN D 62 -27.02 18.50 4.50
CA GLN D 62 -27.36 18.83 5.91
C GLN D 62 -26.38 18.27 6.96
N TRP D 63 -25.46 17.43 6.51
CA TRP D 63 -24.57 16.74 7.43
C TRP D 63 -23.13 16.66 6.92
N ASN D 64 -22.24 16.35 7.87
CA ASN D 64 -20.79 16.55 7.73
C ASN D 64 -19.99 15.27 7.99
N CYS D 66 -20.37 10.91 9.79
CA CYS D 66 -21.04 9.88 10.54
C CYS D 66 -20.07 8.84 10.99
N GLY D 67 -20.45 8.17 12.05
CA GLY D 67 -19.76 7.00 12.56
C GLY D 67 -20.86 6.13 13.13
N ILE D 68 -21.18 5.04 12.44
CA ILE D 68 -22.35 4.21 12.82
C ILE D 68 -22.01 2.73 12.93
N HIS D 69 -22.55 2.08 13.96
CA HIS D 69 -22.38 0.64 14.19
C HIS D 69 -23.60 -0.14 13.74
N ILE D 70 -23.40 -0.94 12.71
CA ILE D 70 -24.46 -1.81 12.18
C ILE D 70 -24.29 -3.21 12.76
N ILE D 71 -25.41 -3.76 13.19
CA ILE D 71 -25.41 -5.11 13.80
C ILE D 71 -26.38 -6.06 13.12
N TYR D 72 -26.11 -7.33 13.33
CA TYR D 72 -26.74 -8.40 12.59
C TYR D 72 -26.41 -9.70 13.30
N PRO D 73 -27.19 -10.78 13.06
CA PRO D 73 -26.86 -12.07 13.68
C PRO D 73 -25.48 -12.52 13.25
N ASP D 74 -24.69 -13.01 14.19
CA ASP D 74 -23.29 -13.31 13.89
C ASP D 74 -23.10 -14.55 12.99
N ILE D 75 -24.17 -15.29 12.77
CA ILE D 75 -24.10 -16.37 11.77
C ILE D 75 -23.96 -15.82 10.34
N LEU D 76 -24.37 -14.57 10.14
CA LEU D 76 -24.11 -13.88 8.88
C LEU D 76 -22.70 -13.38 8.88
N LYS D 77 -22.01 -13.57 7.76
CA LYS D 77 -20.61 -13.17 7.62
C LYS D 77 -20.44 -12.14 6.50
N PRO D 78 -20.05 -10.93 6.85
CA PRO D 78 -19.93 -9.93 5.81
C PRO D 78 -18.79 -10.18 4.84
N GLU D 79 -19.00 -9.78 3.61
CA GLU D 79 -17.95 -9.84 2.61
C GLU D 79 -16.81 -8.88 2.94
N LYS D 81 -12.96 -7.02 2.37
CA LYS D 81 -12.01 -6.43 1.45
C LYS D 81 -10.61 -6.95 1.78
N ASP D 82 -10.09 -6.57 2.95
CA ASP D 82 -8.84 -7.12 3.47
C ASP D 82 -9.09 -7.71 4.84
N PRO D 83 -9.26 -9.04 4.92
CA PRO D 83 -9.52 -9.70 6.19
C PRO D 83 -8.49 -9.35 7.24
N GLU D 84 -7.25 -9.24 6.82
CA GLU D 84 -6.16 -8.97 7.74
C GLU D 84 -6.36 -7.61 8.40
N GLU D 85 -6.90 -6.67 7.65
CA GLU D 85 -7.16 -5.35 8.18
C GLU D 85 -8.60 -5.19 8.68
N ARG D 86 -9.39 -6.26 8.58
CA ARG D 86 -10.81 -6.23 8.97
C ARG D 86 -11.60 -5.19 8.20
N THR D 87 -11.16 -4.86 7.01
CA THR D 87 -11.93 -3.95 6.16
C THR D 87 -13.05 -4.73 5.47
N VAL D 88 -14.23 -4.13 5.53
CA VAL D 88 -15.45 -4.71 4.99
C VAL D 88 -15.67 -4.16 3.60
N ALA D 89 -15.93 -5.03 2.64
CA ALA D 89 -16.21 -4.58 1.29
C ALA D 89 -17.54 -3.84 1.27
N PHE D 90 -17.58 -2.75 0.53
CA PHE D 90 -18.83 -2.02 0.36
C PHE D 90 -18.84 -1.26 -0.96
N GLN D 91 -20.05 -0.99 -1.44
CA GLN D 91 -20.22 -0.16 -2.61
C GLN D 91 -20.81 1.16 -2.14
N LYS D 92 -20.11 2.24 -2.43
CA LYS D 92 -20.53 3.52 -1.91
C LYS D 92 -21.64 4.05 -2.79
N GLY D 93 -22.66 4.59 -2.13
CA GLY D 93 -23.81 5.18 -2.82
C GLY D 93 -23.68 6.68 -2.99
N ASP D 94 -24.69 7.26 -3.62
CA ASP D 94 -24.70 8.69 -3.94
C ASP D 94 -24.62 9.57 -2.70
N ALA D 95 -25.16 9.09 -1.60
CA ALA D 95 -25.15 9.84 -0.34
C ALA D 95 -23.74 10.12 0.15
N LEU D 96 -22.80 9.27 -0.24
CA LEU D 96 -21.38 9.42 0.14
C LEU D 96 -20.51 9.85 -1.02
N GLU D 97 -21.12 10.26 -2.13
CA GLU D 97 -20.36 10.64 -3.30
C GLU D 97 -19.24 11.63 -2.98
N ALA D 98 -19.56 12.62 -2.17
CA ALA D 98 -18.64 13.74 -1.91
C ALA D 98 -17.71 13.52 -0.71
N ALA D 99 -17.77 12.35 -0.10
CA ALA D 99 -16.96 12.10 1.11
C ALA D 99 -15.48 12.25 0.82
N THR D 100 -14.78 12.93 1.71
CA THR D 100 -13.32 13.04 1.62
C THR D 100 -12.67 11.71 2.06
N GLY D 101 -13.32 10.99 2.94
CA GLY D 101 -12.85 9.69 3.38
C GLY D 101 -13.98 8.83 3.93
N ILE D 102 -13.86 7.53 3.70
CA ILE D 102 -14.82 6.56 4.21
C ILE D 102 -14.05 5.35 4.69
N VAL D 103 -14.41 4.82 5.86
CA VAL D 103 -13.83 3.57 6.35
C VAL D 103 -14.93 2.74 6.90
N CYS D 104 -14.76 1.44 6.72
CA CYS D 104 -15.73 0.45 7.13
C CYS D 104 -15.03 -0.80 7.63
N GLU D 106 -14.97 -4.31 10.47
CA GLU D 106 -15.68 -5.31 11.23
C GLU D 106 -15.10 -5.34 12.64
N TRP D 107 -15.99 -5.23 13.60
CA TRP D 107 -15.62 -5.34 15.00
C TRP D 107 -15.57 -6.82 15.36
N GLN D 108 -14.37 -7.33 15.59
CA GLN D 108 -14.16 -8.77 15.78
C GLN D 108 -13.91 -9.17 17.22
N GLU D 109 -13.13 -8.37 17.91
CA GLU D 109 -12.70 -8.72 19.25
C GLU D 109 -13.13 -7.64 20.23
N GLY D 110 -13.39 -8.06 21.45
CA GLY D 110 -13.74 -7.12 22.51
C GLY D 110 -15.10 -6.50 22.32
N LEU D 111 -16.02 -7.27 21.78
CA LEU D 111 -17.40 -6.85 21.63
C LEU D 111 -18.07 -6.79 22.99
N PRO D 112 -19.03 -5.87 23.14
CA PRO D 112 -19.68 -5.69 24.44
C PRO D 112 -20.71 -6.79 24.70
N PRO D 113 -21.00 -7.06 25.97
CA PRO D 113 -21.87 -8.16 26.35
C PRO D 113 -23.22 -8.16 25.64
N VAL D 114 -23.82 -6.99 25.51
CA VAL D 114 -25.12 -6.90 24.88
C VAL D 114 -25.10 -7.50 23.47
N LEU D 115 -23.96 -7.41 22.81
CA LEU D 115 -23.82 -8.01 21.48
C LEU D 115 -23.42 -9.48 21.55
N THR D 116 -22.41 -9.80 22.35
CA THR D 116 -21.92 -11.19 22.43
C THR D 116 -23.01 -12.13 22.94
N GLU D 117 -23.71 -11.67 23.96
CA GLU D 117 -24.74 -12.47 24.61
C GLU D 117 -25.95 -12.67 23.72
N ASN D 118 -26.20 -11.74 22.82
CA ASN D 118 -27.28 -11.90 21.83
C ASN D 118 -26.82 -12.41 20.46
N LYS D 119 -25.59 -12.90 20.41
CA LYS D 119 -24.98 -13.45 19.19
C LYS D 119 -25.08 -12.51 17.99
N LYS D 120 -24.66 -11.28 18.21
CA LYS D 120 -24.66 -10.27 17.18
C LYS D 120 -23.27 -9.99 16.69
N GLY D 121 -23.16 -9.79 15.40
CA GLY D 121 -21.92 -9.29 14.80
C GLY D 121 -22.09 -7.81 14.57
N CYS D 122 -20.99 -7.15 14.24
CA CYS D 122 -21.00 -5.69 14.11
C CYS D 122 -19.96 -5.17 13.13
N LEU D 123 -20.40 -4.21 12.33
CA LEU D 123 -19.44 -3.40 11.59
C LEU D 123 -19.69 -1.91 11.82
N PHE D 124 -18.64 -1.14 11.56
CA PHE D 124 -18.60 0.28 11.85
C PHE D 124 -18.32 1.04 10.57
N LEU D 125 -19.19 1.96 10.23
CA LEU D 125 -19.03 2.79 9.03
C LEU D 125 -18.82 4.23 9.47
N THR D 126 -17.70 4.82 9.06
CA THR D 126 -17.47 6.20 9.32
C THR D 126 -17.13 6.92 8.01
N ALA D 127 -17.73 8.09 7.83
CA ALA D 127 -17.51 8.89 6.61
C ALA D 127 -17.38 10.35 6.96
N PHE D 129 -16.87 14.47 5.42
CA PHE D 129 -17.06 15.40 4.31
C PHE D 129 -16.43 16.73 4.65
N SER D 130 -16.23 17.54 3.63
CA SER D 130 -15.74 18.88 3.84
C SER D 130 -16.93 19.80 3.97
N GLY D 131 -17.18 20.28 5.19
CA GLY D 131 -18.40 21.04 5.47
C GLY D 131 -19.63 20.13 5.33
N ASN D 132 -20.77 20.74 5.09
CA ASN D 132 -22.04 20.00 5.08
C ASN D 132 -22.39 19.47 3.70
N GLN D 133 -21.52 18.63 3.19
CA GLN D 133 -21.69 18.08 1.87
C GLN D 133 -22.16 16.65 1.87
N GLY D 134 -22.55 16.18 3.04
CA GLY D 134 -23.24 14.89 3.15
C GLY D 134 -24.43 14.88 2.20
N GLY D 135 -24.60 13.76 1.52
CA GLY D 135 -25.69 13.62 0.55
C GLY D 135 -26.87 12.85 1.09
N GLU D 136 -27.71 12.40 0.18
CA GLU D 136 -28.82 11.53 0.55
C GLU D 136 -29.01 10.40 -0.46
N GLY D 137 -29.84 9.43 -0.08
CA GLY D 137 -29.99 8.19 -0.81
C GLY D 137 -29.15 7.09 -0.19
N ASP D 138 -28.68 6.19 -1.02
CA ASP D 138 -27.85 5.09 -0.56
C ASP D 138 -26.51 5.59 -0.07
N ALA D 140 -24.23 3.10 1.66
CA ALA D 140 -23.33 1.98 1.43
C ALA D 140 -24.08 0.68 1.31
N THR D 141 -23.59 -0.16 0.43
CA THR D 141 -24.15 -1.48 0.21
C THR D 141 -23.11 -2.52 0.53
N PHE D 142 -23.51 -3.48 1.37
CA PHE D 142 -22.66 -4.57 1.83
C PHE D 142 -23.23 -5.87 1.32
N ARG D 143 -22.50 -6.94 1.57
CA ARG D 143 -22.96 -8.30 1.28
C ARG D 143 -22.67 -9.24 2.42
N PHE D 144 -23.66 -10.08 2.74
CA PHE D 144 -23.52 -11.06 3.81
C PHE D 144 -23.77 -12.45 3.30
N LYS D 145 -22.94 -13.38 3.73
CA LYS D 145 -23.15 -14.80 3.44
C LYS D 145 -24.33 -15.30 4.25
N VAL D 146 -25.40 -15.64 3.53
CA VAL D 146 -26.52 -16.35 4.14
C VAL D 146 -26.08 -17.80 4.24
N PRO D 147 -26.18 -18.40 5.43
CA PRO D 147 -25.72 -19.77 5.56
C PRO D 147 -26.37 -20.70 4.55
N ASP D 148 -25.58 -21.63 4.07
CA ASP D 148 -26.04 -22.61 3.07
C ASP D 148 -27.29 -23.35 3.54
N ASN D 149 -27.31 -23.70 4.82
CA ASN D 149 -28.42 -24.46 5.42
C ASN D 149 -29.59 -23.61 5.95
N ALA D 150 -29.63 -22.34 5.61
CA ALA D 150 -30.68 -21.46 6.14
C ALA D 150 -32.08 -21.97 5.80
N GLU D 151 -32.96 -21.93 6.79
CA GLU D 151 -34.33 -22.44 6.63
C GLU D 151 -35.18 -21.41 5.92
N PRO D 152 -36.02 -21.86 4.98
CA PRO D 152 -36.94 -20.94 4.32
C PRO D 152 -37.79 -20.17 5.32
N GLY D 153 -38.06 -18.90 5.01
CA GLY D 153 -38.83 -18.03 5.89
C GLY D 153 -38.04 -17.37 7.02
N ALA D 154 -36.83 -17.86 7.28
CA ALA D 154 -35.98 -17.27 8.32
C ALA D 154 -35.77 -15.78 8.08
N VAL D 155 -35.87 -15.03 9.17
CA VAL D 155 -35.72 -13.58 9.15
C VAL D 155 -34.48 -13.20 9.94
N TYR D 156 -33.56 -12.53 9.27
CA TYR D 156 -32.37 -11.97 9.94
C TYR D 156 -32.59 -10.47 10.16
N ASN D 157 -32.69 -10.05 11.42
CA ASN D 157 -32.86 -8.62 11.73
C ASN D 157 -31.56 -7.86 11.68
N LEU D 158 -31.65 -6.69 11.09
CA LEU D 158 -30.51 -5.80 10.96
C LEU D 158 -30.82 -4.55 11.74
N GLY D 159 -29.87 -4.12 12.57
CA GLY D 159 -30.04 -2.90 13.34
C GLY D 159 -28.74 -2.19 13.66
N TYR D 160 -28.78 -1.46 14.77
CA TYR D 160 -27.66 -0.67 15.20
C TYR D 160 -27.31 -0.91 16.64
N TYR D 161 -26.07 -0.59 16.96
CA TYR D 161 -25.58 -0.51 18.32
C TYR D 161 -25.10 0.92 18.57
N TYR D 162 -25.55 1.49 19.68
CA TYR D 162 -25.20 2.86 20.00
C TYR D 162 -23.98 2.92 20.91
N ASN D 164 -21.39 5.85 22.69
CA ASN D 164 -21.36 7.27 23.06
C ASN D 164 -20.70 8.18 22.03
N THR D 165 -19.65 7.70 21.41
CA THR D 165 -18.87 8.48 20.43
C THR D 165 -19.37 8.38 18.97
N ASP D 166 -20.42 7.62 18.73
CA ASP D 166 -20.95 7.52 17.38
C ASP D 166 -21.56 8.84 16.94
N LEU D 167 -21.59 9.04 15.63
CA LEU D 167 -21.96 10.32 15.05
C LEU D 167 -22.89 10.20 13.86
N PHE D 168 -23.83 11.12 13.82
CA PHE D 168 -24.42 11.59 12.59
C PHE D 168 -24.68 13.08 12.77
N ILE D 169 -23.78 13.89 12.27
CA ILE D 169 -23.76 15.31 12.64
C ILE D 169 -23.41 16.28 11.50
N ASN D 170 -23.89 17.51 11.66
CA ASN D 170 -23.51 18.63 10.81
C ASN D 170 -22.23 19.26 11.32
N GLU D 171 -21.66 20.13 10.48
CA GLU D 171 -20.40 20.77 10.77
C GLU D 171 -20.44 21.57 12.07
N GLN D 172 -21.60 22.18 12.31
CA GLN D 172 -21.84 23.01 13.49
C GLN D 172 -22.11 22.21 14.73
N ASN D 173 -22.13 20.89 14.61
CA ASN D 173 -22.25 20.02 15.77
C ASN D 173 -23.48 20.27 16.63
N ILE D 174 -24.62 20.38 15.98
CA ILE D 174 -25.86 20.68 16.69
C ILE D 174 -26.38 19.43 17.37
N PRO D 175 -26.51 19.46 18.71
CA PRO D 175 -26.90 18.23 19.42
C PRO D 175 -28.29 17.66 19.05
N THR D 176 -29.25 18.54 18.82
CA THR D 176 -30.62 18.09 18.45
C THR D 176 -30.66 17.38 17.10
N TYR D 177 -29.76 17.77 16.21
CA TYR D 177 -29.65 17.15 14.89
C TYR D 177 -29.19 15.68 15.01
N GLN D 178 -28.15 15.47 15.80
CA GLN D 178 -27.65 14.13 16.12
C GLN D 178 -28.74 13.29 16.79
N LYS D 179 -29.42 13.87 17.76
CA LYS D 179 -30.46 13.15 18.51
C LYS D 179 -31.56 12.67 17.57
N TYR D 180 -32.01 13.56 16.69
CA TYR D 180 -33.07 13.18 15.76
C TYR D 180 -32.67 11.95 14.92
N ALA D 181 -31.48 12.03 14.35
CA ALA D 181 -30.98 11.00 13.45
C ALA D 181 -30.96 9.64 14.14
N PHE D 182 -30.37 9.62 15.32
CA PHE D 182 -30.18 8.37 16.04
C PHE D 182 -31.46 7.84 16.63
N THR D 183 -32.38 8.73 17.00
CA THR D 183 -33.63 8.28 17.59
C THR D 183 -34.69 7.88 16.56
N HIS D 184 -34.46 8.23 15.30
CA HIS D 184 -35.42 7.91 14.23
C HIS D 184 -34.89 6.89 13.23
N GLU D 186 -34.08 3.48 11.35
CA GLU D 186 -34.84 2.24 11.12
C GLU D 186 -33.91 1.10 10.78
N GLY D 187 -34.24 -0.07 11.31
CA GLY D 187 -33.51 -1.29 11.02
C GLY D 187 -33.91 -1.87 9.67
N GLY D 188 -33.49 -3.11 9.45
CA GLY D 188 -33.78 -3.80 8.22
C GLY D 188 -33.87 -5.29 8.44
N THR D 189 -33.96 -6.01 7.33
CA THR D 189 -34.08 -7.47 7.39
C THR D 189 -33.53 -8.10 6.14
N ILE D 190 -33.05 -9.32 6.33
CA ILE D 190 -32.90 -10.27 5.24
C ILE D 190 -33.82 -11.44 5.54
N THR D 191 -34.68 -11.72 4.59
CA THR D 191 -35.67 -12.75 4.71
C THR D 191 -35.31 -13.89 3.74
N VAL D 192 -35.20 -15.10 4.27
CA VAL D 192 -34.75 -16.23 3.45
C VAL D 192 -35.94 -16.91 2.70
N GLU D 193 -35.71 -17.27 1.45
CA GLU D 193 -36.54 -18.37 0.90
C GLU D 193 -36.24 -18.84 -0.50
N LEU D 194 -36.26 -20.16 -0.69
CA LEU D 194 -36.39 -20.82 -2.01
C LEU D 194 -37.65 -20.33 -2.74
N VAL E 6 -6.42 -45.41 -7.81
CA VAL E 6 -6.38 -44.75 -6.45
C VAL E 6 -5.37 -45.44 -5.49
N THR E 7 -4.17 -45.73 -6.02
CA THR E 7 -3.10 -46.41 -5.25
C THR E 7 -2.62 -45.49 -4.16
N ALA E 8 -2.44 -46.04 -2.97
CA ALA E 8 -1.92 -45.33 -1.81
C ALA E 8 -0.94 -46.21 -1.06
N ASP E 9 0.20 -45.65 -0.69
CA ASP E 9 1.11 -46.24 0.29
C ASP E 9 1.02 -45.39 1.56
N LEU E 10 0.28 -45.91 2.53
CA LEU E 10 0.03 -45.22 3.80
C LEU E 10 1.22 -45.33 4.73
N ASN E 11 2.14 -46.24 4.43
CA ASN E 11 3.38 -46.39 5.21
C ASN E 11 4.57 -45.61 4.65
N ASN E 12 4.53 -45.29 3.37
CA ASN E 12 5.63 -44.57 2.72
C ASN E 12 5.53 -43.08 3.02
N ALA E 13 6.63 -42.32 2.97
CA ALA E 13 6.55 -40.88 3.27
C ALA E 13 5.68 -40.16 2.25
N VAL E 14 5.77 -40.62 1.00
CA VAL E 14 4.99 -40.08 -0.11
C VAL E 14 3.82 -41.02 -0.36
N ILE E 15 2.63 -40.50 -0.21
CA ILE E 15 1.43 -41.34 -0.33
C ILE E 15 1.27 -41.91 -1.72
N ASN E 16 1.63 -41.13 -2.73
CA ASN E 16 1.52 -41.57 -4.13
C ASN E 16 2.89 -41.87 -4.70
N VAL E 17 3.67 -42.59 -3.90
CA VAL E 17 5.04 -42.94 -4.23
C VAL E 17 5.21 -43.63 -5.62
N ASP E 18 4.26 -44.47 -6.01
CA ASP E 18 4.35 -45.19 -7.29
C ASP E 18 4.26 -44.23 -8.46
N GLU E 19 3.31 -43.31 -8.34
CA GLU E 19 3.15 -42.22 -9.32
C GLU E 19 4.45 -41.43 -9.42
N ASN E 21 7.57 -42.36 -8.51
CA ASN E 21 8.63 -43.18 -9.13
C ASN E 21 8.46 -43.29 -10.65
N GLU E 22 7.21 -43.36 -11.08
CA GLU E 22 6.88 -43.36 -12.51
C GLU E 22 7.39 -42.07 -13.15
N ALA E 23 7.10 -40.95 -12.50
CA ALA E 23 7.49 -39.63 -13.01
C ALA E 23 8.99 -39.49 -13.16
N PHE E 24 9.73 -40.12 -12.26
CA PHE E 24 11.20 -40.07 -12.27
C PHE E 24 11.88 -41.23 -13.01
N LYS E 25 11.10 -42.05 -13.72
CA LYS E 25 11.64 -43.33 -14.23
C LYS E 25 12.79 -43.16 -15.23
N ASP E 26 12.78 -42.03 -15.94
CA ASP E 26 13.80 -41.76 -16.98
C ASP E 26 14.97 -40.88 -16.50
N VAL E 27 15.01 -40.64 -15.20
CA VAL E 27 16.09 -39.89 -14.59
C VAL E 27 16.95 -40.84 -13.80
N PRO E 28 18.25 -40.88 -14.10
CA PRO E 28 19.10 -41.78 -13.34
C PRO E 28 19.31 -41.27 -11.92
N ASP E 29 19.85 -42.12 -11.06
CA ASP E 29 20.12 -41.74 -9.67
C ASP E 29 21.33 -40.83 -9.65
N LEU E 30 21.42 -39.86 -8.74
CA LEU E 30 22.81 -39.33 -8.49
C LEU E 30 23.52 -40.37 -7.57
N GLU E 31 24.83 -40.36 -7.68
CA GLU E 31 25.68 -41.06 -6.75
C GLU E 31 26.47 -39.91 -6.18
N GLY E 32 26.55 -39.75 -4.87
CA GLY E 32 25.77 -40.52 -3.94
C GLY E 32 24.61 -39.76 -3.35
N GLU E 33 24.85 -38.58 -2.79
CA GLU E 33 23.78 -37.81 -2.15
C GLU E 33 24.13 -36.34 -2.25
N GLY E 34 23.21 -35.38 -2.11
CA GLY E 34 21.79 -35.53 -1.89
C GLY E 34 21.24 -34.75 -0.70
N ALA E 35 20.18 -33.98 -0.90
CA ALA E 35 19.48 -33.29 0.21
C ALA E 35 18.53 -34.23 0.96
N HIS E 36 18.46 -34.06 2.29
CA HIS E 36 17.61 -34.90 3.15
C HIS E 36 16.52 -34.09 3.81
N ILE E 37 15.34 -34.19 3.23
CA ILE E 37 14.17 -33.51 3.74
C ILE E 37 13.45 -34.38 4.76
N THR E 38 13.07 -33.79 5.88
CA THR E 38 12.36 -34.53 6.92
C THR E 38 11.31 -33.69 7.66
N LEU E 39 10.29 -34.39 8.14
CA LEU E 39 9.33 -33.82 9.08
C LEU E 39 9.67 -34.32 10.48
N SER E 40 9.11 -33.67 11.47
CA SER E 40 9.41 -33.95 12.89
C SER E 40 8.55 -35.06 13.49
N ASN E 41 9.03 -35.61 14.60
CA ASN E 41 8.32 -36.64 15.35
C ASN E 41 8.18 -36.16 16.76
N THR E 42 6.98 -35.73 17.09
CA THR E 42 6.73 -35.07 18.36
C THR E 42 5.56 -35.69 19.10
N THR E 43 5.45 -35.30 20.36
CA THR E 43 4.36 -35.74 21.23
C THR E 43 3.51 -34.54 21.59
N ALA E 44 2.22 -34.75 21.77
CA ALA E 44 1.29 -33.69 22.12
C ALA E 44 0.15 -34.16 23.01
N LYS E 45 -0.45 -33.21 23.73
CA LYS E 45 -1.65 -33.45 24.56
C LYS E 45 -2.90 -33.34 23.71
N PRO E 46 -3.98 -34.04 24.09
CA PRO E 46 -5.27 -33.86 23.42
C PRO E 46 -5.64 -32.39 23.51
N GLY E 47 -6.12 -31.84 22.40
CA GLY E 47 -6.50 -30.42 22.36
C GLY E 47 -5.36 -29.42 22.19
N GLU E 48 -4.13 -29.92 22.13
CA GLU E 48 -2.95 -29.05 21.96
C GLU E 48 -2.74 -28.57 20.51
N ALA E 50 -0.19 -28.40 18.29
CA ALA E 50 1.07 -29.15 18.17
C ALA E 50 1.98 -28.63 17.09
N GLU E 51 3.23 -28.37 17.45
CA GLU E 51 4.21 -27.85 16.51
C GLU E 51 4.77 -28.95 15.64
N VAL E 52 4.78 -28.71 14.34
CA VAL E 52 5.39 -29.61 13.36
C VAL E 52 6.41 -28.85 12.52
N THR E 53 7.56 -29.46 12.33
CA THR E 53 8.67 -28.81 11.66
C THR E 53 9.18 -29.63 10.51
N SER E 55 12.31 -29.84 8.01
CA SER E 55 13.70 -29.40 7.95
C SER E 55 14.45 -30.15 6.86
N VAL E 56 15.64 -29.66 6.53
CA VAL E 56 16.48 -30.27 5.50
C VAL E 56 17.93 -30.26 5.94
N SER E 57 18.62 -31.36 5.69
CA SER E 57 20.04 -31.42 5.98
C SER E 57 20.82 -31.75 4.72
N ASN E 58 22.11 -31.46 4.77
CA ASN E 58 23.04 -31.65 3.66
C ASN E 58 22.58 -30.87 2.40
N ALA E 59 22.27 -29.60 2.58
CA ALA E 59 21.73 -28.77 1.50
C ALA E 59 22.23 -27.32 1.50
N ASP E 60 23.05 -26.95 2.46
CA ASP E 60 23.43 -25.54 2.60
C ASP E 60 24.06 -25.03 1.30
N GLN E 62 23.07 -25.25 -1.63
CA GLN E 62 22.94 -26.21 -2.78
C GLN E 62 21.68 -26.12 -3.58
N TRP E 63 20.74 -25.32 -3.11
CA TRP E 63 19.42 -25.26 -3.72
C TRP E 63 18.90 -23.84 -3.81
N ASN E 64 17.88 -23.71 -4.65
CA ASN E 64 17.43 -22.43 -5.17
C ASN E 64 15.93 -22.17 -4.94
N CYS E 66 11.93 -24.41 -3.71
CA CYS E 66 11.13 -25.59 -3.47
C CYS E 66 9.66 -25.25 -3.57
N GLY E 67 8.89 -26.29 -3.83
CA GLY E 67 7.44 -26.26 -3.81
C GLY E 67 7.04 -27.66 -3.36
N ILE E 68 6.58 -27.78 -2.12
CA ILE E 68 6.34 -29.09 -1.51
C ILE E 68 4.96 -29.21 -0.87
N HIS E 69 4.30 -30.35 -1.08
CA HIS E 69 2.97 -30.63 -0.53
C HIS E 69 3.09 -31.52 0.69
N ILE E 70 2.75 -30.97 1.83
CA ILE E 70 2.74 -31.71 3.11
C ILE E 70 1.33 -32.20 3.40
N ILE E 71 1.23 -33.48 3.76
CA ILE E 71 -0.08 -34.09 4.08
C ILE E 71 -0.14 -34.71 5.47
N TYR E 72 -1.37 -34.88 5.92
CA TYR E 72 -1.65 -35.21 7.32
C TYR E 72 -3.12 -35.62 7.38
N PRO E 73 -3.52 -36.36 8.44
CA PRO E 73 -4.94 -36.66 8.61
C PRO E 73 -5.78 -35.40 8.68
N ASP E 74 -6.89 -35.38 7.98
CA ASP E 74 -7.69 -34.14 7.87
C ASP E 74 -8.42 -33.77 9.15
N ILE E 75 -8.44 -34.66 10.13
CA ILE E 75 -8.95 -34.27 11.46
C ILE E 75 -8.05 -33.25 12.14
N LEU E 76 -6.79 -33.21 11.74
CA LEU E 76 -5.88 -32.16 12.20
C LEU E 76 -6.13 -30.91 11.39
N LYS E 77 -6.18 -29.77 12.06
CA LYS E 77 -6.47 -28.49 11.42
C LYS E 77 -5.30 -27.52 11.63
N PRO E 78 -4.64 -27.14 10.55
CA PRO E 78 -3.49 -26.26 10.72
C PRO E 78 -3.85 -24.85 11.15
N GLU E 79 -2.97 -24.25 11.93
CA GLU E 79 -3.14 -22.86 12.37
C GLU E 79 -3.06 -21.94 11.15
N LYS E 81 -3.22 -18.13 9.14
CA LYS E 81 -2.87 -16.73 9.18
C LYS E 81 -4.09 -15.92 8.73
N ASP E 82 -4.44 -16.07 7.47
CA ASP E 82 -5.66 -15.48 6.92
C ASP E 82 -6.51 -16.60 6.30
N PRO E 83 -7.51 -17.10 7.06
CA PRO E 83 -8.41 -18.13 6.54
C PRO E 83 -8.99 -17.80 5.17
N GLU E 84 -9.36 -16.54 4.99
CA GLU E 84 -9.98 -16.14 3.72
C GLU E 84 -9.01 -16.34 2.57
N GLU E 85 -7.73 -16.13 2.85
CA GLU E 85 -6.64 -16.24 1.84
C GLU E 85 -6.06 -17.66 1.87
N ARG E 86 -6.57 -18.51 2.77
CA ARG E 86 -6.06 -19.90 2.88
C ARG E 86 -4.53 -19.87 3.22
N THR E 87 -4.03 -18.77 3.80
CA THR E 87 -2.62 -18.72 4.22
C THR E 87 -2.44 -19.39 5.59
N VAL E 88 -1.43 -20.24 5.66
CA VAL E 88 -1.14 -21.05 6.82
C VAL E 88 -0.07 -20.35 7.62
N ALA E 89 -0.30 -20.22 8.93
CA ALA E 89 0.69 -19.61 9.80
C ALA E 89 1.92 -20.51 9.92
N PHE E 90 3.10 -19.89 9.88
CA PHE E 90 4.33 -20.65 10.02
C PHE E 90 5.43 -19.79 10.56
N GLN E 91 6.38 -20.45 11.18
CA GLN E 91 7.57 -19.78 11.63
C GLN E 91 8.73 -20.24 10.75
N LYS E 92 9.39 -19.28 10.11
CA LYS E 92 10.43 -19.65 9.18
C LYS E 92 11.70 -19.97 9.94
N GLY E 93 12.37 -21.03 9.53
CA GLY E 93 13.63 -21.46 10.13
C GLY E 93 14.84 -20.95 9.37
N ASP E 94 16.02 -21.29 9.88
CA ASP E 94 17.30 -20.83 9.33
C ASP E 94 17.50 -21.26 7.89
N ALA E 95 16.95 -22.41 7.53
CA ALA E 95 17.08 -22.93 6.16
C ALA E 95 16.47 -22.00 5.13
N LEU E 96 15.49 -21.20 5.56
CA LEU E 96 14.82 -20.22 4.68
C LEU E 96 15.21 -18.78 4.98
N GLU E 97 16.23 -18.58 5.80
CA GLU E 97 16.60 -17.22 6.22
C GLU E 97 16.76 -16.30 5.02
N ALA E 98 17.40 -16.81 3.97
CA ALA E 98 17.79 -15.98 2.83
C ALA E 98 16.74 -15.94 1.70
N ALA E 99 15.59 -16.56 1.90
CA ALA E 99 14.57 -16.62 0.86
C ALA E 99 14.11 -15.23 0.44
N THR E 100 13.99 -15.02 -0.87
CA THR E 100 13.42 -13.77 -1.40
C THR E 100 11.90 -13.76 -1.24
N GLY E 101 11.30 -14.94 -1.25
CA GLY E 101 9.86 -15.07 -1.01
C GLY E 101 9.49 -16.46 -0.54
N ILE E 102 8.45 -16.51 0.29
CA ILE E 102 7.93 -17.75 0.81
C ILE E 102 6.44 -17.63 0.82
N VAL E 103 5.75 -18.67 0.40
CA VAL E 103 4.31 -18.71 0.57
C VAL E 103 3.89 -20.10 1.00
N CYS E 104 2.84 -20.15 1.80
CA CYS E 104 2.35 -21.38 2.40
C CYS E 104 0.84 -21.35 2.48
N GLU E 106 -3.05 -23.63 2.34
CA GLU E 106 -3.82 -24.83 2.58
C GLU E 106 -4.63 -25.15 1.34
N TRP E 107 -4.49 -26.38 0.89
CA TRP E 107 -5.27 -26.87 -0.23
C TRP E 107 -6.62 -27.34 0.31
N GLN E 108 -7.67 -26.60 -0.02
CA GLN E 108 -9.01 -26.84 0.55
C GLN E 108 -9.99 -27.50 -0.40
N GLU E 109 -9.95 -27.10 -1.64
CA GLU E 109 -10.93 -27.56 -2.61
C GLU E 109 -10.22 -28.22 -3.77
N GLY E 110 -10.89 -29.19 -4.36
CA GLY E 110 -10.38 -29.87 -5.54
C GLY E 110 -9.17 -30.72 -5.24
N LEU E 111 -9.16 -31.32 -4.06
CA LEU E 111 -8.12 -32.27 -3.70
C LEU E 111 -8.26 -33.54 -4.52
N PRO E 112 -7.14 -34.20 -4.81
CA PRO E 112 -7.19 -35.41 -5.60
C PRO E 112 -7.70 -36.61 -4.81
N PRO E 113 -8.24 -37.62 -5.51
CA PRO E 113 -8.90 -38.75 -4.86
C PRO E 113 -8.01 -39.45 -3.84
N VAL E 114 -6.73 -39.61 -4.18
CA VAL E 114 -5.83 -40.30 -3.29
C VAL E 114 -5.78 -39.63 -1.91
N LEU E 115 -5.99 -38.32 -1.87
CA LEU E 115 -6.04 -37.61 -0.60
C LEU E 115 -7.44 -37.63 0.03
N THR E 116 -8.47 -37.33 -0.77
CA THR E 116 -9.83 -37.27 -0.23
C THR E 116 -10.27 -38.62 0.30
N GLU E 117 -9.97 -39.65 -0.46
CA GLU E 117 -10.37 -41.01 -0.11
C GLU E 117 -9.64 -41.56 1.10
N ASN E 118 -8.43 -41.07 1.35
CA ASN E 118 -7.69 -41.43 2.56
C ASN E 118 -7.80 -40.42 3.71
N LYS E 119 -8.76 -39.49 3.57
CA LYS E 119 -9.02 -38.44 4.57
C LYS E 119 -7.77 -37.67 4.96
N LYS E 120 -7.06 -37.19 3.95
CA LYS E 120 -5.85 -36.42 4.16
C LYS E 120 -6.10 -34.96 3.88
N GLY E 121 -5.51 -34.12 4.69
CA GLY E 121 -5.45 -32.69 4.41
C GLY E 121 -4.10 -32.39 3.79
N CYS E 122 -3.96 -31.18 3.26
CA CYS E 122 -2.73 -30.80 2.57
C CYS E 122 -2.42 -29.33 2.60
N LEU E 123 -1.15 -29.02 2.81
CA LEU E 123 -0.66 -27.67 2.59
C LEU E 123 0.55 -27.68 1.69
N PHE E 124 0.78 -26.53 1.08
CA PHE E 124 1.79 -26.36 0.05
C PHE E 124 2.74 -25.27 0.49
N LEU E 125 4.02 -25.58 0.54
CA LEU E 125 5.06 -24.62 0.90
C LEU E 125 5.97 -24.38 -0.29
N THR E 126 6.06 -23.14 -0.71
CA THR E 126 6.97 -22.81 -1.78
C THR E 126 7.88 -21.67 -1.33
N ALA E 127 9.17 -21.79 -1.64
CA ALA E 127 10.16 -20.77 -1.28
C ALA E 127 11.14 -20.55 -2.40
N PHE E 129 14.81 -18.44 -3.71
CA PHE E 129 16.06 -17.77 -3.32
C PHE E 129 16.71 -17.18 -4.56
N SER E 130 17.65 -16.28 -4.31
CA SER E 130 18.43 -15.71 -5.39
C SER E 130 19.66 -16.56 -5.57
N GLY E 131 19.70 -17.32 -6.65
CA GLY E 131 20.77 -18.30 -6.85
C GLY E 131 20.66 -19.41 -5.82
N ASN E 132 21.77 -20.08 -5.56
CA ASN E 132 21.76 -21.25 -4.68
C ASN E 132 22.02 -20.90 -3.23
N GLN E 133 21.13 -20.09 -2.68
CA GLN E 133 21.28 -19.61 -1.30
C GLN E 133 20.35 -20.31 -0.34
N GLY E 134 19.71 -21.35 -0.82
CA GLY E 134 18.95 -22.23 0.05
C GLY E 134 19.84 -22.68 1.20
N GLY E 135 19.28 -22.67 2.39
CA GLY E 135 20.00 -23.04 3.59
C GLY E 135 19.66 -24.43 4.06
N GLU E 136 20.01 -24.67 5.32
CA GLU E 136 19.80 -25.95 5.93
C GLU E 136 19.35 -25.83 7.35
N GLY E 137 18.83 -26.93 7.88
CA GLY E 137 18.17 -26.93 9.18
C GLY E 137 16.66 -26.83 9.03
N ASP E 138 16.03 -26.18 10.00
CA ASP E 138 14.60 -25.99 9.97
C ASP E 138 14.19 -25.07 8.84
N ALA E 140 10.50 -24.69 8.12
CA ALA E 140 9.27 -24.07 8.59
C ALA E 140 8.63 -24.88 9.67
N THR E 141 8.04 -24.17 10.61
CA THR E 141 7.32 -24.78 11.70
C THR E 141 5.88 -24.35 11.63
N PHE E 142 4.99 -25.33 11.67
CA PHE E 142 3.54 -25.13 11.67
C PHE E 142 2.96 -25.59 12.98
N ARG E 143 1.66 -25.37 13.12
CA ARG E 143 0.92 -25.86 14.27
C ARG E 143 -0.40 -26.45 13.83
N PHE E 144 -0.72 -27.60 14.41
CA PHE E 144 -1.98 -28.30 14.14
C PHE E 144 -2.78 -28.48 15.42
N LYS E 145 -4.08 -28.24 15.32
CA LYS E 145 -5.00 -28.56 16.40
C LYS E 145 -5.14 -30.06 16.52
N VAL E 146 -4.64 -30.59 17.62
CA VAL E 146 -4.92 -31.97 18.00
C VAL E 146 -6.33 -31.99 18.59
N PRO E 147 -7.21 -32.86 18.07
CA PRO E 147 -8.57 -32.85 18.60
C PRO E 147 -8.63 -32.99 20.11
N ASP E 148 -9.57 -32.29 20.72
CA ASP E 148 -9.76 -32.29 22.18
C ASP E 148 -9.94 -33.70 22.72
N ASN E 149 -10.70 -34.51 21.98
CA ASN E 149 -11.00 -35.89 22.39
C ASN E 149 -9.97 -36.95 21.96
N ALA E 150 -8.80 -36.54 21.48
CA ALA E 150 -7.81 -37.50 20.97
C ALA E 150 -7.42 -38.52 22.03
N GLU E 151 -7.34 -39.78 21.62
CA GLU E 151 -7.04 -40.87 22.55
C GLU E 151 -5.54 -40.93 22.79
N PRO E 152 -5.14 -41.15 24.05
CA PRO E 152 -3.73 -41.33 24.37
C PRO E 152 -3.09 -42.42 23.53
N GLY E 153 -1.86 -42.20 23.12
CA GLY E 153 -1.14 -43.13 22.22
C GLY E 153 -1.42 -43.00 20.74
N ALA E 154 -2.48 -42.28 20.38
CA ALA E 154 -2.81 -42.09 18.96
C ALA E 154 -1.65 -41.48 18.19
N VAL E 155 -1.41 -42.01 17.00
CA VAL E 155 -0.32 -41.56 16.14
C VAL E 155 -0.89 -40.93 14.88
N TYR E 156 -0.54 -39.69 14.63
CA TYR E 156 -0.91 -38.99 13.38
C TYR E 156 0.31 -38.97 12.46
N ASN E 157 0.21 -39.68 11.33
CA ASN E 157 1.32 -39.69 10.34
C ASN E 157 1.35 -38.45 9.47
N LEU E 158 2.55 -37.94 9.27
CA LEU E 158 2.80 -36.75 8.45
C LEU E 158 3.67 -37.16 7.28
N GLY E 159 3.24 -36.76 6.09
CA GLY E 159 4.00 -37.08 4.88
C GLY E 159 3.85 -36.08 3.77
N TYR E 160 4.03 -36.56 2.55
CA TYR E 160 4.00 -35.73 1.38
C TYR E 160 3.09 -36.30 0.31
N TYR E 161 2.64 -35.40 -0.55
CA TYR E 161 1.98 -35.73 -1.80
C TYR E 161 2.81 -35.19 -2.96
N TYR E 162 3.06 -36.03 -3.94
CA TYR E 162 3.89 -35.63 -5.06
C TYR E 162 3.04 -35.15 -6.22
N ASN E 164 3.53 -33.43 -10.13
CA ASN E 164 4.52 -33.29 -11.19
C ASN E 164 5.33 -32.00 -11.15
N THR E 165 4.68 -30.91 -10.80
CA THR E 165 5.29 -29.57 -10.80
C THR E 165 5.96 -29.18 -9.50
N ASP E 166 5.94 -30.06 -8.51
CA ASP E 166 6.63 -29.78 -7.25
C ASP E 166 8.13 -29.73 -7.44
N LEU E 167 8.80 -28.99 -6.56
CA LEU E 167 10.21 -28.67 -6.73
C LEU E 167 11.00 -28.81 -5.44
N PHE E 168 12.19 -29.35 -5.60
CA PHE E 168 13.30 -29.06 -4.73
C PHE E 168 14.54 -29.06 -5.59
N ILE E 169 14.98 -27.88 -5.99
CA ILE E 169 15.95 -27.76 -7.08
C ILE E 169 17.01 -26.66 -6.90
N ASN E 170 18.16 -26.87 -7.53
CA ASN E 170 19.18 -25.86 -7.66
C ASN E 170 18.90 -24.96 -8.85
N GLU E 171 19.64 -23.86 -8.92
CA GLU E 171 19.48 -22.86 -9.96
C GLU E 171 19.68 -23.43 -11.36
N GLN E 172 20.61 -24.37 -11.47
CA GLN E 172 20.94 -25.04 -12.72
C GLN E 172 19.95 -26.12 -13.09
N ASN E 173 18.96 -26.34 -12.25
CA ASN E 173 17.88 -27.26 -12.61
C ASN E 173 18.32 -28.66 -12.94
N ILE E 174 19.18 -29.21 -12.11
CA ILE E 174 19.74 -30.54 -12.34
C ILE E 174 18.72 -31.61 -11.97
N PRO E 175 18.29 -32.45 -12.93
CA PRO E 175 17.22 -33.40 -12.63
C PRO E 175 17.55 -34.43 -11.53
N THR E 176 18.79 -34.90 -11.51
CA THR E 176 19.19 -35.91 -10.51
C THR E 176 19.15 -35.35 -9.09
N TYR E 177 19.37 -34.04 -8.96
CA TYR E 177 19.30 -33.37 -7.67
C TYR E 177 17.89 -33.39 -7.10
N GLN E 178 16.94 -33.02 -7.95
CA GLN E 178 15.51 -33.07 -7.61
C GLN E 178 15.07 -34.49 -7.27
N LYS E 179 15.51 -35.45 -8.06
CA LYS E 179 15.14 -36.85 -7.82
C LYS E 179 15.61 -37.32 -6.45
N TYR E 180 16.86 -37.02 -6.14
CA TYR E 180 17.39 -37.46 -4.86
C TYR E 180 16.52 -36.94 -3.71
N ALA E 181 16.24 -35.65 -3.75
CA ALA E 181 15.54 -34.97 -2.65
C ALA E 181 14.18 -35.59 -2.41
N PHE E 182 13.45 -35.77 -3.50
CA PHE E 182 12.09 -36.30 -3.42
C PHE E 182 12.05 -37.78 -3.11
N THR E 183 13.05 -38.52 -3.56
CA THR E 183 13.06 -39.96 -3.29
C THR E 183 13.61 -40.33 -1.91
N HIS E 184 14.26 -39.38 -1.25
CA HIS E 184 14.83 -39.62 0.08
C HIS E 184 14.16 -38.89 1.23
N GLU E 186 11.74 -37.93 4.27
CA GLU E 186 11.19 -38.66 5.40
C GLU E 186 9.98 -37.96 5.95
N GLY E 187 9.01 -38.78 6.35
CA GLY E 187 7.78 -38.26 6.97
C GLY E 187 8.01 -37.95 8.43
N GLY E 188 6.92 -37.74 9.14
CA GLY E 188 6.96 -37.47 10.56
C GLY E 188 5.72 -37.96 11.27
N THR E 189 5.60 -37.60 12.53
CA THR E 189 4.48 -38.02 13.35
C THR E 189 4.19 -37.03 14.44
N ILE E 190 2.92 -37.01 14.81
CA ILE E 190 2.49 -36.47 16.09
C ILE E 190 1.89 -37.63 16.87
N THR E 191 2.44 -37.88 18.06
CA THR E 191 1.93 -38.92 18.94
C THR E 191 1.26 -38.29 20.15
N VAL E 192 0.05 -38.74 20.45
CA VAL E 192 -0.69 -38.20 21.60
C VAL E 192 -0.23 -38.83 22.91
N GLU E 193 -0.05 -37.98 23.91
CA GLU E 193 0.20 -38.28 25.29
C GLU E 193 -0.42 -37.19 26.21
N LEU E 194 -0.62 -37.56 27.46
CA LEU E 194 -1.17 -36.65 28.47
C LEU E 194 -0.06 -35.85 29.20
N GLU E 195 -0.47 -34.98 30.11
CA GLU E 195 0.40 -34.34 31.14
C GLU E 195 1.87 -34.13 30.76
N THR F 7 -21.03 -24.42 -18.41
CA THR F 7 -21.63 -23.09 -18.17
C THR F 7 -20.63 -22.13 -17.54
N ALA F 8 -20.30 -21.07 -18.27
CA ALA F 8 -19.19 -20.18 -17.94
C ALA F 8 -19.67 -18.77 -17.60
N ASP F 9 -19.07 -18.15 -16.59
CA ASP F 9 -19.57 -16.85 -16.12
C ASP F 9 -19.46 -15.70 -17.12
N LEU F 10 -18.36 -15.65 -17.87
CA LEU F 10 -18.24 -14.72 -18.97
C LEU F 10 -18.04 -15.53 -20.26
N ASN F 11 -16.80 -15.70 -20.69
CA ASN F 11 -16.54 -16.52 -21.85
C ASN F 11 -15.35 -17.49 -21.76
N ASN F 12 -15.44 -18.39 -20.78
CA ASN F 12 -14.85 -19.75 -20.79
C ASN F 12 -13.37 -19.98 -21.21
N ALA F 13 -12.52 -19.09 -20.73
CA ALA F 13 -11.07 -19.25 -20.75
C ALA F 13 -10.58 -20.34 -19.79
N VAL F 14 -11.26 -20.46 -18.67
CA VAL F 14 -10.89 -21.41 -17.64
C VAL F 14 -11.79 -22.64 -17.79
N ILE F 15 -11.18 -23.77 -17.94
CA ILE F 15 -11.92 -24.99 -18.21
C ILE F 15 -12.80 -25.42 -17.05
N ASN F 16 -12.31 -25.19 -15.86
CA ASN F 16 -13.03 -25.57 -14.66
C ASN F 16 -13.58 -24.33 -13.98
N VAL F 17 -14.12 -23.45 -14.80
CA VAL F 17 -14.62 -22.14 -14.36
C VAL F 17 -15.61 -22.22 -13.18
N ASP F 18 -16.45 -23.24 -13.16
CA ASP F 18 -17.43 -23.39 -12.08
C ASP F 18 -16.73 -23.60 -10.74
N GLU F 19 -15.74 -24.49 -10.76
CA GLU F 19 -14.89 -24.79 -9.59
C GLU F 19 -14.25 -23.50 -9.11
N ASN F 21 -15.16 -20.32 -9.76
CA ASN F 21 -16.20 -19.41 -9.20
C ASN F 21 -16.63 -19.82 -7.82
N GLU F 22 -16.71 -21.12 -7.59
CA GLU F 22 -17.00 -21.66 -6.27
C GLU F 22 -15.94 -21.19 -5.28
N ALA F 23 -14.69 -21.37 -5.66
CA ALA F 23 -13.55 -20.99 -4.79
C ALA F 23 -13.58 -19.53 -4.43
N PHE F 24 -14.06 -18.68 -5.33
CA PHE F 24 -14.12 -17.23 -5.13
C PHE F 24 -15.46 -16.70 -4.63
N LYS F 25 -16.37 -17.60 -4.26
CA LYS F 25 -17.76 -17.20 -3.99
C LYS F 25 -17.91 -16.21 -2.85
N ASP F 26 -17.00 -16.27 -1.89
CA ASP F 26 -17.08 -15.39 -0.69
C ASP F 26 -16.22 -14.14 -0.79
N VAL F 27 -15.66 -13.91 -1.96
CA VAL F 27 -14.81 -12.75 -2.17
C VAL F 27 -15.55 -11.74 -3.04
N PRO F 28 -15.67 -10.49 -2.61
CA PRO F 28 -16.41 -9.50 -3.40
C PRO F 28 -15.58 -9.08 -4.59
N ASP F 29 -16.21 -8.35 -5.52
CA ASP F 29 -15.55 -7.86 -6.73
C ASP F 29 -14.76 -6.63 -6.45
N LEU F 30 -13.80 -6.37 -7.32
CA LEU F 30 -12.79 -5.35 -7.09
C LEU F 30 -13.20 -3.92 -7.00
N GLU F 31 -14.07 -3.45 -7.87
CA GLU F 31 -14.47 -2.04 -7.82
C GLU F 31 -13.24 -1.14 -7.83
N GLY F 32 -12.55 -1.03 -8.97
CA GLY F 32 -13.05 -1.51 -10.24
C GLY F 32 -12.21 -2.47 -11.07
N GLU F 33 -11.02 -2.02 -11.47
CA GLU F 33 -10.06 -2.75 -12.35
C GLU F 33 -8.66 -2.59 -11.82
N GLY F 34 -7.78 -3.60 -11.79
CA GLY F 34 -7.96 -4.94 -12.33
C GLY F 34 -6.88 -5.26 -13.37
N ALA F 35 -6.13 -6.33 -13.16
CA ALA F 35 -5.17 -6.82 -14.18
C ALA F 35 -5.85 -7.64 -15.27
N HIS F 36 -5.39 -7.47 -16.51
CA HIS F 36 -5.97 -8.18 -17.68
C HIS F 36 -4.99 -9.13 -18.30
N ILE F 37 -5.13 -10.40 -17.95
CA ILE F 37 -4.27 -11.45 -18.46
C ILE F 37 -4.86 -12.01 -19.73
N THR F 38 -4.02 -12.18 -20.73
CA THR F 38 -4.47 -12.71 -22.01
C THR F 38 -3.44 -13.60 -22.71
N LEU F 39 -3.93 -14.54 -23.47
CA LEU F 39 -3.13 -15.31 -24.39
C LEU F 39 -3.38 -14.75 -25.80
N SER F 40 -2.50 -15.09 -26.71
CA SER F 40 -2.52 -14.51 -28.05
C SER F 40 -3.44 -15.29 -29.01
N ASN F 41 -3.82 -14.61 -30.08
CA ASN F 41 -4.63 -15.19 -31.15
C ASN F 41 -3.91 -15.05 -32.45
N THR F 42 -3.34 -16.17 -32.90
CA THR F 42 -2.46 -16.15 -34.04
C THR F 42 -2.90 -17.16 -35.07
N THR F 43 -2.30 -17.02 -36.25
CA THR F 43 -2.49 -17.93 -37.36
C THR F 43 -1.19 -18.64 -37.64
N ALA F 44 -1.28 -19.92 -38.01
CA ALA F 44 -0.07 -20.71 -38.26
C ALA F 44 -0.28 -21.66 -39.42
N LYS F 45 0.83 -22.09 -39.99
CA LYS F 45 0.81 -23.13 -41.02
C LYS F 45 0.84 -24.52 -40.40
N PRO F 46 0.27 -25.53 -41.09
CA PRO F 46 0.45 -26.92 -40.65
C PRO F 46 1.92 -27.18 -40.49
N GLY F 47 2.28 -27.83 -39.38
CA GLY F 47 3.68 -28.20 -39.12
C GLY F 47 4.53 -27.11 -38.49
N GLU F 48 3.98 -25.92 -38.33
CA GLU F 48 4.73 -24.78 -37.84
C GLU F 48 4.93 -24.83 -36.31
N ALA F 50 4.53 -22.77 -33.71
CA ALA F 50 3.71 -21.57 -33.55
C ALA F 50 3.96 -20.86 -32.22
N GLU F 51 4.20 -19.56 -32.29
CA GLU F 51 4.48 -18.76 -31.10
C GLU F 51 3.21 -18.35 -30.40
N VAL F 52 3.20 -18.58 -29.08
CA VAL F 52 2.08 -18.23 -28.24
C VAL F 52 2.60 -17.38 -27.11
N THR F 53 1.90 -16.28 -26.89
CA THR F 53 2.33 -15.30 -25.93
C THR F 53 1.26 -15.01 -24.90
N SER F 55 0.35 -12.42 -22.00
CA SER F 55 0.68 -11.08 -21.63
C SER F 55 -0.31 -10.57 -20.59
N VAL F 56 0.02 -9.44 -20.01
CA VAL F 56 -0.87 -8.80 -19.05
C VAL F 56 -0.85 -7.30 -19.29
N SER F 57 -2.01 -6.68 -19.19
CA SER F 57 -2.10 -5.23 -19.22
C SER F 57 -2.72 -4.69 -17.94
N ASN F 58 -2.50 -3.41 -17.73
CA ASN F 58 -2.98 -2.69 -16.54
C ASN F 58 -2.52 -3.33 -15.21
N ALA F 59 -1.22 -3.59 -15.15
CA ALA F 59 -0.62 -4.30 -14.02
C ALA F 59 0.74 -3.77 -13.59
N ASP F 60 1.27 -2.77 -14.28
CA ASP F 60 2.65 -2.35 -14.02
C ASP F 60 2.81 -1.93 -12.56
N GLN F 62 1.96 -3.41 -9.98
CA GLN F 62 0.77 -3.75 -9.13
C GLN F 62 0.76 -5.15 -8.55
N TRP F 63 1.73 -5.97 -8.95
CA TRP F 63 1.72 -7.38 -8.56
C TRP F 63 3.11 -7.88 -8.20
N ASN F 64 3.11 -9.02 -7.53
CA ASN F 64 4.27 -9.55 -6.81
C ASN F 64 4.67 -10.97 -7.22
N CYS F 66 3.06 -14.74 -9.59
CA CYS F 66 2.02 -15.52 -10.21
C CYS F 66 2.41 -16.98 -10.24
N GLY F 67 1.40 -17.80 -10.37
CA GLY F 67 1.53 -19.22 -10.63
C GLY F 67 0.31 -19.60 -11.44
N ILE F 68 0.50 -19.86 -12.73
CA ILE F 68 -0.61 -20.02 -13.66
C ILE F 68 -0.49 -21.27 -14.53
N HIS F 69 -1.61 -21.97 -14.68
CA HIS F 69 -1.68 -23.20 -15.49
C HIS F 69 -2.30 -22.95 -16.86
N ILE F 70 -1.47 -23.05 -17.90
CA ILE F 70 -1.92 -22.82 -19.28
C ILE F 70 -2.24 -24.16 -19.91
N ILE F 71 -3.40 -24.24 -20.53
CA ILE F 71 -3.84 -25.46 -21.19
C ILE F 71 -4.11 -25.29 -22.65
N TYR F 72 -4.08 -26.41 -23.35
CA TYR F 72 -4.10 -26.45 -24.81
C TYR F 72 -4.39 -27.90 -25.22
N PRO F 73 -4.88 -28.12 -26.45
CA PRO F 73 -5.08 -29.49 -26.90
C PRO F 73 -3.77 -30.28 -26.85
N ASP F 74 -3.82 -31.51 -26.38
CA ASP F 74 -2.58 -32.25 -26.16
C ASP F 74 -1.91 -32.71 -27.46
N ILE F 75 -2.60 -32.58 -28.58
CA ILE F 75 -1.96 -32.83 -29.87
C ILE F 75 -0.89 -31.78 -30.20
N LEU F 76 -1.01 -30.62 -29.57
CA LEU F 76 0.06 -29.62 -29.64
C LEU F 76 1.16 -29.97 -28.65
N LYS F 77 2.39 -29.87 -29.10
CA LYS F 77 3.56 -30.23 -28.26
C LYS F 77 4.47 -29.04 -28.03
N PRO F 78 4.57 -28.58 -26.79
CA PRO F 78 5.40 -27.39 -26.56
C PRO F 78 6.88 -27.63 -26.75
N GLU F 79 7.57 -26.60 -27.22
CA GLU F 79 9.01 -26.65 -27.33
C GLU F 79 9.67 -26.76 -25.96
N LYS F 81 12.98 -27.21 -23.19
CA LYS F 81 14.33 -26.81 -22.86
C LYS F 81 15.08 -28.06 -22.45
N ASP F 82 14.72 -28.63 -21.32
CA ASP F 82 15.28 -29.91 -20.88
C ASP F 82 14.12 -30.90 -20.66
N PRO F 83 13.88 -31.77 -21.65
CA PRO F 83 12.80 -32.75 -21.55
C PRO F 83 12.89 -33.56 -20.25
N GLU F 84 14.10 -33.93 -19.85
CA GLU F 84 14.27 -34.78 -18.67
C GLU F 84 13.80 -34.03 -17.41
N GLU F 85 13.91 -32.71 -17.40
CA GLU F 85 13.42 -31.89 -16.29
C GLU F 85 12.03 -31.33 -16.55
N ARG F 86 11.47 -31.63 -17.73
CA ARG F 86 10.18 -31.07 -18.13
C ARG F 86 10.16 -29.55 -18.14
N THR F 87 11.30 -28.93 -18.37
CA THR F 87 11.33 -27.48 -18.50
C THR F 87 10.96 -27.08 -19.91
N VAL F 88 10.06 -26.10 -19.97
CA VAL F 88 9.50 -25.63 -21.23
C VAL F 88 10.27 -24.41 -21.68
N ALA F 89 10.67 -24.40 -22.95
CA ALA F 89 11.41 -23.24 -23.48
C ALA F 89 10.49 -22.05 -23.60
N PHE F 90 11.01 -20.89 -23.23
CA PHE F 90 10.20 -19.66 -23.30
C PHE F 90 11.08 -18.45 -23.42
N GLN F 91 10.52 -17.40 -23.96
CA GLN F 91 11.18 -16.12 -24.06
C GLN F 91 10.48 -15.23 -23.07
N LYS F 92 11.24 -14.71 -22.11
CA LYS F 92 10.63 -13.85 -21.12
C LYS F 92 10.42 -12.47 -21.72
N GLY F 93 9.25 -11.90 -21.45
CA GLY F 93 8.90 -10.57 -21.90
C GLY F 93 9.18 -9.51 -20.85
N ASP F 94 8.89 -8.27 -21.24
CA ASP F 94 9.13 -7.11 -20.38
C ASP F 94 8.38 -7.19 -19.07
N ALA F 95 7.21 -7.81 -19.07
CA ALA F 95 6.38 -7.92 -17.88
C ALA F 95 7.09 -8.68 -16.77
N LEU F 96 8.02 -9.55 -17.16
CA LEU F 96 8.81 -10.34 -16.21
C LEU F 96 10.25 -9.88 -16.10
N GLU F 97 10.55 -8.71 -16.64
CA GLU F 97 11.92 -8.22 -16.65
C GLU F 97 12.56 -8.26 -15.28
N ALA F 98 11.81 -7.83 -14.28
CA ALA F 98 12.33 -7.65 -12.93
C ALA F 98 12.18 -8.89 -12.02
N ALA F 99 11.71 -9.99 -12.57
CA ALA F 99 11.47 -11.17 -11.73
C ALA F 99 12.76 -11.66 -11.07
N THR F 100 12.67 -12.00 -9.78
CA THR F 100 13.78 -12.63 -9.06
C THR F 100 13.92 -14.12 -9.44
N GLY F 101 12.81 -14.73 -9.82
CA GLY F 101 12.84 -16.09 -10.36
C GLY F 101 11.64 -16.41 -11.21
N ILE F 102 11.86 -17.26 -12.22
CA ILE F 102 10.80 -17.72 -13.10
C ILE F 102 11.01 -19.20 -13.36
N VAL F 103 9.93 -19.98 -13.32
CA VAL F 103 9.99 -21.39 -13.74
C VAL F 103 8.80 -21.69 -14.59
N CYS F 104 9.01 -22.57 -15.56
CA CYS F 104 7.99 -22.99 -16.49
C CYS F 104 8.14 -24.45 -16.83
N GLU F 106 6.16 -28.41 -17.81
CA GLU F 106 5.10 -29.14 -18.41
C GLU F 106 4.60 -30.15 -17.40
N TRP F 107 3.31 -30.11 -17.17
CA TRP F 107 2.64 -31.10 -16.34
C TRP F 107 2.38 -32.36 -17.19
N GLN F 108 3.09 -33.44 -16.90
CA GLN F 108 3.05 -34.65 -17.72
C GLN F 108 2.29 -35.80 -17.12
N GLU F 109 2.45 -35.99 -15.83
CA GLU F 109 1.84 -37.14 -15.17
C GLU F 109 0.95 -36.68 -14.00
N GLY F 110 -0.09 -37.46 -13.74
CA GLY F 110 -1.03 -37.18 -12.69
C GLY F 110 -1.89 -35.96 -12.97
N LEU F 111 -2.23 -35.76 -14.23
CA LEU F 111 -3.15 -34.71 -14.61
C LEU F 111 -4.55 -35.04 -14.09
N PRO F 112 -5.33 -34.01 -13.73
CA PRO F 112 -6.69 -34.24 -13.31
C PRO F 112 -7.65 -34.66 -14.44
N PRO F 113 -8.72 -35.37 -14.11
CA PRO F 113 -9.64 -35.90 -15.10
C PRO F 113 -10.17 -34.86 -16.07
N VAL F 114 -10.49 -33.69 -15.58
CA VAL F 114 -11.04 -32.66 -16.44
C VAL F 114 -10.09 -32.39 -17.61
N LEU F 115 -8.81 -32.51 -17.38
CA LEU F 115 -7.84 -32.30 -18.45
C LEU F 115 -7.60 -33.56 -19.29
N THR F 116 -7.38 -34.69 -18.64
CA THR F 116 -7.12 -35.94 -19.36
C THR F 116 -8.29 -36.33 -20.25
N GLU F 117 -9.48 -36.20 -19.70
CA GLU F 117 -10.69 -36.58 -20.41
C GLU F 117 -11.00 -35.68 -21.58
N ASN F 118 -10.57 -34.42 -21.50
CA ASN F 118 -10.74 -33.48 -22.61
C ASN F 118 -9.50 -33.33 -23.48
N LYS F 119 -8.56 -34.24 -23.29
CA LYS F 119 -7.33 -34.30 -24.08
C LYS F 119 -6.58 -32.98 -24.10
N LYS F 120 -6.37 -32.45 -22.90
CA LYS F 120 -5.66 -31.19 -22.75
C LYS F 120 -4.29 -31.45 -22.22
N GLY F 121 -3.34 -30.68 -22.73
CA GLY F 121 -2.02 -30.64 -22.13
C GLY F 121 -1.96 -29.41 -21.25
N CYS F 122 -0.89 -29.31 -20.49
CA CYS F 122 -0.76 -28.23 -19.51
C CYS F 122 0.66 -27.88 -19.22
N LEU F 123 0.92 -26.59 -19.16
CA LEU F 123 2.15 -26.11 -18.54
C LEU F 123 1.87 -25.07 -17.42
N PHE F 124 2.83 -24.93 -16.53
CA PHE F 124 2.70 -24.14 -15.32
C PHE F 124 3.79 -23.10 -15.33
N LEU F 125 3.39 -21.84 -15.23
CA LEU F 125 4.33 -20.74 -15.20
C LEU F 125 4.24 -20.05 -13.84
N THR F 126 5.36 -19.99 -13.14
CA THR F 126 5.38 -19.27 -11.87
C THR F 126 6.53 -18.27 -11.91
N ALA F 127 6.25 -17.06 -11.43
CA ALA F 127 7.25 -16.00 -11.38
C ALA F 127 7.13 -15.23 -10.07
N PHE F 129 8.64 -11.78 -7.76
CA PHE F 129 9.30 -10.46 -7.74
C PHE F 129 9.58 -10.02 -6.31
N SER F 130 10.46 -9.04 -6.16
CA SER F 130 10.75 -8.46 -4.84
C SER F 130 9.78 -7.27 -4.68
N GLY F 131 8.78 -7.45 -3.83
CA GLY F 131 7.69 -6.47 -3.71
C GLY F 131 6.84 -6.42 -4.96
N ASN F 132 6.15 -5.31 -5.18
CA ASN F 132 5.22 -5.18 -6.31
C ASN F 132 5.90 -4.66 -7.57
N GLN F 133 6.86 -5.43 -8.06
CA GLN F 133 7.64 -5.02 -9.24
C GLN F 133 7.24 -5.78 -10.47
N GLY F 134 6.15 -6.51 -10.37
CA GLY F 134 5.55 -7.14 -11.56
C GLY F 134 5.33 -6.06 -12.60
N GLY F 135 5.65 -6.41 -13.84
CA GLY F 135 5.50 -5.48 -14.95
C GLY F 135 4.25 -5.71 -15.77
N GLU F 136 4.23 -5.10 -16.94
CA GLU F 136 3.14 -5.34 -17.87
C GLU F 136 3.65 -5.50 -19.30
N GLY F 137 2.76 -5.97 -20.17
CA GLY F 137 3.13 -6.39 -21.50
C GLY F 137 3.31 -7.90 -21.57
N ASP F 138 4.17 -8.34 -22.47
CA ASP F 138 4.42 -9.75 -22.64
C ASP F 138 5.08 -10.34 -21.41
N ALA F 140 5.47 -14.11 -21.25
CA ALA F 140 6.25 -15.21 -21.78
C ALA F 140 5.74 -15.66 -23.12
N THR F 141 6.67 -16.05 -23.97
CA THR F 141 6.35 -16.55 -25.31
C THR F 141 6.85 -17.96 -25.42
N PHE F 142 5.96 -18.84 -25.84
CA PHE F 142 6.25 -20.26 -26.00
C PHE F 142 6.11 -20.61 -27.47
N ARG F 143 6.44 -21.85 -27.78
CA ARG F 143 6.20 -22.39 -29.13
C ARG F 143 5.61 -23.76 -29.04
N PHE F 144 4.61 -24.00 -29.90
CA PHE F 144 3.96 -25.31 -30.00
C PHE F 144 4.05 -25.87 -31.42
N LYS F 145 4.35 -27.15 -31.52
CA LYS F 145 4.30 -27.85 -32.78
C LYS F 145 2.87 -28.00 -33.24
N VAL F 146 2.52 -27.31 -34.32
CA VAL F 146 1.27 -27.56 -35.00
C VAL F 146 1.44 -28.83 -35.85
N PRO F 147 0.54 -29.79 -35.74
CA PRO F 147 0.76 -31.04 -36.45
C PRO F 147 0.91 -30.81 -37.95
N ASP F 148 1.79 -31.58 -38.56
CA ASP F 148 2.08 -31.50 -39.99
C ASP F 148 0.81 -31.64 -40.86
N ASN F 149 -0.05 -32.54 -40.45
CA ASN F 149 -1.30 -32.77 -41.17
C ASN F 149 -2.52 -31.88 -40.76
N ALA F 150 -2.28 -30.81 -40.00
CA ALA F 150 -3.39 -29.99 -39.52
C ALA F 150 -4.25 -29.45 -40.69
N GLU F 151 -5.56 -29.50 -40.50
CA GLU F 151 -6.51 -29.08 -41.50
C GLU F 151 -6.65 -27.58 -41.50
N PRO F 152 -6.72 -26.98 -42.68
CA PRO F 152 -6.90 -25.54 -42.78
C PRO F 152 -8.15 -25.09 -42.03
N GLY F 153 -8.08 -23.94 -41.40
CA GLY F 153 -9.18 -23.44 -40.60
C GLY F 153 -9.25 -23.97 -39.17
N ALA F 154 -8.55 -25.05 -38.87
CA ALA F 154 -8.59 -25.64 -37.52
C ALA F 154 -8.19 -24.63 -36.44
N VAL F 155 -8.95 -24.64 -35.34
CA VAL F 155 -8.78 -23.72 -34.26
C VAL F 155 -8.37 -24.48 -33.01
N TYR F 156 -7.19 -24.16 -32.51
CA TYR F 156 -6.72 -24.73 -31.27
C TYR F 156 -6.95 -23.69 -30.13
N ASN F 157 -7.84 -24.00 -29.22
CA ASN F 157 -8.13 -23.11 -28.09
C ASN F 157 -7.08 -23.21 -27.01
N LEU F 158 -6.68 -22.05 -26.53
CA LEU F 158 -5.71 -21.95 -25.46
C LEU F 158 -6.41 -21.31 -24.30
N GLY F 159 -6.24 -21.91 -23.14
CA GLY F 159 -6.87 -21.40 -21.92
C GLY F 159 -6.10 -21.69 -20.66
N TYR F 160 -6.84 -21.76 -19.57
CA TYR F 160 -6.27 -21.98 -18.26
C TYR F 160 -7.01 -23.07 -17.51
N TYR F 161 -6.29 -23.66 -16.56
CA TYR F 161 -6.84 -24.55 -15.56
C TYR F 161 -6.61 -23.93 -14.16
N TYR F 162 -7.66 -23.86 -13.37
CA TYR F 162 -7.60 -23.21 -12.08
C TYR F 162 -7.33 -24.23 -10.98
N ASN F 164 -6.56 -24.38 -6.80
CA ASN F 164 -6.74 -23.59 -5.57
C ASN F 164 -5.52 -22.76 -5.16
N THR F 165 -4.35 -23.30 -5.38
CA THR F 165 -3.09 -22.64 -5.00
C THR F 165 -2.48 -21.72 -6.06
N ASP F 166 -3.11 -21.61 -7.23
CA ASP F 166 -2.59 -20.71 -8.24
C ASP F 166 -2.70 -19.26 -7.82
N LEU F 167 -1.83 -18.44 -8.38
CA LEU F 167 -1.68 -17.07 -7.94
C LEU F 167 -1.55 -16.07 -9.08
N PHE F 168 -2.19 -14.94 -8.87
CA PHE F 168 -1.78 -13.67 -9.48
C PHE F 168 -2.08 -12.58 -8.46
N ILE F 169 -1.06 -12.19 -7.72
CA ILE F 169 -1.25 -11.37 -6.53
C ILE F 169 -0.23 -10.30 -6.32
N ASN F 170 -0.65 -9.31 -5.54
CA ASN F 170 0.25 -8.30 -4.97
C ASN F 170 0.85 -8.77 -3.65
N GLU F 171 1.86 -8.05 -3.20
CA GLU F 171 2.61 -8.43 -1.97
C GLU F 171 1.70 -8.47 -0.77
N GLN F 172 0.70 -7.59 -0.75
CA GLN F 172 -0.26 -7.44 0.35
C GLN F 172 -1.35 -8.54 0.28
N ASN F 173 -1.29 -9.40 -0.72
CA ASN F 173 -2.17 -10.57 -0.80
C ASN F 173 -3.64 -10.19 -0.71
N ILE F 174 -4.03 -9.18 -1.47
CA ILE F 174 -5.42 -8.71 -1.48
C ILE F 174 -6.30 -9.69 -2.27
N PRO F 175 -7.30 -10.32 -1.62
CA PRO F 175 -8.09 -11.34 -2.30
C PRO F 175 -8.85 -10.83 -3.51
N THR F 176 -9.36 -9.63 -3.44
CA THR F 176 -10.15 -9.09 -4.54
C THR F 176 -9.30 -8.79 -5.81
N TYR F 177 -8.02 -8.54 -5.59
CA TYR F 177 -7.07 -8.37 -6.70
C TYR F 177 -6.87 -9.68 -7.50
N GLN F 178 -6.65 -10.76 -6.75
CA GLN F 178 -6.51 -12.09 -7.32
C GLN F 178 -7.79 -12.48 -8.06
N LYS F 179 -8.93 -12.23 -7.43
CA LYS F 179 -10.21 -12.57 -8.05
C LYS F 179 -10.39 -11.88 -9.40
N TYR F 180 -10.09 -10.59 -9.44
CA TYR F 180 -10.24 -9.84 -10.68
C TYR F 180 -9.42 -10.47 -11.80
N ALA F 181 -8.16 -10.73 -11.49
CA ALA F 181 -7.22 -11.24 -12.48
C ALA F 181 -7.71 -12.56 -13.07
N PHE F 182 -8.07 -13.47 -12.20
CA PHE F 182 -8.46 -14.81 -12.61
C PHE F 182 -9.84 -14.82 -13.28
N THR F 183 -10.72 -13.94 -12.87
CA THR F 183 -12.07 -13.94 -13.44
C THR F 183 -12.14 -13.14 -14.74
N HIS F 184 -11.12 -12.36 -15.04
CA HIS F 184 -11.08 -11.56 -16.27
C HIS F 184 -10.06 -12.04 -17.29
N GLU F 186 -8.30 -13.88 -20.31
CA GLU F 186 -8.75 -14.25 -21.65
C GLU F 186 -7.88 -15.36 -22.20
N GLY F 187 -8.53 -16.29 -22.87
CA GLY F 187 -7.83 -17.35 -23.54
C GLY F 187 -7.22 -16.86 -24.84
N GLY F 188 -6.79 -17.80 -25.64
CA GLY F 188 -6.25 -17.48 -26.95
C GLY F 188 -6.54 -18.58 -27.92
N THR F 189 -5.92 -18.46 -29.09
CA THR F 189 -6.11 -19.41 -30.14
C THR F 189 -4.91 -19.46 -31.02
N ILE F 190 -4.72 -20.64 -31.57
CA ILE F 190 -3.95 -20.79 -32.79
C ILE F 190 -4.90 -21.29 -33.88
N THR F 191 -4.99 -20.53 -34.98
CA THR F 191 -5.84 -20.91 -36.10
C THR F 191 -4.97 -21.31 -37.29
N VAL F 192 -5.28 -22.45 -37.87
CA VAL F 192 -4.48 -22.93 -39.00
C VAL F 192 -4.91 -22.19 -40.25
N GLU F 193 -3.95 -21.66 -40.97
CA GLU F 193 -4.29 -20.84 -42.16
C GLU F 193 -5.04 -21.63 -43.22
N LEU F 194 -5.79 -20.90 -44.03
CA LEU F 194 -6.60 -21.51 -45.12
C LEU F 194 -5.75 -21.76 -46.35
N GLU F 195 -6.23 -22.65 -47.22
CA GLU F 195 -5.56 -22.97 -48.49
C GLU F 195 -5.36 -21.74 -49.35
N HIS F 196 -4.28 -21.75 -50.09
CA HIS F 196 -4.01 -20.70 -51.08
C HIS F 196 -4.99 -20.71 -52.25
N HIS F 197 -5.30 -19.51 -52.72
CA HIS F 197 -5.98 -19.25 -53.97
C HIS F 197 -5.40 -20.12 -55.12
N HIS F 198 -6.14 -20.20 -56.22
CA HIS F 198 -5.66 -20.82 -57.47
C HIS F 198 -5.35 -19.69 -58.49
N HIS F 199 -4.06 -19.48 -58.75
CA HIS F 199 -3.59 -18.33 -59.53
C HIS F 199 -4.48 -18.03 -60.74
N SER G 5 2.88 -42.07 -52.23
CA SER G 5 4.31 -42.38 -51.97
C SER G 5 5.17 -41.34 -52.70
N VAL G 6 5.62 -40.35 -51.92
CA VAL G 6 6.64 -39.39 -52.39
C VAL G 6 8.03 -40.16 -52.31
N THR G 7 8.10 -41.20 -51.48
CA THR G 7 9.22 -42.18 -51.49
C THR G 7 9.37 -42.85 -52.89
N ALA G 8 8.24 -43.20 -53.49
CA ALA G 8 8.20 -43.89 -54.79
C ALA G 8 8.64 -43.04 -55.99
N ASP G 9 8.90 -41.76 -55.79
CA ASP G 9 9.69 -40.98 -56.77
C ASP G 9 11.08 -40.59 -56.19
N LEU G 10 12.21 -41.22 -56.57
CA LEU G 10 12.37 -42.41 -57.46
C LEU G 10 11.91 -42.21 -58.93
N ASN G 11 12.07 -40.96 -59.36
CA ASN G 11 12.33 -40.54 -60.73
C ASN G 11 13.82 -40.11 -60.83
N ASN G 12 14.59 -40.60 -59.85
CA ASN G 12 16.04 -40.78 -59.84
C ASN G 12 16.91 -39.62 -60.30
N ALA G 13 16.46 -38.45 -59.89
CA ALA G 13 17.20 -37.23 -59.90
C ALA G 13 18.29 -37.13 -58.84
N VAL G 14 18.05 -37.72 -57.68
CA VAL G 14 18.94 -37.61 -56.52
C VAL G 14 19.78 -38.86 -56.43
N ILE G 15 21.09 -38.73 -56.52
CA ILE G 15 21.95 -39.88 -56.62
C ILE G 15 21.92 -40.72 -55.37
N ASN G 16 21.79 -40.04 -54.23
CA ASN G 16 21.71 -40.74 -52.95
C ASN G 16 20.31 -40.72 -52.40
N VAL G 17 19.37 -41.02 -53.30
CA VAL G 17 17.94 -41.02 -52.98
C VAL G 17 17.55 -41.85 -51.75
N ASP G 18 18.18 -42.99 -51.57
CA ASP G 18 17.85 -43.87 -50.42
C ASP G 18 18.19 -43.20 -49.11
N GLU G 19 19.37 -42.59 -49.08
CA GLU G 19 19.84 -41.83 -47.93
C GLU G 19 18.84 -40.71 -47.64
N ASN G 21 15.61 -40.49 -48.59
CA ASN G 21 14.35 -41.07 -48.09
C ASN G 21 14.43 -41.50 -46.65
N GLU G 22 15.60 -42.02 -46.28
CA GLU G 22 15.87 -42.35 -44.88
C GLU G 22 15.75 -41.08 -43.99
N ALA G 23 16.41 -40.02 -44.42
CA ALA G 23 16.40 -38.76 -43.67
C ALA G 23 14.99 -38.23 -43.46
N PHE G 24 14.11 -38.44 -44.43
CA PHE G 24 12.75 -37.93 -44.38
C PHE G 24 11.72 -38.95 -43.84
N LYS G 25 12.18 -40.07 -43.34
CA LYS G 25 11.28 -41.19 -43.05
C LYS G 25 10.21 -40.88 -41.99
N ASP G 26 10.53 -39.96 -41.09
CA ASP G 26 9.61 -39.59 -39.98
C ASP G 26 8.79 -38.34 -40.27
N VAL G 27 8.86 -37.86 -41.49
CA VAL G 27 8.11 -36.68 -41.91
C VAL G 27 7.00 -37.17 -42.83
N PRO G 28 5.76 -36.89 -42.47
CA PRO G 28 4.68 -37.28 -43.37
C PRO G 28 4.70 -36.47 -44.66
N ASP G 29 3.94 -36.93 -45.63
CA ASP G 29 3.85 -36.26 -46.94
C ASP G 29 3.04 -35.02 -46.74
N LEU G 30 3.41 -33.96 -47.45
CA LEU G 30 2.59 -32.77 -47.58
C LEU G 30 1.28 -33.20 -48.22
N GLU G 31 0.23 -32.45 -47.95
CA GLU G 31 -1.08 -32.73 -48.49
C GLU G 31 -1.65 -31.42 -49.00
N GLY G 32 -1.39 -31.06 -50.25
CA GLY G 32 -0.76 -31.90 -51.24
C GLY G 32 0.50 -31.42 -51.93
N GLU G 33 0.44 -30.25 -52.57
CA GLU G 33 1.49 -29.76 -53.50
C GLU G 33 1.80 -28.34 -53.15
N GLY G 34 3.04 -27.89 -53.07
CA GLY G 34 4.28 -28.56 -53.43
C GLY G 34 5.06 -27.75 -54.47
N ALA G 35 6.30 -27.40 -54.18
CA ALA G 35 7.18 -26.78 -55.18
C ALA G 35 7.82 -27.82 -56.14
N HIS G 36 7.94 -27.46 -57.41
CA HIS G 36 8.52 -28.37 -58.43
C HIS G 36 9.80 -27.82 -58.95
N ILE G 37 10.90 -28.36 -58.44
CA ILE G 37 12.23 -27.99 -58.89
C ILE G 37 12.69 -28.87 -60.03
N THR G 38 13.25 -28.24 -61.06
CA THR G 38 13.68 -28.98 -62.25
C THR G 38 14.94 -28.40 -62.86
N LEU G 39 15.71 -29.27 -63.49
CA LEU G 39 16.80 -28.85 -64.38
C LEU G 39 16.32 -29.00 -65.83
N SER G 40 17.05 -28.38 -66.75
CA SER G 40 16.68 -28.33 -68.15
C SER G 40 17.18 -29.54 -68.96
N ASN G 41 16.53 -29.74 -70.10
CA ASN G 41 16.88 -30.83 -71.05
C ASN G 41 17.15 -30.21 -72.38
N THR G 42 18.43 -30.13 -72.69
CA THR G 42 18.86 -29.39 -73.87
C THR G 42 19.78 -30.23 -74.72
N THR G 43 19.99 -29.72 -75.93
CA THR G 43 20.85 -30.35 -76.92
C THR G 43 22.04 -29.45 -77.14
N ALA G 44 23.20 -30.03 -77.38
CA ALA G 44 24.41 -29.26 -77.62
C ALA G 44 25.33 -29.93 -78.64
N LYS G 45 26.20 -29.14 -79.22
CA LYS G 45 27.27 -29.65 -80.07
C LYS G 45 28.48 -30.06 -79.26
N PRO G 46 29.28 -31.01 -79.79
CA PRO G 46 30.58 -31.31 -79.17
C PRO G 46 31.40 -30.04 -79.07
N GLY G 47 32.02 -29.82 -77.91
CA GLY G 47 32.82 -28.62 -77.68
C GLY G 47 32.06 -27.36 -77.26
N GLU G 48 30.74 -27.43 -77.22
CA GLU G 48 29.92 -26.26 -76.93
C GLU G 48 29.86 -25.95 -75.42
N ALA G 50 27.51 -25.28 -73.13
CA ALA G 50 26.07 -25.60 -73.06
C ALA G 50 25.39 -24.97 -71.84
N GLU G 51 24.29 -24.30 -72.10
CA GLU G 51 23.53 -23.66 -71.04
C GLU G 51 22.62 -24.64 -70.31
N VAL G 52 22.68 -24.60 -68.98
CA VAL G 52 21.84 -25.41 -68.12
C VAL G 52 21.10 -24.53 -67.14
N THR G 53 19.82 -24.79 -67.01
CA THR G 53 18.96 -23.95 -66.20
C THR G 53 18.20 -24.74 -65.16
N SER G 55 15.16 -24.39 -62.58
CA SER G 55 13.98 -23.58 -62.39
C SER G 55 13.06 -24.21 -61.37
N VAL G 56 12.04 -23.44 -60.96
CA VAL G 56 11.04 -23.96 -60.04
C VAL G 56 9.68 -23.47 -60.45
N SER G 57 8.68 -24.32 -60.34
CA SER G 57 7.29 -23.91 -60.57
C SER G 57 6.43 -24.20 -59.33
N ASN G 58 5.30 -23.52 -59.29
CA ASN G 58 4.37 -23.59 -58.18
C ASN G 58 5.01 -23.22 -56.84
N ALA G 59 5.68 -22.09 -56.83
CA ALA G 59 6.43 -21.65 -55.67
C ALA G 59 6.40 -20.14 -55.40
N ASP G 60 5.74 -19.38 -56.25
CA ASP G 60 5.80 -17.93 -56.14
C ASP G 60 5.33 -17.48 -54.75
N GLN G 62 6.18 -18.50 -51.92
CA GLN G 62 5.97 -19.64 -51.01
C GLN G 62 7.21 -20.07 -50.25
N TRP G 63 8.36 -19.51 -50.63
CA TRP G 63 9.63 -19.95 -50.09
C TRP G 63 10.58 -18.81 -49.78
N ASN G 64 11.57 -19.14 -48.98
CA ASN G 64 12.39 -18.16 -48.26
C ASN G 64 13.89 -18.34 -48.54
N CYS G 66 17.04 -21.39 -50.19
CA CYS G 66 17.44 -22.70 -50.64
C CYS G 66 18.93 -22.88 -50.52
N GLY G 67 19.33 -24.13 -50.45
CA GLY G 67 20.72 -24.52 -50.51
C GLY G 67 20.68 -25.87 -51.20
N ILE G 68 21.11 -25.90 -52.46
CA ILE G 68 20.96 -27.11 -53.30
C ILE G 68 22.26 -27.51 -53.97
N HIS G 69 22.52 -28.80 -53.96
CA HIS G 69 23.70 -29.39 -54.62
C HIS G 69 23.32 -30.01 -55.97
N ILE G 70 23.82 -29.40 -57.03
CA ILE G 70 23.63 -29.89 -58.42
C ILE G 70 24.82 -30.73 -58.81
N ILE G 71 24.55 -31.88 -59.39
CA ILE G 71 25.61 -32.78 -59.85
C ILE G 71 25.49 -33.14 -61.33
N TYR G 72 26.61 -33.59 -61.86
CA TYR G 72 26.78 -33.75 -63.29
C TYR G 72 28.04 -34.59 -63.48
N PRO G 73 28.18 -35.24 -64.64
CA PRO G 73 29.45 -35.94 -64.91
C PRO G 73 30.64 -34.99 -64.83
N ASP G 74 31.71 -35.42 -64.18
CA ASP G 74 32.83 -34.52 -63.93
C ASP G 74 33.66 -34.20 -65.20
N ILE G 75 33.39 -34.89 -66.29
CA ILE G 75 34.01 -34.50 -67.58
C ILE G 75 33.45 -33.18 -68.09
N LEU G 76 32.28 -32.80 -67.59
CA LEU G 76 31.75 -31.48 -67.86
C LEU G 76 32.40 -30.51 -66.90
N LYS G 77 32.79 -29.35 -67.41
CA LYS G 77 33.45 -28.32 -66.61
C LYS G 77 32.64 -27.02 -66.59
N PRO G 78 32.14 -26.62 -65.43
CA PRO G 78 31.31 -25.42 -65.40
C PRO G 78 32.09 -24.16 -65.63
N GLU G 79 31.46 -23.20 -66.28
CA GLU G 79 32.04 -21.90 -66.49
C GLU G 79 32.23 -21.20 -65.12
N LYS G 81 33.55 -17.97 -62.51
CA LYS G 81 33.66 -16.55 -62.30
C LYS G 81 35.05 -16.22 -61.75
N ASP G 82 35.31 -16.67 -60.52
CA ASP G 82 36.65 -16.59 -59.93
C ASP G 82 37.12 -17.98 -59.52
N PRO G 83 37.95 -18.61 -60.35
CA PRO G 83 38.43 -19.95 -60.07
C PRO G 83 39.05 -20.06 -58.68
N GLU G 84 39.76 -19.03 -58.30
CA GLU G 84 40.45 -19.03 -57.03
C GLU G 84 39.46 -19.14 -55.88
N GLU G 85 38.31 -18.54 -56.05
CA GLU G 85 37.26 -18.60 -55.03
C GLU G 85 36.26 -19.70 -55.32
N ARG G 86 36.46 -20.42 -56.41
CA ARG G 86 35.54 -21.46 -56.82
C ARG G 86 34.11 -20.94 -57.04
N THR G 87 33.97 -19.66 -57.37
CA THR G 87 32.68 -19.14 -57.73
C THR G 87 32.34 -19.50 -59.20
N VAL G 88 31.12 -19.99 -59.36
CA VAL G 88 30.59 -20.48 -60.63
C VAL G 88 29.79 -19.38 -61.27
N ALA G 89 30.08 -19.12 -62.53
CA ALA G 89 29.34 -18.07 -63.27
C ALA G 89 27.91 -18.50 -63.50
N PHE G 90 26.98 -17.57 -63.34
CA PHE G 90 25.57 -17.88 -63.52
C PHE G 90 24.78 -16.64 -63.89
N GLN G 91 23.67 -16.87 -64.56
CA GLN G 91 22.69 -15.80 -64.85
C GLN G 91 21.49 -16.04 -63.97
N LYS G 92 21.16 -15.06 -63.14
CA LYS G 92 20.03 -15.24 -62.23
C LYS G 92 18.72 -15.03 -62.99
N GLY G 93 17.75 -15.90 -62.75
CA GLY G 93 16.44 -15.80 -63.33
C GLY G 93 15.43 -15.08 -62.45
N ASP G 94 14.21 -14.97 -62.97
CA ASP G 94 13.14 -14.23 -62.28
C ASP G 94 12.81 -14.80 -60.92
N ALA G 95 12.98 -16.10 -60.77
CA ALA G 95 12.67 -16.77 -59.51
C ALA G 95 13.52 -16.24 -58.37
N LEU G 96 14.69 -15.70 -58.70
CA LEU G 96 15.63 -15.17 -57.71
C LEU G 96 15.72 -13.66 -57.76
N GLU G 97 14.82 -13.04 -58.50
CA GLU G 97 14.85 -11.58 -58.67
C GLU G 97 14.97 -10.85 -57.34
N ALA G 98 14.19 -11.29 -56.35
CA ALA G 98 14.09 -10.59 -55.07
C ALA G 98 15.11 -11.06 -54.02
N ALA G 99 16.01 -11.97 -54.38
CA ALA G 99 16.93 -12.53 -53.40
C ALA G 99 17.81 -11.45 -52.77
N THR G 100 17.94 -11.50 -51.45
CA THR G 100 18.85 -10.58 -50.75
C THR G 100 20.30 -10.99 -50.99
N GLY G 101 20.52 -12.28 -51.21
CA GLY G 101 21.84 -12.77 -51.54
C GLY G 101 21.77 -14.10 -52.23
N ILE G 102 22.73 -14.31 -53.11
CA ILE G 102 22.88 -15.56 -53.82
C ILE G 102 24.35 -15.91 -53.91
N VAL G 103 24.69 -17.16 -53.65
CA VAL G 103 26.05 -17.60 -53.89
C VAL G 103 26.02 -18.98 -54.53
N CYS G 104 27.03 -19.21 -55.36
CA CYS G 104 27.13 -20.43 -56.14
C CYS G 104 28.58 -20.84 -56.28
N GLU G 106 31.60 -24.18 -56.65
CA GLU G 106 31.95 -25.49 -57.11
C GLU G 106 32.61 -26.25 -55.95
N TRP G 107 32.08 -27.41 -55.65
CA TRP G 107 32.65 -28.28 -54.62
C TRP G 107 33.78 -29.07 -55.25
N GLN G 108 35.00 -28.74 -54.86
CA GLN G 108 36.20 -29.29 -55.53
C GLN G 108 36.91 -30.35 -54.72
N GLU G 109 36.96 -30.14 -53.43
CA GLU G 109 37.78 -30.92 -52.56
C GLU G 109 36.91 -31.54 -51.49
N GLY G 110 37.24 -32.76 -51.10
CA GLY G 110 36.51 -33.43 -50.01
C GLY G 110 35.10 -33.81 -50.39
N LEU G 111 34.94 -34.19 -51.64
CA LEU G 111 33.67 -34.74 -52.11
C LEU G 111 33.42 -36.10 -51.50
N PRO G 112 32.16 -36.43 -51.26
CA PRO G 112 31.83 -37.74 -50.71
C PRO G 112 31.98 -38.89 -51.72
N PRO G 113 32.20 -40.11 -51.22
CA PRO G 113 32.47 -41.25 -52.09
C PRO G 113 31.44 -41.47 -53.17
N VAL G 114 30.18 -41.32 -52.83
CA VAL G 114 29.11 -41.55 -53.81
C VAL G 114 29.28 -40.67 -55.04
N LEU G 115 29.85 -39.49 -54.86
CA LEU G 115 30.14 -38.63 -56.01
C LEU G 115 31.47 -38.95 -56.67
N THR G 116 32.52 -39.09 -55.87
CA THR G 116 33.86 -39.37 -56.44
C THR G 116 33.88 -40.68 -57.23
N GLU G 117 33.27 -41.69 -56.65
CA GLU G 117 33.28 -43.03 -57.20
C GLU G 117 32.43 -43.13 -58.45
N ASN G 118 31.44 -42.27 -58.56
CA ASN G 118 30.63 -42.17 -59.80
C ASN G 118 31.03 -41.03 -60.72
N LYS G 119 32.21 -40.45 -60.46
CA LYS G 119 32.81 -39.42 -61.32
C LYS G 119 31.87 -38.26 -61.57
N LYS G 120 31.33 -37.76 -60.47
CA LYS G 120 30.40 -36.64 -60.53
C LYS G 120 31.06 -35.40 -60.04
N GLY G 121 30.77 -34.31 -60.69
CA GLY G 121 31.15 -33.02 -60.19
C GLY G 121 29.93 -32.42 -59.49
N CYS G 122 30.14 -31.33 -58.77
CA CYS G 122 29.09 -30.74 -57.96
C CYS G 122 29.25 -29.26 -57.77
N LEU G 123 28.14 -28.55 -57.90
CA LEU G 123 28.09 -27.18 -57.43
C LEU G 123 26.92 -26.99 -56.45
N PHE G 124 27.05 -25.95 -55.65
CA PHE G 124 26.13 -25.65 -54.56
C PHE G 124 25.57 -24.26 -54.76
N LEU G 125 24.27 -24.17 -54.81
CA LEU G 125 23.59 -22.91 -54.98
C LEU G 125 22.77 -22.59 -53.74
N THR G 126 23.02 -21.42 -53.18
CA THR G 126 22.27 -20.99 -52.05
C THR G 126 21.71 -19.61 -52.34
N ALA G 127 20.47 -19.39 -51.95
CA ALA G 127 19.84 -18.09 -52.11
C ALA G 127 18.97 -17.79 -50.92
N PHE G 129 16.07 -14.94 -49.18
CA PHE G 129 15.11 -13.88 -49.40
C PHE G 129 14.66 -13.33 -48.06
N SER G 130 14.04 -12.18 -48.10
CA SER G 130 13.48 -11.59 -46.89
C SER G 130 12.03 -12.06 -46.79
N GLY G 131 11.78 -12.95 -45.84
CA GLY G 131 10.47 -13.60 -45.74
C GLY G 131 10.23 -14.51 -46.94
N ASN G 132 8.97 -14.76 -47.24
CA ASN G 132 8.62 -15.67 -48.31
C ASN G 132 8.49 -14.99 -49.68
N GLN G 133 9.59 -14.42 -50.13
CA GLN G 133 9.60 -13.68 -51.41
C GLN G 133 10.31 -14.44 -52.50
N GLY G 134 10.62 -15.69 -52.23
CA GLY G 134 11.06 -16.58 -53.29
C GLY G 134 10.08 -16.53 -54.46
N GLY G 135 10.62 -16.49 -55.66
CA GLY G 135 9.81 -16.44 -56.87
C GLY G 135 9.68 -17.79 -57.58
N GLU G 136 9.21 -17.73 -58.80
CA GLU G 136 9.13 -18.93 -59.62
C GLU G 136 9.60 -18.66 -61.06
N GLY G 137 9.79 -19.75 -61.78
CA GLY G 137 10.45 -19.72 -63.10
C GLY G 137 11.93 -20.08 -62.99
N ASP G 138 12.72 -19.52 -63.87
CA ASP G 138 14.15 -19.77 -63.85
C ASP G 138 14.82 -19.22 -62.59
N ALA G 140 18.46 -20.12 -61.95
CA ALA G 140 19.82 -19.83 -62.39
C ALA G 140 20.18 -20.60 -63.63
N THR G 141 20.96 -19.95 -64.47
CA THR G 141 21.48 -20.57 -65.71
C THR G 141 22.99 -20.59 -65.68
N PHE G 142 23.55 -21.78 -65.90
CA PHE G 142 25.00 -22.03 -65.88
C PHE G 142 25.42 -22.41 -67.30
N ARG G 143 26.72 -22.60 -67.46
CA ARG G 143 27.29 -23.14 -68.68
C ARG G 143 28.34 -24.16 -68.38
N PHE G 144 28.29 -25.25 -69.14
CA PHE G 144 29.27 -26.34 -69.03
C PHE G 144 29.96 -26.62 -70.37
N LYS G 145 31.27 -26.84 -70.30
CA LYS G 145 32.03 -27.24 -71.47
C LYS G 145 31.69 -28.68 -71.82
N VAL G 146 31.05 -28.87 -72.96
CA VAL G 146 30.87 -30.20 -73.54
C VAL G 146 32.18 -30.58 -74.22
N PRO G 147 32.72 -31.75 -73.90
CA PRO G 147 34.03 -32.08 -74.45
C PRO G 147 34.04 -32.05 -75.97
N ASP G 148 35.15 -31.59 -76.52
CA ASP G 148 35.31 -31.42 -77.96
C ASP G 148 35.01 -32.72 -78.69
N ASN G 149 35.46 -33.83 -78.10
CA ASN G 149 35.32 -35.16 -78.73
C ASN G 149 34.01 -35.90 -78.38
N ALA G 150 33.04 -35.21 -77.80
CA ALA G 150 31.82 -35.87 -77.37
C ALA G 150 31.13 -36.57 -78.53
N GLU G 151 30.66 -37.78 -78.27
CA GLU G 151 30.03 -38.60 -79.29
C GLU G 151 28.59 -38.17 -79.48
N PRO G 152 28.15 -38.09 -80.73
CA PRO G 152 26.75 -37.77 -81.00
C PRO G 152 25.79 -38.70 -80.28
N GLY G 153 24.68 -38.14 -79.84
CA GLY G 153 23.71 -38.88 -79.05
C GLY G 153 24.01 -38.98 -77.55
N ALA G 154 25.24 -38.71 -77.14
CA ALA G 154 25.63 -38.88 -75.74
C ALA G 154 24.74 -38.05 -74.86
N VAL G 155 24.34 -38.66 -73.75
CA VAL G 155 23.47 -38.02 -72.80
C VAL G 155 24.21 -37.79 -71.49
N TYR G 156 24.28 -36.54 -71.07
CA TYR G 156 24.88 -36.18 -69.77
C TYR G 156 23.75 -35.90 -68.78
N ASN G 157 23.62 -36.75 -67.77
CA ASN G 157 22.56 -36.58 -66.78
C ASN G 157 22.93 -35.54 -65.76
N LEU G 158 21.94 -34.74 -65.43
CA LEU G 158 22.09 -33.70 -64.46
C LEU G 158 21.13 -34.00 -63.35
N GLY G 159 21.63 -33.93 -62.12
CA GLY G 159 20.81 -34.22 -60.96
C GLY G 159 21.25 -33.51 -59.70
N TYR G 160 20.92 -34.13 -58.58
CA TYR G 160 21.20 -33.54 -57.28
C TYR G 160 21.86 -34.54 -56.35
N TYR G 161 22.54 -33.96 -55.37
CA TYR G 161 23.06 -34.70 -54.23
C TYR G 161 22.41 -34.14 -52.96
N TYR G 162 21.93 -35.04 -52.12
CA TYR G 162 21.24 -34.64 -50.90
C TYR G 162 22.14 -34.64 -49.71
N ASN G 164 22.09 -33.55 -45.59
CA ASN G 164 21.19 -33.31 -44.46
C ASN G 164 20.79 -31.85 -44.22
N THR G 165 21.73 -30.95 -44.42
CA THR G 165 21.53 -29.53 -44.22
C THR G 165 21.04 -28.72 -45.43
N ASP G 166 20.83 -29.36 -46.57
CA ASP G 166 20.34 -28.65 -47.73
C ASP G 166 18.93 -28.21 -47.50
N LEU G 167 18.53 -27.17 -48.22
CA LEU G 167 17.28 -26.50 -47.97
C LEU G 167 16.52 -26.15 -49.23
N PHE G 168 15.22 -26.33 -49.15
CA PHE G 168 14.27 -25.56 -49.93
C PHE G 168 13.06 -25.32 -49.06
N ILE G 169 13.00 -24.15 -48.44
CA ILE G 169 12.07 -23.90 -47.36
C ILE G 169 11.44 -22.56 -47.35
N ASN G 170 10.28 -22.53 -46.69
CA ASN G 170 9.63 -21.30 -46.30
C ASN G 170 10.20 -20.77 -44.96
N GLU G 171 9.83 -19.53 -44.67
CA GLU G 171 10.34 -18.82 -43.50
C GLU G 171 10.01 -19.57 -42.23
N GLN G 172 8.86 -20.21 -42.24
CA GLN G 172 8.36 -20.93 -41.07
C GLN G 172 8.99 -22.31 -40.92
N ASN G 173 9.86 -22.68 -41.83
CA ASN G 173 10.59 -23.96 -41.78
C ASN G 173 9.70 -25.21 -41.63
N ILE G 174 8.68 -25.29 -42.46
CA ILE G 174 7.70 -26.38 -42.39
C ILE G 174 8.34 -27.65 -42.98
N PRO G 175 8.46 -28.73 -42.18
CA PRO G 175 9.18 -29.91 -42.68
C PRO G 175 8.54 -30.61 -43.89
N THR G 176 7.22 -30.64 -43.94
CA THR G 176 6.53 -31.24 -45.10
C THR G 176 6.79 -30.48 -46.41
N TYR G 177 6.99 -29.17 -46.31
CA TYR G 177 7.25 -28.33 -47.47
C TYR G 177 8.60 -28.68 -48.10
N GLN G 178 9.60 -28.79 -47.23
CA GLN G 178 10.94 -29.21 -47.63
C GLN G 178 10.92 -30.62 -48.23
N LYS G 179 10.21 -31.53 -47.59
CA LYS G 179 10.12 -32.91 -48.08
C LYS G 179 9.52 -32.97 -49.48
N TYR G 180 8.45 -32.22 -49.69
CA TYR G 180 7.83 -32.23 -51.02
C TYR G 180 8.85 -31.81 -52.08
N ALA G 181 9.52 -30.69 -51.82
CA ALA G 181 10.40 -30.06 -52.80
C ALA G 181 11.52 -31.02 -53.19
N PHE G 182 12.13 -31.62 -52.18
CA PHE G 182 13.24 -32.53 -52.42
C PHE G 182 12.82 -33.88 -52.99
N THR G 183 11.65 -34.38 -52.64
CA THR G 183 11.21 -35.66 -53.13
C THR G 183 10.60 -35.57 -54.52
N HIS G 184 10.28 -34.36 -54.98
CA HIS G 184 9.67 -34.18 -56.33
C HIS G 184 10.57 -33.47 -57.31
N GLU G 186 13.20 -32.77 -60.19
CA GLU G 186 13.50 -33.45 -61.46
C GLU G 186 14.88 -33.07 -61.92
N GLY G 187 15.56 -34.07 -62.47
CA GLY G 187 16.87 -33.85 -63.04
C GLY G 187 16.76 -33.24 -64.43
N GLY G 188 17.88 -33.23 -65.11
CA GLY G 188 17.91 -32.75 -66.47
C GLY G 188 18.92 -33.49 -67.28
N THR G 189 19.13 -32.99 -68.49
CA THR G 189 20.08 -33.62 -69.40
C THR G 189 20.67 -32.61 -70.34
N ILE G 190 21.88 -32.92 -70.75
CA ILE G 190 22.44 -32.34 -71.97
C ILE G 190 22.67 -33.51 -72.92
N THR G 191 22.05 -33.42 -74.11
CA THR G 191 22.17 -34.44 -75.12
C THR G 191 23.00 -33.90 -76.29
N VAL G 192 23.99 -34.66 -76.71
CA VAL G 192 24.85 -34.22 -77.80
C VAL G 192 24.16 -34.48 -79.12
N GLU G 193 24.12 -33.48 -79.98
CA GLU G 193 23.34 -33.58 -81.21
C GLU G 193 23.91 -34.68 -82.12
N LEU G 194 23.04 -35.18 -82.99
CA LEU G 194 23.43 -36.24 -83.91
C LEU G 194 24.15 -35.67 -85.15
N GLU G 195 24.86 -36.53 -85.87
CA GLU G 195 25.51 -36.16 -87.16
C GLU G 195 24.49 -35.64 -88.17
N HIS G 196 24.78 -34.59 -88.91
CA HIS G 196 23.89 -34.17 -90.01
C HIS G 196 24.34 -34.84 -91.30
N VAL H 6 41.37 -41.59 -41.29
CA VAL H 6 41.19 -40.17 -41.71
C VAL H 6 41.88 -39.26 -40.71
N THR H 7 42.58 -38.26 -41.25
CA THR H 7 43.40 -37.35 -40.43
C THR H 7 42.49 -36.49 -39.57
N ALA H 8 42.87 -36.36 -38.31
CA ALA H 8 42.18 -35.54 -37.33
C ALA H 8 43.20 -34.81 -36.48
N ASP H 9 42.98 -33.53 -36.26
CA ASP H 9 43.68 -32.76 -35.25
C ASP H 9 42.66 -32.43 -34.16
N LEU H 10 42.75 -33.19 -33.08
CA LEU H 10 41.82 -33.08 -31.94
C LEU H 10 42.17 -31.90 -31.06
N ASN H 11 43.36 -31.34 -31.25
CA ASN H 11 43.79 -30.14 -30.53
C ASN H 11 43.54 -28.83 -31.27
N ASN H 12 43.42 -28.90 -32.59
CA ASN H 12 43.23 -27.70 -33.41
C ASN H 12 41.79 -27.26 -33.38
N ALA H 13 41.46 -25.99 -33.63
CA ALA H 13 40.05 -25.58 -33.62
C ALA H 13 39.25 -26.31 -34.72
N VAL H 14 39.89 -26.52 -35.86
CA VAL H 14 39.30 -27.20 -36.99
C VAL H 14 39.83 -28.61 -37.00
N ILE H 15 38.92 -29.57 -36.89
CA ILE H 15 39.33 -30.97 -36.79
C ILE H 15 40.04 -31.47 -38.06
N ASN H 16 39.60 -31.00 -39.21
CA ASN H 16 40.21 -31.38 -40.49
C ASN H 16 41.05 -30.26 -41.06
N VAL H 17 41.84 -29.67 -40.18
CA VAL H 17 42.66 -28.51 -40.52
C VAL H 17 43.56 -28.71 -41.74
N ASP H 18 44.11 -29.92 -41.90
CA ASP H 18 45.02 -30.20 -43.01
C ASP H 18 44.28 -30.08 -44.33
N GLU H 19 43.08 -30.66 -44.35
CA GLU H 19 42.20 -30.61 -45.50
C GLU H 19 41.91 -29.14 -45.84
N ASN H 21 43.65 -26.43 -44.93
CA ASN H 21 44.88 -25.76 -45.42
C ASN H 21 45.19 -26.12 -46.88
N GLU H 22 44.90 -27.37 -47.24
CA GLU H 22 45.02 -27.83 -48.62
C GLU H 22 44.09 -27.02 -49.53
N ALA H 23 42.84 -26.89 -49.12
CA ALA H 23 41.87 -26.13 -49.87
C ALA H 23 42.30 -24.68 -50.12
N PHE H 24 43.00 -24.09 -49.16
CA PHE H 24 43.41 -22.68 -49.23
C PHE H 24 44.81 -22.48 -49.73
N LYS H 25 45.43 -23.55 -50.22
CA LYS H 25 46.89 -23.51 -50.49
C LYS H 25 47.29 -22.48 -51.54
N ASP H 26 46.37 -22.19 -52.47
CA ASP H 26 46.65 -21.25 -53.59
C ASP H 26 46.15 -19.83 -53.33
N VAL H 27 45.71 -19.58 -52.10
CA VAL H 27 45.23 -18.26 -51.72
C VAL H 27 46.26 -17.64 -50.79
N PRO H 28 46.77 -16.45 -51.13
CA PRO H 28 47.72 -15.82 -50.25
C PRO H 28 47.05 -15.32 -49.00
N ASP H 29 47.85 -14.97 -48.02
CA ASP H 29 47.34 -14.47 -46.75
C ASP H 29 46.84 -13.07 -46.99
N LEU H 30 45.76 -12.71 -46.30
CA LEU H 30 45.27 -11.34 -46.24
C LEU H 30 46.38 -10.51 -45.60
N GLU H 31 46.40 -9.24 -45.92
CA GLU H 31 47.35 -8.33 -45.36
C GLU H 31 46.61 -7.07 -44.94
N GLY H 32 46.14 -7.00 -43.68
CA GLY H 32 46.45 -7.99 -42.65
C GLY H 32 45.33 -8.73 -41.97
N GLU H 33 44.41 -7.97 -41.38
CA GLU H 33 43.41 -8.51 -40.43
C GLU H 33 42.09 -7.94 -40.83
N GLY H 34 41.00 -8.68 -40.90
CA GLY H 34 40.81 -10.06 -40.48
C GLY H 34 39.68 -10.19 -39.45
N ALA H 35 38.67 -10.99 -39.72
CA ALA H 35 37.64 -11.33 -38.72
C ALA H 35 38.09 -12.44 -37.74
N HIS H 36 37.71 -12.31 -36.47
CA HIS H 36 38.11 -13.26 -35.40
C HIS H 36 36.92 -13.99 -34.83
N ILE H 37 36.71 -15.20 -35.31
CA ILE H 37 35.60 -16.03 -34.88
C ILE H 37 36.02 -16.89 -33.69
N THR H 38 35.17 -16.96 -32.69
CA THR H 38 35.47 -17.74 -31.49
C THR H 38 34.24 -18.39 -30.85
N LEU H 39 34.48 -19.51 -30.19
CA LEU H 39 33.48 -20.14 -29.34
C LEU H 39 33.85 -19.84 -27.87
N SER H 40 32.89 -20.04 -26.97
CA SER H 40 33.05 -19.69 -25.56
C SER H 40 33.72 -20.79 -24.73
N ASN H 41 34.23 -20.40 -23.58
CA ASN H 41 34.84 -21.31 -22.62
C ASN H 41 34.14 -21.15 -21.29
N THR H 42 33.32 -22.13 -20.97
CA THR H 42 32.44 -22.03 -19.82
C THR H 42 32.55 -23.27 -18.93
N THR H 43 31.96 -23.15 -17.75
CA THR H 43 31.89 -24.20 -16.76
C THR H 43 30.45 -24.60 -16.60
N ALA H 44 30.20 -25.88 -16.31
CA ALA H 44 28.83 -26.36 -16.10
C ALA H 44 28.77 -27.51 -15.09
N LYS H 45 27.59 -27.71 -14.55
CA LYS H 45 27.32 -28.86 -13.68
C LYS H 45 26.95 -30.08 -14.50
N PRO H 46 27.24 -31.28 -13.99
CA PRO H 46 26.66 -32.49 -14.59
C PRO H 46 25.15 -32.35 -14.71
N GLY H 47 24.63 -32.71 -15.86
CA GLY H 47 23.18 -32.62 -16.10
C GLY H 47 22.67 -31.25 -16.50
N GLU H 48 23.54 -30.25 -16.53
CA GLU H 48 23.13 -28.88 -16.88
C GLU H 48 22.95 -28.65 -18.39
N ALA H 50 23.95 -26.42 -20.72
CA ALA H 50 25.07 -25.48 -20.78
C ALA H 50 25.01 -24.57 -21.99
N GLU H 51 25.11 -23.27 -21.75
CA GLU H 51 25.12 -22.28 -22.85
C GLU H 51 26.46 -22.18 -23.53
N VAL H 52 26.43 -22.24 -24.86
CA VAL H 52 27.61 -22.06 -25.68
C VAL H 52 27.34 -20.93 -26.68
N THR H 53 28.34 -20.05 -26.81
CA THR H 53 28.20 -18.88 -27.65
C THR H 53 29.33 -18.78 -28.67
N SER H 55 30.93 -16.17 -31.27
CA SER H 55 30.99 -14.72 -31.48
C SER H 55 32.09 -14.37 -32.45
N VAL H 56 32.08 -13.12 -32.92
CA VAL H 56 33.06 -12.65 -33.87
C VAL H 56 33.45 -11.24 -33.51
N SER H 57 34.75 -10.95 -33.62
CA SER H 57 35.23 -9.57 -33.41
C SER H 57 35.96 -9.09 -34.65
N ASN H 58 36.09 -7.78 -34.72
CA ASN H 58 36.73 -7.08 -35.84
C ASN H 58 36.08 -7.41 -37.18
N ALA H 59 34.77 -7.28 -37.22
CA ALA H 59 33.99 -7.66 -38.38
C ALA H 59 32.84 -6.73 -38.72
N ASP H 60 32.63 -5.70 -37.90
CA ASP H 60 31.43 -4.90 -38.03
C ASP H 60 31.37 -4.30 -39.43
N GLN H 62 31.71 -5.66 -42.20
CA GLN H 62 32.76 -6.20 -43.10
C GLN H 62 32.37 -7.47 -43.84
N TRP H 63 31.24 -8.04 -43.48
CA TRP H 63 30.84 -9.33 -44.04
C TRP H 63 29.35 -9.40 -44.36
N ASN H 64 29.03 -10.42 -45.12
CA ASN H 64 27.77 -10.51 -45.83
C ASN H 64 26.99 -11.81 -45.55
N CYS H 66 27.54 -16.14 -43.75
CA CYS H 66 28.34 -17.23 -43.26
C CYS H 66 27.58 -18.52 -43.33
N GLY H 67 28.34 -19.60 -43.39
CA GLY H 67 27.83 -20.96 -43.32
C GLY H 67 28.92 -21.73 -42.60
N ILE H 68 28.68 -22.04 -41.32
CA ILE H 68 29.72 -22.62 -40.46
C ILE H 68 29.28 -23.89 -39.75
N HIS H 69 30.17 -24.87 -39.74
CA HIS H 69 29.91 -26.15 -39.07
C HIS H 69 30.60 -26.20 -37.69
N ILE H 70 29.78 -26.20 -36.64
CA ILE H 70 30.27 -26.32 -35.26
C ILE H 70 30.21 -27.78 -34.82
N ILE H 71 31.29 -28.24 -34.21
CA ILE H 71 31.38 -29.61 -33.73
C ILE H 71 31.71 -29.72 -32.25
N TYR H 72 31.40 -30.87 -31.71
CA TYR H 72 31.42 -31.10 -30.29
C TYR H 72 31.31 -32.61 -30.07
N PRO H 73 31.72 -33.11 -28.90
CA PRO H 73 31.49 -34.51 -28.61
C PRO H 73 30.01 -34.90 -28.71
N ASP H 74 29.73 -36.03 -29.34
CA ASP H 74 28.34 -36.40 -29.63
C ASP H 74 27.55 -36.84 -28.40
N ILE H 75 28.23 -37.04 -27.28
CA ILE H 75 27.50 -37.26 -26.02
C ILE H 75 26.77 -36.00 -25.56
N LEU H 76 27.19 -34.84 -26.04
CA LEU H 76 26.44 -33.61 -25.82
C LEU H 76 25.31 -33.53 -26.81
N LYS H 77 24.14 -33.15 -26.33
CA LYS H 77 22.94 -33.07 -27.15
C LYS H 77 22.37 -31.65 -27.18
N PRO H 78 22.37 -31.03 -28.36
CA PRO H 78 21.93 -29.64 -28.40
C PRO H 78 20.44 -29.51 -28.19
N GLU H 79 20.04 -28.40 -27.56
CA GLU H 79 18.63 -28.07 -27.40
C GLU H 79 17.99 -27.83 -28.77
N LYS H 81 14.72 -27.00 -31.50
CA LYS H 81 13.53 -26.21 -31.76
C LYS H 81 12.44 -27.13 -32.31
N ASP H 82 12.64 -27.65 -33.52
CA ASP H 82 11.79 -28.68 -34.10
C ASP H 82 12.62 -29.92 -34.45
N PRO H 83 12.61 -30.94 -33.56
CA PRO H 83 13.40 -32.16 -33.79
C PRO H 83 13.12 -32.76 -35.15
N GLU H 84 11.86 -32.72 -35.56
CA GLU H 84 11.45 -33.30 -36.82
C GLU H 84 12.17 -32.62 -37.98
N GLU H 85 12.39 -31.32 -37.85
CA GLU H 85 13.09 -30.55 -38.90
C GLU H 85 14.58 -30.42 -38.60
N ARG H 86 15.02 -30.98 -37.49
CA ARG H 86 16.41 -30.84 -37.03
C ARG H 86 16.85 -29.40 -36.82
N THR H 87 15.90 -28.54 -36.50
CA THR H 87 16.26 -27.15 -36.19
C THR H 87 16.73 -27.07 -34.75
N VAL H 88 17.85 -26.37 -34.60
CA VAL H 88 18.52 -26.21 -33.31
C VAL H 88 18.12 -24.89 -32.71
N ALA H 89 17.71 -24.91 -31.44
CA ALA H 89 17.31 -23.68 -30.76
C ALA H 89 18.53 -22.80 -30.55
N PHE H 90 18.37 -21.50 -30.76
CA PHE H 90 19.46 -20.57 -30.53
C PHE H 90 18.94 -19.18 -30.22
N GLN H 91 19.78 -18.42 -29.56
CA GLN H 91 19.47 -17.03 -29.28
C GLN H 91 20.41 -16.19 -30.11
N LYS H 92 19.85 -15.34 -30.95
CA LYS H 92 20.67 -14.58 -31.84
C LYS H 92 21.28 -13.40 -31.08
N GLY H 93 22.55 -13.15 -31.32
CA GLY H 93 23.24 -12.02 -30.75
C GLY H 93 23.29 -10.80 -31.64
N ASP H 94 23.92 -9.75 -31.16
CA ASP H 94 23.99 -8.47 -31.86
C ASP H 94 24.66 -8.59 -33.21
N ALA H 95 25.60 -9.52 -33.34
CA ALA H 95 26.33 -9.70 -34.60
C ALA H 95 25.43 -10.08 -35.75
N LEU H 96 24.31 -10.71 -35.42
CA LEU H 96 23.33 -11.13 -36.41
C LEU H 96 22.08 -10.28 -36.38
N GLU H 97 22.12 -9.17 -35.67
CA GLU H 97 20.95 -8.32 -35.55
C GLU H 97 20.30 -8.00 -36.90
N ALA H 98 21.13 -7.67 -37.88
CA ALA H 98 20.65 -7.17 -39.18
C ALA H 98 20.42 -8.28 -40.20
N ALA H 99 20.57 -9.53 -39.81
CA ALA H 99 20.48 -10.63 -40.76
C ALA H 99 19.09 -10.67 -41.40
N THR H 100 19.05 -10.87 -42.71
CA THR H 100 17.79 -11.03 -43.40
C THR H 100 17.25 -12.43 -43.12
N GLY H 101 18.15 -13.39 -42.89
CA GLY H 101 17.75 -14.75 -42.54
C GLY H 101 18.84 -15.47 -41.79
N ILE H 102 18.44 -16.36 -40.91
CA ILE H 102 19.35 -17.21 -40.18
C ILE H 102 18.75 -18.59 -40.06
N VAL H 103 19.56 -19.61 -40.25
CA VAL H 103 19.07 -20.97 -40.04
C VAL H 103 20.17 -21.74 -39.36
N CYS H 104 19.76 -22.67 -38.51
CA CYS H 104 20.66 -23.50 -37.73
C CYS H 104 20.12 -24.90 -37.60
N GLU H 106 20.97 -29.33 -37.18
CA GLU H 106 21.80 -30.39 -36.68
C GLU H 106 22.03 -31.37 -37.83
N TRP H 107 23.29 -31.66 -38.08
CA TRP H 107 23.66 -32.67 -39.05
C TRP H 107 23.59 -34.05 -38.37
N GLN H 108 22.60 -34.85 -38.76
CA GLN H 108 22.31 -36.14 -38.09
C GLN H 108 22.76 -37.35 -38.85
N GLU H 109 22.57 -37.28 -40.15
CA GLU H 109 22.74 -38.42 -41.01
C GLU H 109 23.80 -38.13 -42.06
N GLY H 110 24.58 -39.14 -42.42
CA GLY H 110 25.58 -39.01 -43.47
C GLY H 110 26.74 -38.13 -43.08
N LEU H 111 27.10 -38.18 -41.81
CA LEU H 111 28.28 -37.47 -41.32
C LEU H 111 29.54 -38.10 -41.88
N PRO H 112 30.57 -37.28 -42.11
CA PRO H 112 31.82 -37.79 -42.65
C PRO H 112 32.65 -38.56 -41.61
N PRO H 113 33.50 -39.47 -42.08
CA PRO H 113 34.23 -40.37 -41.20
C PRO H 113 35.02 -39.64 -40.12
N VAL H 114 35.65 -38.55 -40.49
CA VAL H 114 36.44 -37.81 -39.53
C VAL H 114 35.61 -37.42 -38.30
N LEU H 115 34.33 -37.18 -38.50
CA LEU H 115 33.45 -36.85 -37.38
C LEU H 115 32.92 -38.10 -36.69
N THR H 116 32.42 -39.05 -37.46
CA THR H 116 31.83 -40.27 -36.87
C THR H 116 32.86 -41.03 -36.05
N GLU H 117 34.04 -41.16 -36.63
CA GLU H 117 35.10 -41.96 -36.03
C GLU H 117 35.65 -41.31 -34.79
N ASN H 118 35.54 -40.00 -34.70
CA ASN H 118 35.96 -39.27 -33.49
C ASN H 118 34.79 -38.93 -32.55
N LYS H 119 33.65 -39.55 -32.81
CA LYS H 119 32.43 -39.35 -32.01
C LYS H 119 32.05 -37.89 -31.82
N LYS H 120 32.00 -37.18 -32.94
CA LYS H 120 31.63 -35.77 -32.93
C LYS H 120 30.26 -35.57 -33.47
N GLY H 121 29.53 -34.67 -32.83
CA GLY H 121 28.26 -34.19 -33.38
C GLY H 121 28.53 -32.88 -34.10
N CYS H 122 27.54 -32.42 -34.86
CA CYS H 122 27.72 -31.23 -35.70
C CYS H 122 26.44 -30.48 -35.94
N LEU H 123 26.55 -29.16 -35.85
CA LEU H 123 25.48 -28.31 -36.32
C LEU H 123 26.02 -27.26 -37.29
N PHE H 124 25.12 -26.74 -38.11
CA PHE H 124 25.46 -25.86 -39.22
C PHE H 124 24.67 -24.57 -39.07
N LEU H 125 25.39 -23.46 -39.02
CA LEU H 125 24.76 -22.13 -38.85
C LEU H 125 25.01 -21.31 -40.07
N THR H 126 23.95 -20.85 -40.70
CA THR H 126 24.04 -20.02 -41.88
C THR H 126 23.28 -18.74 -41.63
N ALA H 127 23.87 -17.62 -41.99
CA ALA H 127 23.20 -16.33 -41.88
C ALA H 127 23.49 -15.47 -43.08
N PHE H 129 22.97 -11.52 -44.94
CA PHE H 129 22.70 -10.09 -44.76
C PHE H 129 22.53 -9.43 -46.12
N SER H 130 21.99 -8.24 -46.10
CA SER H 130 21.88 -7.45 -47.32
C SER H 130 23.11 -6.58 -47.47
N GLY H 131 23.99 -6.94 -48.41
CA GLY H 131 25.30 -6.29 -48.49
C GLY H 131 26.16 -6.62 -47.28
N ASN H 132 27.13 -5.74 -46.99
CA ASN H 132 28.06 -5.99 -45.88
C ASN H 132 27.57 -5.44 -44.55
N GLN H 133 26.43 -5.96 -44.10
CA GLN H 133 25.83 -5.52 -42.84
C GLN H 133 26.01 -6.49 -41.71
N GLY H 134 26.84 -7.49 -41.95
CA GLY H 134 27.25 -8.38 -40.86
C GLY H 134 27.77 -7.55 -39.71
N GLY H 135 27.41 -7.94 -38.49
CA GLY H 135 27.84 -7.24 -37.29
C GLY H 135 29.02 -7.90 -36.59
N GLU H 136 29.28 -7.45 -35.39
CA GLU H 136 30.23 -8.13 -34.53
C GLU H 136 29.65 -8.28 -33.13
N GLY H 137 30.24 -9.18 -32.36
CA GLY H 137 29.74 -9.52 -31.06
C GLY H 137 29.33 -10.97 -31.04
N ASP H 138 28.41 -11.30 -30.16
CA ASP H 138 27.82 -12.60 -30.14
C ASP H 138 27.00 -12.82 -31.43
N ALA H 140 25.52 -16.28 -32.01
CA ALA H 140 24.46 -17.17 -31.60
C ALA H 140 24.84 -17.91 -30.35
N THR H 141 23.84 -18.14 -29.50
CA THR H 141 23.99 -18.87 -28.29
C THR H 141 23.12 -20.10 -28.32
N PHE H 142 23.74 -21.25 -28.07
CA PHE H 142 23.07 -22.55 -28.03
C PHE H 142 23.09 -23.10 -26.62
N ARG H 143 22.42 -24.23 -26.45
CA ARG H 143 22.48 -24.98 -25.21
C ARG H 143 22.67 -26.46 -25.48
N PHE H 144 23.54 -27.07 -24.67
CA PHE H 144 23.82 -28.50 -24.77
C PHE H 144 23.55 -29.17 -23.44
N LYS H 145 22.92 -30.34 -23.51
CA LYS H 145 22.75 -31.19 -22.34
C LYS H 145 24.09 -31.80 -21.96
N VAL H 146 24.60 -31.37 -20.82
CA VAL H 146 25.75 -32.06 -20.22
C VAL H 146 25.21 -33.33 -19.57
N PRO H 147 25.79 -34.49 -19.90
CA PRO H 147 25.26 -35.71 -19.32
C PRO H 147 25.16 -35.68 -17.81
N ASP H 148 24.10 -36.28 -17.29
CA ASP H 148 23.84 -36.31 -15.85
C ASP H 148 25.02 -36.91 -15.08
N ASN H 149 25.62 -37.95 -15.66
CA ASN H 149 26.74 -38.65 -15.02
C ASN H 149 28.15 -38.07 -15.33
N ALA H 150 28.21 -36.88 -15.91
CA ALA H 150 29.51 -36.32 -16.29
C ALA H 150 30.46 -36.21 -15.09
N GLU H 151 31.71 -36.59 -15.31
CA GLU H 151 32.72 -36.60 -14.25
C GLU H 151 33.25 -35.16 -14.04
N PRO H 152 33.42 -34.75 -12.78
CA PRO H 152 33.99 -33.43 -12.49
C PRO H 152 35.34 -33.24 -13.15
N GLY H 153 35.60 -32.03 -13.62
CA GLY H 153 36.84 -31.72 -14.35
C GLY H 153 36.85 -32.09 -15.82
N ALA H 154 35.88 -32.90 -16.26
CA ALA H 154 35.78 -33.24 -17.68
C ALA H 154 35.71 -32.00 -18.56
N VAL H 155 36.47 -32.05 -19.65
CA VAL H 155 36.52 -30.96 -20.62
C VAL H 155 35.93 -31.41 -21.95
N TYR H 156 34.90 -30.69 -22.40
CA TYR H 156 34.33 -30.96 -23.73
C TYR H 156 34.84 -29.90 -24.71
N ASN H 157 35.63 -30.33 -25.68
CA ASN H 157 36.15 -29.40 -26.69
C ASN H 157 35.12 -29.07 -27.76
N LEU H 158 35.06 -27.79 -28.09
CA LEU H 158 34.16 -27.28 -29.12
C LEU H 158 34.99 -26.70 -30.25
N GLY H 159 34.66 -27.08 -31.47
CA GLY H 159 35.41 -26.60 -32.63
C GLY H 159 34.59 -26.52 -33.89
N TYR H 160 35.29 -26.65 -35.02
CA TYR H 160 34.69 -26.56 -36.31
C TYR H 160 35.10 -27.72 -37.21
N TYR H 161 34.25 -27.96 -38.19
CA TYR H 161 34.54 -28.84 -39.31
C TYR H 161 34.50 -28.00 -40.59
N TYR H 162 35.52 -28.15 -41.42
CA TYR H 162 35.61 -27.37 -42.66
C TYR H 162 35.08 -28.14 -43.85
N ASN H 164 34.24 -27.56 -48.02
CA ASN H 164 34.63 -26.71 -49.14
C ASN H 164 33.69 -25.55 -49.42
N THR H 165 32.41 -25.78 -49.23
CA THR H 165 31.39 -24.78 -49.50
C THR H 165 31.03 -23.86 -48.29
N ASP H 166 31.66 -24.06 -47.15
CA ASP H 166 31.39 -23.19 -45.99
C ASP H 166 31.87 -21.79 -46.25
N LEU H 167 31.27 -20.84 -45.56
CA LEU H 167 31.46 -19.42 -45.85
C LEU H 167 31.63 -18.57 -44.62
N PHE H 168 32.56 -17.64 -44.72
CA PHE H 168 32.50 -16.40 -43.97
C PHE H 168 33.06 -15.34 -44.89
N ILE H 169 32.18 -14.61 -45.52
CA ILE H 169 32.56 -13.73 -46.63
C ILE H 169 31.86 -12.40 -46.68
N ASN H 170 32.53 -11.49 -47.35
CA ASN H 170 31.95 -10.23 -47.75
C ASN H 170 31.22 -10.36 -49.10
N GLU H 171 30.45 -9.34 -49.42
CA GLU H 171 29.62 -9.32 -50.60
C GLU H 171 30.43 -9.53 -51.87
N GLN H 172 31.62 -8.97 -51.85
CA GLN H 172 32.53 -9.03 -52.99
C GLN H 172 33.25 -10.35 -53.10
N ASN H 173 32.97 -11.28 -52.18
CA ASN H 173 33.56 -12.64 -52.21
C ASN H 173 35.10 -12.66 -52.34
N ILE H 174 35.76 -11.89 -51.49
CA ILE H 174 37.23 -11.79 -51.54
C ILE H 174 37.86 -13.03 -50.91
N PRO H 175 38.67 -13.78 -51.66
CA PRO H 175 39.15 -15.06 -51.13
C PRO H 175 40.06 -14.95 -49.90
N THR H 176 40.89 -13.92 -49.86
CA THR H 176 41.76 -13.70 -48.70
C THR H 176 40.96 -13.43 -47.42
N TYR H 177 39.81 -12.82 -47.57
CA TYR H 177 38.97 -12.48 -46.42
C TYR H 177 38.46 -13.77 -45.78
N GLN H 178 37.98 -14.66 -46.63
CA GLN H 178 37.47 -15.96 -46.21
C GLN H 178 38.58 -16.76 -45.57
N LYS H 179 39.74 -16.75 -46.20
CA LYS H 179 40.89 -17.48 -45.66
C LYS H 179 41.24 -17.00 -44.25
N TYR H 180 41.28 -15.69 -44.05
CA TYR H 180 41.67 -15.16 -42.75
C TYR H 180 40.73 -15.68 -41.67
N ALA H 181 39.46 -15.56 -41.96
CA ALA H 181 38.42 -15.91 -40.98
C ALA H 181 38.55 -17.36 -40.55
N PHE H 182 38.66 -18.23 -41.53
CA PHE H 182 38.67 -19.66 -41.28
C PHE H 182 39.98 -20.11 -40.68
N THR H 183 41.07 -19.44 -41.03
CA THR H 183 42.36 -19.86 -40.51
C THR H 183 42.65 -19.29 -39.13
N HIS H 184 41.87 -18.31 -38.70
CA HIS H 184 42.09 -17.67 -37.38
C HIS H 184 40.97 -17.96 -36.37
N GLU H 186 38.85 -19.65 -33.46
CA GLU H 186 39.18 -20.30 -32.19
C GLU H 186 38.03 -21.18 -31.72
N GLY H 187 38.42 -22.31 -31.15
CA GLY H 187 37.45 -23.22 -30.56
C GLY H 187 37.01 -22.75 -29.17
N GLY H 188 36.35 -23.65 -28.46
CA GLY H 188 35.89 -23.36 -27.12
C GLY H 188 35.87 -24.61 -26.28
N THR H 189 35.29 -24.48 -25.09
CA THR H 189 35.18 -25.58 -24.16
C THR H 189 34.01 -25.44 -23.24
N ILE H 190 33.52 -26.59 -22.83
CA ILE H 190 32.68 -26.68 -21.64
C ILE H 190 33.45 -27.55 -20.66
N THR H 191 33.70 -27.01 -19.48
CA THR H 191 34.37 -27.75 -18.42
C THR H 191 33.38 -28.08 -17.31
N VAL H 192 33.37 -29.34 -16.89
CA VAL H 192 32.48 -29.76 -15.80
C VAL H 192 33.06 -29.36 -14.46
N GLU H 193 32.27 -28.69 -13.63
CA GLU H 193 32.79 -28.14 -12.39
C GLU H 193 33.28 -29.25 -11.46
N LEU H 194 34.18 -28.88 -10.57
CA LEU H 194 34.73 -29.83 -9.60
C LEU H 194 33.79 -30.00 -8.43
N GLU H 195 33.97 -31.08 -7.68
CA GLU H 195 33.17 -31.34 -6.48
C GLU H 195 33.53 -30.43 -5.30
N HIS H 196 32.55 -29.67 -4.81
CA HIS H 196 32.70 -28.82 -3.61
C HIS H 196 31.37 -28.56 -2.92
#